data_4C63
# 
_entry.id   4C63 
# 
_audit_conform.dict_name       mmcif_pdbx.dic 
_audit_conform.dict_version    5.383 
_audit_conform.dict_location   http://mmcif.pdb.org/dictionaries/ascii/mmcif_pdbx.dic 
# 
loop_
_database_2.database_id 
_database_2.database_code 
_database_2.pdbx_database_accession 
_database_2.pdbx_DOI 
PDB   4C63         pdb_00004c63 10.2210/pdb4c63/pdb 
PDBE  EBI-58374    ?            ?                   
WWPDB D_1290058374 ?            ?                   
# 
loop_
_pdbx_database_related.db_name 
_pdbx_database_related.db_id 
_pdbx_database_related.content_type 
_pdbx_database_related.details 
PDB 4C5X unspecified 'ULTRA HIGH RESOLUTION DICKERSON-DREW DODECAMER B-DNA WITH 5-HYDROXYMETHYL-CYTOSINE MODIFICATION' 
PDB 4C64 unspecified 'ULTRA HIGH RESOLUTION DICKERSON-DREW DODECAMER B-DNA'                                            
# 
_pdbx_database_status.status_code                     REL 
_pdbx_database_status.entry_id                        4C63 
_pdbx_database_status.deposit_site                    PDBE 
_pdbx_database_status.process_site                    PDBE 
_pdbx_database_status.SG_entry                        . 
_pdbx_database_status.recvd_initial_deposition_date   2013-09-17 
_pdbx_database_status.pdb_format_compatible           Y 
_pdbx_database_status.status_code_sf                  REL 
_pdbx_database_status.status_code_mr                  ? 
_pdbx_database_status.status_code_cs                  ? 
_pdbx_database_status.methods_development_category    ? 
_pdbx_database_status.status_code_nmr_data            ? 
# 
loop_
_audit_author.name 
_audit_author.pdbx_ordinal 
'Mcdonough, M.'    1 
'El-Sagheer, A.H.' 2 
'Brown, T.'        3 
'Schofield, C.J.'  4 
# 
_citation.id                        primary 
_citation.title                     'Structural insights into how 5-hydroxymethylation influences transcription factor binding.' 
_citation.journal_abbrev            'Chem. Commun. (Camb.)' 
_citation.journal_volume            50 
_citation.page_first                1794 
_citation.page_last                 1796 
_citation.year                      2014 
_citation.journal_id_ASTM           ? 
_citation.country                   UK 
_citation.journal_id_ISSN           1364-548X 
_citation.journal_id_CSD            ? 
_citation.book_publisher            ? 
_citation.pdbx_database_id_PubMed   24287551 
_citation.pdbx_database_id_DOI      10.1039/c3cc48151d 
# 
loop_
_citation_author.citation_id 
_citation_author.name 
_citation_author.ordinal 
_citation_author.identifier_ORCID 
primary 'Lercher, L.'      1 ? 
primary 'McDonough, M.A.'  2 ? 
primary 'El-Sagheer, A.H.' 3 ? 
primary 'Thalhammer, A.'   4 ? 
primary 'Kriaucionis, S.'  5 ? 
primary 'Brown, T.'        6 ? 
primary 'Schofield, C.J.'  7 ? 
# 
_cell.entry_id           4C63 
_cell.length_a           24.456 
_cell.length_b           40.060 
_cell.length_c           65.414 
_cell.angle_alpha        90.00 
_cell.angle_beta         90.00 
_cell.angle_gamma        90.00 
_cell.Z_PDB              8 
_cell.pdbx_unique_axis   ? 
# 
_symmetry.entry_id                         4C63 
_symmetry.space_group_name_H-M             'P 21 21 21' 
_symmetry.pdbx_full_space_group_name_H-M   ? 
_symmetry.cell_setting                     ? 
_symmetry.Int_Tables_number                19 
# 
loop_
_entity.id 
_entity.type 
_entity.src_method 
_entity.pdbx_description 
_entity.formula_weight 
_entity.pdbx_number_of_molecules 
_entity.pdbx_ec 
_entity.pdbx_mutation 
_entity.pdbx_fragment 
_entity.details 
1 polymer     syn "5'-D(*CP*GP*CP*GP*AP*AP*TP*TP*5CMP*GP*CP*GP)-3'" 3677.419 2  ? ? ? 
'5-METHYL CYTOSINE AT POSITION C9 STRAND A AND C21 STRAND B, DICKERSON-DREW SEQUENCE DODECAMER' 
2 non-polymer syn 'MAGNESIUM ION'                                   24.305   1  ? ? ? ? 
3 water       nat water                                             18.015   94 ? ? ? ? 
# 
_entity_poly.entity_id                      1 
_entity_poly.type                           polydeoxyribonucleotide 
_entity_poly.nstd_linkage                   no 
_entity_poly.nstd_monomer                   yes 
_entity_poly.pdbx_seq_one_letter_code       '(DC)(DG)(DC)(DG)(DA)(DA)(DT)(DT)(5CM)(DG)(DC)(DG)' 
_entity_poly.pdbx_seq_one_letter_code_can   CGCGAATTCGCG 
_entity_poly.pdbx_strand_id                 A,B 
_entity_poly.pdbx_target_identifier         ? 
# 
loop_
_entity_poly_seq.entity_id 
_entity_poly_seq.num 
_entity_poly_seq.mon_id 
_entity_poly_seq.hetero 
1 1  DC  n 
1 2  DG  n 
1 3  DC  n 
1 4  DG  n 
1 5  DA  n 
1 6  DA  n 
1 7  DT  n 
1 8  DT  n 
1 9  5CM n 
1 10 DG  n 
1 11 DC  n 
1 12 DG  n 
# 
_pdbx_entity_src_syn.entity_id              1 
_pdbx_entity_src_syn.pdbx_src_id            1 
_pdbx_entity_src_syn.pdbx_alt_source_flag   sample 
_pdbx_entity_src_syn.pdbx_beg_seq_num       ? 
_pdbx_entity_src_syn.pdbx_end_seq_num       ? 
_pdbx_entity_src_syn.organism_scientific    'SYNTHETIC CONSTRUCT' 
_pdbx_entity_src_syn.organism_common_name   ? 
_pdbx_entity_src_syn.ncbi_taxonomy_id       32630 
_pdbx_entity_src_syn.details                ? 
# 
_struct_ref.id                         1 
_struct_ref.db_name                    PDB 
_struct_ref.db_code                    4C63 
_struct_ref.entity_id                  1 
_struct_ref.pdbx_seq_one_letter_code   ? 
_struct_ref.pdbx_align_begin           ? 
_struct_ref.pdbx_db_accession          4C63 
_struct_ref.pdbx_db_isoform            ? 
# 
loop_
_struct_ref_seq.align_id 
_struct_ref_seq.ref_id 
_struct_ref_seq.pdbx_PDB_id_code 
_struct_ref_seq.pdbx_strand_id 
_struct_ref_seq.seq_align_beg 
_struct_ref_seq.pdbx_seq_align_beg_ins_code 
_struct_ref_seq.seq_align_end 
_struct_ref_seq.pdbx_seq_align_end_ins_code 
_struct_ref_seq.pdbx_db_accession 
_struct_ref_seq.db_align_beg 
_struct_ref_seq.pdbx_db_align_beg_ins_code 
_struct_ref_seq.db_align_end 
_struct_ref_seq.pdbx_db_align_end_ins_code 
_struct_ref_seq.pdbx_auth_seq_align_beg 
_struct_ref_seq.pdbx_auth_seq_align_end 
1 1 4C63 A 1 ? 12 ? 4C63 1  ? 12 ? 1  12 
2 1 4C63 B 1 ? 12 ? 4C63 13 ? 24 ? 13 24 
# 
loop_
_chem_comp.id 
_chem_comp.type 
_chem_comp.mon_nstd_flag 
_chem_comp.name 
_chem_comp.pdbx_synonyms 
_chem_comp.formula 
_chem_comp.formula_weight 
5CM 'DNA linking' n "5-METHYL-2'-DEOXY-CYTIDINE-5'-MONOPHOSPHATE" ? 'C10 H16 N3 O7 P' 321.224 
DA  'DNA linking' y "2'-DEOXYADENOSINE-5'-MONOPHOSPHATE"          ? 'C10 H14 N5 O6 P' 331.222 
DC  'DNA linking' y "2'-DEOXYCYTIDINE-5'-MONOPHOSPHATE"           ? 'C9 H14 N3 O7 P'  307.197 
DG  'DNA linking' y "2'-DEOXYGUANOSINE-5'-MONOPHOSPHATE"          ? 'C10 H14 N5 O7 P' 347.221 
DT  'DNA linking' y "THYMIDINE-5'-MONOPHOSPHATE"                  ? 'C10 H15 N2 O8 P' 322.208 
HOH non-polymer   . WATER                                         ? 'H2 O'            18.015  
MG  non-polymer   . 'MAGNESIUM ION'                               ? 'Mg 2'            24.305  
# 
_exptl.entry_id          4C63 
_exptl.method            'X-RAY DIFFRACTION' 
_exptl.crystals_number   1 
# 
_exptl_crystal.id                    1 
_exptl_crystal.density_meas          ? 
_exptl_crystal.density_Matthews      2.02 
_exptl_crystal.density_percent_sol   39 
_exptl_crystal.description           NONE 
# 
_exptl_crystal_grow.crystal_id      1 
_exptl_crystal_grow.method          ? 
_exptl_crystal_grow.temp            ? 
_exptl_crystal_grow.temp_details    ? 
_exptl_crystal_grow.pH              7.5 
_exptl_crystal_grow.pdbx_pH_range   ? 
_exptl_crystal_grow.pdbx_details    '40% MPD, SPERMINE, MAGNESIUM CHLORIDE, SODIUM CACODYLATE PH 7.5' 
# 
_diffrn.id                     1 
_diffrn.ambient_temp           100 
_diffrn.ambient_temp_details   ? 
_diffrn.crystal_id             1 
# 
_diffrn_detector.diffrn_id              1 
_diffrn_detector.detector               PIXEL 
_diffrn_detector.type                   'DECTRIS PILATUS 2M' 
_diffrn_detector.pdbx_collection_date   2011-08-06 
_diffrn_detector.details                MIRRORS 
# 
_diffrn_radiation.diffrn_id                        1 
_diffrn_radiation.wavelength_id                    1 
_diffrn_radiation.pdbx_monochromatic_or_laue_m_l   M 
_diffrn_radiation.monochromator                    'SI (111) DOUBLE CRYSTAL' 
_diffrn_radiation.pdbx_diffrn_protocol             'SINGLE WAVELENGTH' 
_diffrn_radiation.pdbx_scattering_type             x-ray 
# 
_diffrn_radiation_wavelength.id           1 
_diffrn_radiation_wavelength.wavelength   0.917300 
_diffrn_radiation_wavelength.wt           1.0 
# 
_diffrn_source.diffrn_id                   1 
_diffrn_source.source                      SYNCHROTRON 
_diffrn_source.type                        'DIAMOND BEAMLINE I04-1' 
_diffrn_source.pdbx_synchrotron_site       Diamond 
_diffrn_source.pdbx_synchrotron_beamline   I04-1 
_diffrn_source.pdbx_wavelength             0.917300 
_diffrn_source.pdbx_wavelength_list        ? 
# 
_reflns.pdbx_diffrn_id               1 
_reflns.pdbx_ordinal                 1 
_reflns.entry_id                     4C63 
_reflns.observed_criterion_sigma_I   0.0 
_reflns.observed_criterion_sigma_F   ? 
_reflns.d_resolution_low             25.34 
_reflns.d_resolution_high            1.30 
_reflns.number_obs                   16355 
_reflns.number_all                   ? 
_reflns.percent_possible_obs         98.4 
_reflns.pdbx_Rmerge_I_obs            0.06 
_reflns.pdbx_Rsym_value              ? 
_reflns.pdbx_netI_over_sigmaI        18.00 
_reflns.B_iso_Wilson_estimate        19.15 
_reflns.pdbx_redundancy              12.4 
# 
_reflns_shell.pdbx_diffrn_id         1 
_reflns_shell.pdbx_ordinal           1 
_reflns_shell.d_res_high             1.30 
_reflns_shell.d_res_low              1.37 
_reflns_shell.percent_possible_all   93.9 
_reflns_shell.Rmerge_I_obs           1.23 
_reflns_shell.pdbx_Rsym_value        ? 
_reflns_shell.meanI_over_sigI_obs    2.30 
_reflns_shell.pdbx_redundancy        12.4 
# 
_refine.pdbx_refine_id                           'X-RAY DIFFRACTION' 
_refine.entry_id                                 4C63 
_refine.pdbx_diffrn_id                           1 
_refine.pdbx_TLS_residual_ADP_flag               ? 
_refine.ls_number_reflns_obs                     15039 
_refine.ls_number_reflns_all                     ? 
_refine.pdbx_ls_sigma_I                          ? 
_refine.pdbx_ls_sigma_F                          0.00 
_refine.pdbx_data_cutoff_high_absF               ? 
_refine.pdbx_data_cutoff_low_absF                ? 
_refine.pdbx_data_cutoff_high_rms_absF           ? 
_refine.ls_d_res_low                             25.335 
_refine.ls_d_res_high                            1.320 
_refine.ls_percent_reflns_obs                    95.57 
_refine.ls_R_factor_obs                          0.1534 
_refine.ls_R_factor_all                          ? 
_refine.ls_R_factor_R_work                       0.1497 
_refine.ls_R_factor_R_free                       0.1848 
_refine.ls_R_factor_R_free_error                 ? 
_refine.ls_R_factor_R_free_error_details         ? 
_refine.ls_percent_reflns_R_free                 10.0 
_refine.ls_number_reflns_R_free                  1503 
_refine.ls_number_parameters                     ? 
_refine.ls_number_restraints                     ? 
_refine.occupancy_min                            ? 
_refine.occupancy_max                            ? 
_refine.correlation_coeff_Fo_to_Fc               ? 
_refine.correlation_coeff_Fo_to_Fc_free          ? 
_refine.B_iso_mean                               24.89 
_refine.aniso_B[1][1]                            2.8962 
_refine.aniso_B[2][2]                            -1.8127 
_refine.aniso_B[3][3]                            -1.0835 
_refine.aniso_B[1][2]                            0.0000 
_refine.aniso_B[1][3]                            0.0000 
_refine.aniso_B[2][3]                            0.0000 
_refine.solvent_model_details                    'FLAT BULK SOLVENT MODEL' 
_refine.solvent_model_param_ksol                 0.506 
_refine.solvent_model_param_bsol                 57.410 
_refine.pdbx_solvent_vdw_probe_radii             0.50 
_refine.pdbx_solvent_ion_probe_radii             ? 
_refine.pdbx_solvent_shrinkage_radii             0.29 
_refine.pdbx_ls_cross_valid_method               ? 
_refine.details                                  ? 
_refine.pdbx_starting_model                      'PDB ENTRY 1BNA' 
_refine.pdbx_method_to_determine_struct          'MOLECULAR REPLACEMENT' 
_refine.pdbx_isotropic_thermal_model             ? 
_refine.pdbx_stereochemistry_target_values       ML 
_refine.pdbx_stereochem_target_val_spec_case     ? 
_refine.pdbx_R_Free_selection_details            ? 
_refine.pdbx_overall_ESU_R                       ? 
_refine.pdbx_overall_ESU_R_Free                  ? 
_refine.overall_SU_ML                            0.14 
_refine.pdbx_overall_phase_error                 18.37 
_refine.overall_SU_B                             ? 
_refine.overall_SU_R_Cruickshank_DPI             ? 
_refine.pdbx_overall_SU_R_free_Cruickshank_DPI   ? 
_refine.pdbx_overall_SU_R_Blow_DPI               ? 
_refine.pdbx_overall_SU_R_free_Blow_DPI          ? 
# 
_refine_hist.pdbx_refine_id                   'X-RAY DIFFRACTION' 
_refine_hist.cycle_id                         LAST 
_refine_hist.pdbx_number_atoms_protein        0 
_refine_hist.pdbx_number_atoms_nucleic_acid   488 
_refine_hist.pdbx_number_atoms_ligand         1 
_refine_hist.number_atoms_solvent             94 
_refine_hist.number_atoms_total               583 
_refine_hist.d_res_high                       1.320 
_refine_hist.d_res_low                        25.335 
# 
loop_
_refine_ls_restr.type 
_refine_ls_restr.dev_ideal 
_refine_ls_restr.dev_ideal_target 
_refine_ls_restr.weight 
_refine_ls_restr.number 
_refine_ls_restr.pdbx_refine_id 
_refine_ls_restr.pdbx_restraint_function 
f_bond_d           0.021  ? ? 552 'X-RAY DIFFRACTION' ? 
f_angle_d          2.364  ? ? 855 'X-RAY DIFFRACTION' ? 
f_dihedral_angle_d 31.124 ? ? 224 'X-RAY DIFFRACTION' ? 
f_chiral_restr     0.113  ? ? 92  'X-RAY DIFFRACTION' ? 
f_plane_restr      0.033  ? ? 24  'X-RAY DIFFRACTION' ? 
# 
loop_
_refine_ls_shell.pdbx_refine_id 
_refine_ls_shell.pdbx_total_number_of_bins_used 
_refine_ls_shell.d_res_high 
_refine_ls_shell.d_res_low 
_refine_ls_shell.number_reflns_R_work 
_refine_ls_shell.R_factor_R_work 
_refine_ls_shell.percent_reflns_obs 
_refine_ls_shell.R_factor_R_free 
_refine_ls_shell.R_factor_R_free_error 
_refine_ls_shell.percent_reflns_R_free 
_refine_ls_shell.number_reflns_R_free 
_refine_ls_shell.number_reflns_all 
_refine_ls_shell.R_factor_all 
'X-RAY DIFFRACTION' . 1.3201 1.3627  1086 0.2250 85.00 0.2821 . . 117 . . 
'X-RAY DIFFRACTION' . 1.3627 1.4114  1129 0.1919 90.00 0.2955 . . 127 . . 
'X-RAY DIFFRACTION' . 1.4114 1.4679  1186 0.1629 93.00 0.2200 . . 130 . . 
'X-RAY DIFFRACTION' . 1.4679 1.5347  1165 0.1396 93.00 0.1949 . . 134 . . 
'X-RAY DIFFRACTION' . 1.5347 1.6156  1234 0.1130 97.00 0.2065 . . 138 . . 
'X-RAY DIFFRACTION' . 1.6156 1.7168  1249 0.1001 98.00 0.1565 . . 135 . . 
'X-RAY DIFFRACTION' . 1.7168 1.8493  1266 0.1096 99.00 0.1680 . . 141 . . 
'X-RAY DIFFRACTION' . 1.8493 2.0353  1283 0.1419 99.00 0.1721 . . 144 . . 
'X-RAY DIFFRACTION' . 2.0353 2.3296  1277 0.1500 99.00 0.2021 . . 140 . . 
'X-RAY DIFFRACTION' . 2.3296 2.9344  1301 0.1731 99.00 0.2427 . . 146 . . 
'X-RAY DIFFRACTION' . 2.9344 25.3400 1360 0.1527 97.00 0.1554 . . 151 . . 
# 
_struct.entry_id                  4C63 
_struct.title                     'ULTRA HIGH RESOLUTION DICKERSON-DREW DODECAMER B-DNA WITH 5- METHYLCYSTOSINE MODIFICATION' 
_struct.pdbx_model_details        ? 
_struct.pdbx_CASP_flag            ? 
_struct.pdbx_model_type_details   ? 
# 
_struct_keywords.entry_id        4C63 
_struct_keywords.pdbx_keywords   DNA 
_struct_keywords.text            'DNA, CYTOSINE MODIFICATION' 
# 
loop_
_struct_asym.id 
_struct_asym.pdbx_blank_PDB_chainid_flag 
_struct_asym.pdbx_modified 
_struct_asym.entity_id 
_struct_asym.details 
A N N 1 ? 
B N N 1 ? 
C N N 2 ? 
D N N 3 ? 
E N N 3 ? 
# 
_struct_biol.id   1 
# 
loop_
_struct_conn.id 
_struct_conn.conn_type_id 
_struct_conn.pdbx_leaving_atom_flag 
_struct_conn.pdbx_PDB_id 
_struct_conn.ptnr1_label_asym_id 
_struct_conn.ptnr1_label_comp_id 
_struct_conn.ptnr1_label_seq_id 
_struct_conn.ptnr1_label_atom_id 
_struct_conn.pdbx_ptnr1_label_alt_id 
_struct_conn.pdbx_ptnr1_PDB_ins_code 
_struct_conn.pdbx_ptnr1_standard_comp_id 
_struct_conn.ptnr1_symmetry 
_struct_conn.ptnr2_label_asym_id 
_struct_conn.ptnr2_label_comp_id 
_struct_conn.ptnr2_label_seq_id 
_struct_conn.ptnr2_label_atom_id 
_struct_conn.pdbx_ptnr2_label_alt_id 
_struct_conn.pdbx_ptnr2_PDB_ins_code 
_struct_conn.ptnr1_auth_asym_id 
_struct_conn.ptnr1_auth_comp_id 
_struct_conn.ptnr1_auth_seq_id 
_struct_conn.ptnr2_auth_asym_id 
_struct_conn.ptnr2_auth_comp_id 
_struct_conn.ptnr2_auth_seq_id 
_struct_conn.ptnr2_symmetry 
_struct_conn.pdbx_ptnr3_label_atom_id 
_struct_conn.pdbx_ptnr3_label_seq_id 
_struct_conn.pdbx_ptnr3_label_comp_id 
_struct_conn.pdbx_ptnr3_label_asym_id 
_struct_conn.pdbx_ptnr3_label_alt_id 
_struct_conn.pdbx_ptnr3_PDB_ins_code 
_struct_conn.details 
_struct_conn.pdbx_dist_value 
_struct_conn.pdbx_value_order 
_struct_conn.pdbx_role 
covale1  covale both ? A DT  8  "O3'" ? ? ? 1_555 A 5CM 9  P  ? ? A DT  8   A 5CM 9    1_555 ? ? ? ? ? ? ?            1.637 ? ? 
covale2  covale both ? A 5CM 9  "O3'" ? ? ? 1_555 A DG  10 P  ? ? A 5CM 9   A DG  10   1_555 ? ? ? ? ? ? ?            1.616 ? ? 
covale3  covale both ? B DT  8  "O3'" ? ? ? 1_555 B 5CM 9  P  ? ? B DT  20  B 5CM 21   1_555 ? ? ? ? ? ? ?            1.607 ? ? 
covale4  covale both ? B 5CM 9  "O3'" ? ? ? 1_555 B DG  10 P  ? ? B 5CM 21  B DG  22   1_555 ? ? ? ? ? ? ?            1.623 ? ? 
metalc1  metalc ?    ? C MG  .  MG    ? ? ? 1_555 D HOH .  O  ? ? A MG  100 A HOH 2004 1_555 ? ? ? ? ? ? ?            2.056 ? ? 
metalc2  metalc ?    ? C MG  .  MG    ? ? ? 1_555 D HOH .  O  ? ? A MG  100 A HOH 2013 1_555 ? ? ? ? ? ? ?            2.067 ? ? 
metalc3  metalc ?    ? C MG  .  MG    ? ? ? 1_555 D HOH .  O  ? ? A MG  100 A HOH 2019 1_555 ? ? ? ? ? ? ?            2.042 ? ? 
metalc4  metalc ?    ? C MG  .  MG    ? ? ? 1_555 D HOH .  O  ? ? A MG  100 A HOH 2058 1_555 ? ? ? ? ? ? ?            2.069 ? ? 
metalc5  metalc ?    ? C MG  .  MG    ? ? ? 1_555 D HOH .  O  ? ? A MG  100 A HOH 2059 1_555 ? ? ? ? ? ? ?            2.064 ? ? 
metalc6  metalc ?    ? C MG  .  MG    ? ? ? 1_555 D HOH .  O  ? ? A MG  100 A HOH 2060 1_555 ? ? ? ? ? ? ?            2.071 ? ? 
hydrog1  hydrog ?    ? A DC  1  N3    ? ? ? 1_555 B DG  12 N1 ? ? A DC  1   B DG  24   1_555 ? ? ? ? ? ? WATSON-CRICK ?     ? ? 
hydrog2  hydrog ?    ? A DC  1  N4    ? ? ? 1_555 B DG  12 O6 ? ? A DC  1   B DG  24   1_555 ? ? ? ? ? ? WATSON-CRICK ?     ? ? 
hydrog3  hydrog ?    ? A DC  1  O2    ? ? ? 1_555 B DG  12 N2 ? ? A DC  1   B DG  24   1_555 ? ? ? ? ? ? WATSON-CRICK ?     ? ? 
hydrog4  hydrog ?    ? A DG  2  N1    ? ? ? 1_555 B DC  11 N3 ? ? A DG  2   B DC  23   1_555 ? ? ? ? ? ? WATSON-CRICK ?     ? ? 
hydrog5  hydrog ?    ? A DG  2  N2    ? ? ? 1_555 B DC  11 O2 ? ? A DG  2   B DC  23   1_555 ? ? ? ? ? ? WATSON-CRICK ?     ? ? 
hydrog6  hydrog ?    ? A DG  2  O6    ? ? ? 1_555 B DC  11 N4 ? ? A DG  2   B DC  23   1_555 ? ? ? ? ? ? WATSON-CRICK ?     ? ? 
hydrog7  hydrog ?    ? A DC  3  N3    ? ? ? 1_555 B DG  10 N1 ? ? A DC  3   B DG  22   1_555 ? ? ? ? ? ? WATSON-CRICK ?     ? ? 
hydrog8  hydrog ?    ? A DC  3  N4    ? ? ? 1_555 B DG  10 O6 ? ? A DC  3   B DG  22   1_555 ? ? ? ? ? ? WATSON-CRICK ?     ? ? 
hydrog9  hydrog ?    ? A DC  3  O2    ? ? ? 1_555 B DG  10 N2 ? ? A DC  3   B DG  22   1_555 ? ? ? ? ? ? WATSON-CRICK ?     ? ? 
hydrog10 hydrog ?    ? A DG  4  N1    ? ? ? 1_555 B 5CM 9  N3 ? ? A DG  4   B 5CM 21   1_555 ? ? ? ? ? ? WATSON-CRICK ?     ? ? 
hydrog11 hydrog ?    ? A DG  4  N2    ? ? ? 1_555 B 5CM 9  O2 ? ? A DG  4   B 5CM 21   1_555 ? ? ? ? ? ? WATSON-CRICK ?     ? ? 
hydrog12 hydrog ?    ? A DG  4  O6    ? ? ? 1_555 B 5CM 9  N4 ? ? A DG  4   B 5CM 21   1_555 ? ? ? ? ? ? WATSON-CRICK ?     ? ? 
hydrog13 hydrog ?    ? A DA  5  N1    ? ? ? 1_555 B DT  8  N3 ? ? A DA  5   B DT  20   1_555 ? ? ? ? ? ? WATSON-CRICK ?     ? ? 
hydrog14 hydrog ?    ? A DA  5  N6    ? ? ? 1_555 B DT  8  O4 ? ? A DA  5   B DT  20   1_555 ? ? ? ? ? ? WATSON-CRICK ?     ? ? 
hydrog15 hydrog ?    ? A DA  6  N1    ? ? ? 1_555 B DT  7  N3 ? ? A DA  6   B DT  19   1_555 ? ? ? ? ? ? WATSON-CRICK ?     ? ? 
hydrog16 hydrog ?    ? A DA  6  N6    ? ? ? 1_555 B DT  7  O4 ? ? A DA  6   B DT  19   1_555 ? ? ? ? ? ? WATSON-CRICK ?     ? ? 
hydrog17 hydrog ?    ? A DT  7  N3    ? ? ? 1_555 B DA  6  N1 ? ? A DT  7   B DA  18   1_555 ? ? ? ? ? ? WATSON-CRICK ?     ? ? 
hydrog18 hydrog ?    ? A DT  7  O4    ? ? ? 1_555 B DA  6  N6 ? ? A DT  7   B DA  18   1_555 ? ? ? ? ? ? WATSON-CRICK ?     ? ? 
hydrog19 hydrog ?    ? A DT  8  N3    ? ? ? 1_555 B DA  5  N1 ? ? A DT  8   B DA  17   1_555 ? ? ? ? ? ? WATSON-CRICK ?     ? ? 
hydrog20 hydrog ?    ? A DT  8  O4    ? ? ? 1_555 B DA  5  N6 ? ? A DT  8   B DA  17   1_555 ? ? ? ? ? ? WATSON-CRICK ?     ? ? 
hydrog21 hydrog ?    ? A 5CM 9  N3    ? ? ? 1_555 B DG  4  N1 ? ? A 5CM 9   B DG  16   1_555 ? ? ? ? ? ? WATSON-CRICK ?     ? ? 
hydrog22 hydrog ?    ? A 5CM 9  N4    ? ? ? 1_555 B DG  4  O6 ? ? A 5CM 9   B DG  16   1_555 ? ? ? ? ? ? WATSON-CRICK ?     ? ? 
hydrog23 hydrog ?    ? A 5CM 9  O2    ? ? ? 1_555 B DG  4  N2 ? ? A 5CM 9   B DG  16   1_555 ? ? ? ? ? ? WATSON-CRICK ?     ? ? 
hydrog24 hydrog ?    ? A DG  10 N1    ? ? ? 1_555 B DC  3  N3 ? ? A DG  10  B DC  15   1_555 ? ? ? ? ? ? WATSON-CRICK ?     ? ? 
hydrog25 hydrog ?    ? A DG  10 N2    ? ? ? 1_555 B DC  3  O2 ? ? A DG  10  B DC  15   1_555 ? ? ? ? ? ? WATSON-CRICK ?     ? ? 
hydrog26 hydrog ?    ? A DG  10 O6    ? ? ? 1_555 B DC  3  N4 ? ? A DG  10  B DC  15   1_555 ? ? ? ? ? ? WATSON-CRICK ?     ? ? 
hydrog27 hydrog ?    ? A DC  11 N3    ? ? ? 1_555 B DG  2  N1 ? ? A DC  11  B DG  14   1_555 ? ? ? ? ? ? WATSON-CRICK ?     ? ? 
hydrog28 hydrog ?    ? A DC  11 N4    ? ? ? 1_555 B DG  2  O6 ? ? A DC  11  B DG  14   1_555 ? ? ? ? ? ? WATSON-CRICK ?     ? ? 
hydrog29 hydrog ?    ? A DC  11 O2    ? ? ? 1_555 B DG  2  N2 ? ? A DC  11  B DG  14   1_555 ? ? ? ? ? ? WATSON-CRICK ?     ? ? 
hydrog30 hydrog ?    ? A DG  12 N1    ? ? ? 1_555 B DC  1  N3 ? ? A DG  12  B DC  13   1_555 ? ? ? ? ? ? WATSON-CRICK ?     ? ? 
hydrog31 hydrog ?    ? A DG  12 N2    ? ? ? 1_555 B DC  1  O2 ? ? A DG  12  B DC  13   1_555 ? ? ? ? ? ? WATSON-CRICK ?     ? ? 
hydrog32 hydrog ?    ? A DG  12 O6    ? ? ? 1_555 B DC  1  N4 ? ? A DG  12  B DC  13   1_555 ? ? ? ? ? ? WATSON-CRICK ?     ? ? 
# 
loop_
_struct_conn_type.id 
_struct_conn_type.criteria 
_struct_conn_type.reference 
covale ? ? 
metalc ? ? 
hydrog ? ? 
# 
_struct_site.id                   AC1 
_struct_site.pdbx_evidence_code   Software 
_struct_site.pdbx_auth_asym_id    A 
_struct_site.pdbx_auth_comp_id    MG 
_struct_site.pdbx_auth_seq_id     100 
_struct_site.pdbx_auth_ins_code   ? 
_struct_site.pdbx_num_residues    6 
_struct_site.details              'BINDING SITE FOR RESIDUE MG A 100' 
# 
loop_
_struct_site_gen.id 
_struct_site_gen.site_id 
_struct_site_gen.pdbx_num_res 
_struct_site_gen.label_comp_id 
_struct_site_gen.label_asym_id 
_struct_site_gen.label_seq_id 
_struct_site_gen.pdbx_auth_ins_code 
_struct_site_gen.auth_comp_id 
_struct_site_gen.auth_asym_id 
_struct_site_gen.auth_seq_id 
_struct_site_gen.label_atom_id 
_struct_site_gen.label_alt_id 
_struct_site_gen.symmetry 
_struct_site_gen.details 
1 AC1 6 HOH D . ? HOH A 2004 . ? 1_555 ? 
2 AC1 6 HOH D . ? HOH A 2013 . ? 1_555 ? 
3 AC1 6 HOH D . ? HOH A 2019 . ? 1_555 ? 
4 AC1 6 HOH D . ? HOH A 2058 . ? 1_555 ? 
5 AC1 6 HOH D . ? HOH A 2059 . ? 1_555 ? 
6 AC1 6 HOH D . ? HOH A 2060 . ? 1_555 ? 
# 
_atom_sites.entry_id                    4C63 
_atom_sites.fract_transf_matrix[1][1]   -0.02294218 
_atom_sites.fract_transf_matrix[1][2]   0.02978275 
_atom_sites.fract_transf_matrix[1][3]   0.01608217 
_atom_sites.fract_transf_matrix[2][1]   0.01878456 
_atom_sites.fract_transf_matrix[2][2]   0.01614522 
_atom_sites.fract_transf_matrix[2][3]   -0.00310220 
_atom_sites.fract_transf_matrix[3][1]   -0.00527234 
_atom_sites.fract_transf_matrix[3][2]   0.00345844 
_atom_sites.fract_transf_matrix[3][3]   -0.01392602 
_atom_sites.fract_transf_vector[1]      0.079668 
_atom_sites.fract_transf_vector[2]      0.024734 
_atom_sites.fract_transf_vector[3]      0.136287 
# 
loop_
_atom_type.symbol 
C  
MG 
N  
O  
P  
# 
loop_
_atom_site.group_PDB 
_atom_site.id 
_atom_site.type_symbol 
_atom_site.label_atom_id 
_atom_site.label_alt_id 
_atom_site.label_comp_id 
_atom_site.label_asym_id 
_atom_site.label_entity_id 
_atom_site.label_seq_id 
_atom_site.pdbx_PDB_ins_code 
_atom_site.Cartn_x 
_atom_site.Cartn_y 
_atom_site.Cartn_z 
_atom_site.occupancy 
_atom_site.B_iso_or_equiv 
_atom_site.pdbx_formal_charge 
_atom_site.auth_seq_id 
_atom_site.auth_comp_id 
_atom_site.auth_asym_id 
_atom_site.auth_atom_id 
_atom_site.pdbx_PDB_model_num 
ATOM   1   O  "O5'" . DC  A 1 1  ? 1.783   16.327  -12.832 1.00 32.27 ? 1    DC  A "O5'" 1 
ATOM   2   C  "C5'" . DC  A 1 1  ? 1.355   15.108  -13.379 1.00 26.41 ? 1    DC  A "C5'" 1 
ATOM   3   C  "C4'" . DC  A 1 1  ? -0.098  14.887  -13.042 1.00 26.02 ? 1    DC  A "C4'" 1 
ATOM   4   O  "O4'" . DC  A 1 1  ? -0.642  13.753  -13.707 1.00 26.00 ? 1    DC  A "O4'" 1 
ATOM   5   C  "C3'" . DC  A 1 1  ? -0.212  14.604  -11.574 1.00 24.01 ? 1    DC  A "C3'" 1 
ATOM   6   O  "O3'" . DC  A 1 1  ? -1.381  15.327  -11.163 1.00 26.30 ? 1    DC  A "O3'" 1 
ATOM   7   C  "C2'" . DC  A 1 1  ? -0.299  13.075  -11.496 1.00 24.41 ? 1    DC  A "C2'" 1 
ATOM   8   C  "C1'" . DC  A 1 1  ? -1.128  12.822  -12.762 1.00 22.71 ? 1    DC  A "C1'" 1 
ATOM   9   N  N1    . DC  A 1 1  ? -1.005  11.531  -13.428 1.00 21.47 ? 1    DC  A N1    1 
ATOM   10  C  C2    . DC  A 1 1  ? -2.167  10.881  -13.885 1.00 20.24 ? 1    DC  A C2    1 
ATOM   11  O  O2    . DC  A 1 1  ? -3.233  11.456  -13.678 1.00 23.58 ? 1    DC  A O2    1 
ATOM   12  N  N3    . DC  A 1 1  ? -2.069  9.706   -14.488 1.00 21.08 ? 1    DC  A N3    1 
ATOM   13  C  C4    . DC  A 1 1  ? -0.900  9.162   -14.687 1.00 19.96 ? 1    DC  A C4    1 
ATOM   14  N  N4    . DC  A 1 1  ? -0.815  7.984   -15.270 1.00 22.20 ? 1    DC  A N4    1 
ATOM   15  C  C5    . DC  A 1 1  ? 0.305   9.774   -14.194 1.00 22.17 ? 1    DC  A C5    1 
ATOM   16  C  C6    . DC  A 1 1  ? 0.206   10.964  -13.611 1.00 20.70 ? 1    DC  A C6    1 
ATOM   17  P  P     . DG  A 1 2  ? -1.778  15.503  -9.615  1.00 29.41 ? 2    DG  A P     1 
ATOM   18  O  OP1   . DG  A 1 2  ? -2.423  16.837  -9.477  1.00 32.35 ? 2    DG  A OP1   1 
ATOM   19  O  OP2   . DG  A 1 2  ? -0.623  15.178  -8.758  1.00 30.54 ? 2    DG  A OP2   1 
ATOM   20  O  "O5'" . DG  A 1 2  ? -2.855  14.334  -9.381  1.00 27.28 ? 2    DG  A "O5'" 1 
ATOM   21  C  "C5'" . DG  A 1 2  ? -4.118  14.515  -9.868  1.00 26.07 ? 2    DG  A "C5'" 1 
ATOM   22  C  "C4'" . DG  A 1 2  ? -5.022  13.470  -9.297  1.00 22.83 ? 2    DG  A "C4'" 1 
ATOM   23  O  "O4'" . DG  A 1 2  ? -4.850  12.223  -9.981  1.00 21.33 ? 2    DG  A "O4'" 1 
ATOM   24  C  "C3'" . DG  A 1 2  ? -4.888  13.221  -7.805  1.00 20.94 ? 2    DG  A "C3'" 1 
ATOM   25  O  "O3'" . DG  A 1 2  ? -6.172  13.107  -7.259  1.00 21.71 ? 2    DG  A "O3'" 1 
ATOM   26  C  "C2'" . DG  A 1 2  ? -4.095  11.926  -7.771  1.00 20.99 ? 2    DG  A "C2'" 1 
ATOM   27  C  "C1'" . DG  A 1 2  ? -4.593  11.227  -9.025  1.00 19.45 ? 2    DG  A "C1'" 1 
ATOM   28  N  N9    . DG  A 1 2  ? -3.684  10.326  -9.668  1.00 16.99 ? 2    DG  A N9    1 
ATOM   29  C  C8    . DG  A 1 2  ? -2.316  10.404  -9.748  1.00 18.51 ? 2    DG  A C8    1 
ATOM   30  N  N7    . DG  A 1 2  ? -1.769  9.499   -10.490 1.00 16.84 ? 2    DG  A N7    1 
ATOM   31  C  C5    . DG  A 1 2  ? -2.859  8.726   -10.944 1.00 15.28 ? 2    DG  A C5    1 
ATOM   32  C  C6    . DG  A 1 2  ? -2.851  7.579   -11.765 1.00 16.21 ? 2    DG  A C6    1 
ATOM   33  O  O6    . DG  A 1 2  ? -1.926  6.958   -12.307 1.00 17.08 ? 2    DG  A O6    1 
ATOM   34  N  N1    . DG  A 1 2  ? -4.165  7.123   -12.011 1.00 15.15 ? 2    DG  A N1    1 
ATOM   35  C  C2    . DG  A 1 2  ? -5.285  7.742   -11.486 1.00 16.09 ? 2    DG  A C2    1 
ATOM   36  N  N2    . DG  A 1 2  ? -6.493  7.211   -11.775 1.00 15.83 ? 2    DG  A N2    1 
ATOM   37  N  N3    . DG  A 1 2  ? -5.273  8.823   -10.717 1.00 16.18 ? 2    DG  A N3    1 
ATOM   38  C  C4    . DG  A 1 2  ? -4.013  9.254   -10.481 1.00 15.94 ? 2    DG  A C4    1 
ATOM   39  P  P     . DC  A 1 3  ? -6.415  12.979  -5.675  1.00 23.76 ? 3    DC  A P     1 
ATOM   40  O  OP1   . DC  A 1 3  ? -7.393  14.012  -5.322  1.00 25.55 ? 3    DC  A OP1   1 
ATOM   41  O  OP2   . DC  A 1 3  ? -5.133  12.936  -4.951  1.00 27.78 ? 3    DC  A OP2   1 
ATOM   42  O  "O5'" . DC  A 1 3  ? -7.047  11.521  -5.499  1.00 21.54 ? 3    DC  A "O5'" 1 
ATOM   43  C  "C5'" . DC  A 1 3  ? -8.250  11.217  -6.189  1.00 20.55 ? 3    DC  A "C5'" 1 
ATOM   44  C  "C4'" . DC  A 1 3  ? -8.344  9.769   -6.528  1.00 20.49 ? 3    DC  A "C4'" 1 
ATOM   45  O  "O4'" . DC  A 1 3  ? -7.286  9.377   -7.346  1.00 20.67 ? 3    DC  A "O4'" 1 
ATOM   46  C  "C3'" . DC  A 1 3  ? -8.177  8.859   -5.303  1.00 21.24 ? 3    DC  A "C3'" 1 
ATOM   47  O  "O3'" . DC  A 1 3  ? -9.472  8.685   -4.683  1.00 24.58 ? 3    DC  A "O3'" 1 
ATOM   48  C  "C2'" . DC  A 1 3  ? -7.710  7.572   -5.918  1.00 23.06 ? 3    DC  A "C2'" 1 
ATOM   49  C  "C1'" . DC  A 1 3  ? -7.103  7.948   -7.215  1.00 20.18 ? 3    DC  A "C1'" 1 
ATOM   50  N  N1    . DC  A 1 3  ? -5.639  7.716   -7.345  1.00 18.74 ? 3    DC  A N1    1 
ATOM   51  C  C2    . DC  A 1 3  ? -5.200  6.662   -8.081  1.00 16.89 ? 3    DC  A C2    1 
ATOM   52  O  O2    . DC  A 1 3  ? -6.068  5.935   -8.634  1.00 16.84 ? 3    DC  A O2    1 
ATOM   53  N  N3    . DC  A 1 3  ? -3.891  6.507   -8.309  1.00 17.06 ? 3    DC  A N3    1 
ATOM   54  C  C4    . DC  A 1 3  ? -3.020  7.324   -7.693  1.00 18.48 ? 3    DC  A C4    1 
ATOM   55  N  N4    . DC  A 1 3  ? -1.716  7.143   -7.928  1.00 19.02 ? 3    DC  A N4    1 
ATOM   56  C  C5    . DC  A 1 3  ? -3.463  8.397   -6.822  1.00 20.43 ? 3    DC  A C5    1 
ATOM   57  C  C6    . DC  A 1 3  ? -4.785  8.549   -6.652  1.00 19.66 ? 3    DC  A C6    1 
ATOM   58  P  P     . DG  A 1 4  ? -9.658  7.853   -3.338  1.00 27.76 ? 4    DG  A P     1 
ATOM   59  O  OP1   . DG  A 1 4  ? -10.935 8.257   -2.736  1.00 31.11 ? 4    DG  A OP1   1 
ATOM   60  O  OP2   . DG  A 1 4  ? -8.414  7.989   -2.523  1.00 31.09 ? 4    DG  A OP2   1 
ATOM   61  O  "O5'" . DG  A 1 4  ? -9.721  6.316   -3.834  1.00 26.22 ? 4    DG  A "O5'" 1 
ATOM   62  C  "C5'" . DG  A 1 4  ? -10.725 5.866   -4.781  1.00 25.51 ? 4    DG  A "C5'" 1 
ATOM   63  C  "C4'" . DG  A 1 4  ? -10.445 4.430   -5.096  1.00 26.42 ? 4    DG  A "C4'" 1 
ATOM   64  O  "O4'" . DG  A 1 4  ? -9.136  4.254   -5.678  1.00 24.10 ? 4    DG  A "O4'" 1 
ATOM   65  C  "C3'" . DG  A 1 4  ? -10.482 3.552   -3.836  1.00 27.77 ? 4    DG  A "C3'" 1 
ATOM   66  O  "O3'" . DG  A 1 4  ? -11.007 2.303   -4.207  1.00 31.50 ? 4    DG  A "O3'" 1 
ATOM   67  C  "C2'" . DG  A 1 4  ? -9.018  3.468   -3.491  1.00 25.07 ? 4    DG  A "C2'" 1 
ATOM   68  C  "C1'" . DG  A 1 4  ? -8.310  3.480   -4.843  1.00 23.47 ? 4    DG  A "C1'" 1 
ATOM   69  N  N9    . DG  A 1 4  ? -6.942  4.001   -4.852  1.00 22.32 ? 4    DG  A N9    1 
ATOM   70  C  C8    . DG  A 1 4  ? -6.458  5.056   -4.146  1.00 22.77 ? 4    DG  A C8    1 
ATOM   71  N  N7    . DG  A 1 4  ? -5.220  5.286   -4.327  1.00 22.47 ? 4    DG  A N7    1 
ATOM   72  C  C5    . DG  A 1 4  ? -4.855  4.346   -5.322  1.00 21.38 ? 4    DG  A C5    1 
ATOM   73  C  C6    . DG  A 1 4  ? -3.592  4.102   -5.943  1.00 21.30 ? 4    DG  A C6    1 
ATOM   74  O  O6    . DG  A 1 4  ? -2.525  4.697   -5.788  1.00 20.68 ? 4    DG  A O6    1 
ATOM   75  N  N1    . DG  A 1 4  ? -3.644  3.007   -6.810  1.00 18.91 ? 4    DG  A N1    1 
ATOM   76  C  C2    . DG  A 1 4  ? -4.787  2.288   -7.068  1.00 18.08 ? 4    DG  A C2    1 
ATOM   77  N  N2    . DG  A 1 4  ? -4.625  1.269   -7.902  1.00 19.87 ? 4    DG  A N2    1 
ATOM   78  N  N3    . DG  A 1 4  ? -5.944  2.543   -6.497  1.00 19.63 ? 4    DG  A N3    1 
ATOM   79  C  C4    . DG  A 1 4  ? -5.909  3.543   -5.625  1.00 21.46 ? 4    DG  A C4    1 
ATOM   80  P  P     . DA  A 1 5  ? -11.221 1.110   -3.122  1.00 32.95 ? 5    DA  A P     1 
ATOM   81  O  OP1   . DA  A 1 5  ? -12.605 0.650   -3.259  1.00 35.68 ? 5    DA  A OP1   1 
ATOM   82  O  OP2   . DA  A 1 5  ? -10.657 1.525   -1.816  1.00 38.12 ? 5    DA  A OP2   1 
ATOM   83  O  "O5'" . DA  A 1 5  ? -10.258 -0.007  -3.654  1.00 29.86 ? 5    DA  A "O5'" 1 
ATOM   84  C  "C5'" . DA  A 1 5  ? -10.395 -0.397  -5.017  1.00 26.72 ? 5    DA  A "C5'" 1 
ATOM   85  C  "C4'" . DA  A 1 5  ? -9.307  -1.394  -5.372  1.00 26.43 ? 5    DA  A "C4'" 1 
ATOM   86  O  "O4'" . DA  A 1 5  ? -8.042  -0.693  -5.358  1.00 26.50 ? 5    DA  A "O4'" 1 
ATOM   87  C  "C3'" . DA  A 1 5  ? -9.155  -2.670  -4.488  1.00 24.63 ? 5    DA  A "C3'" 1 
ATOM   88  O  "O3'" . DA  A 1 5  ? -8.959  -3.812  -5.374  1.00 26.30 ? 5    DA  A "O3'" 1 
ATOM   89  C  "C2'" . DA  A 1 5  ? -7.945  -2.293  -3.645  1.00 24.42 ? 5    DA  A "C2'" 1 
ATOM   90  C  "C1'" . DA  A 1 5  ? -7.092  -1.423  -4.565  1.00 23.76 ? 5    DA  A "C1'" 1 
ATOM   91  N  N9    . DA  A 1 5  ? -6.270  -0.356  -3.998  1.00 21.64 ? 5    DA  A N9    1 
ATOM   92  C  C8    . DA  A 1 5  ? -6.694  0.561   -3.141  1.00 23.59 ? 5    DA  A C8    1 
ATOM   93  N  N7    . DA  A 1 5  ? -5.769  1.394   -2.788  1.00 23.36 ? 5    DA  A N7    1 
ATOM   94  C  C5    . DA  A 1 5  ? -4.656  1.027   -3.541  1.00 19.76 ? 5    DA  A C5    1 
ATOM   95  C  C6    . DA  A 1 5  ? -3.339  1.510   -3.680  1.00 20.99 ? 5    DA  A C6    1 
ATOM   96  N  N6    . DA  A 1 5  ? -2.880  2.589   -3.016  1.00 22.02 ? 5    DA  A N6    1 
ATOM   97  N  N1    . DA  A 1 5  ? -2.517  0.819   -4.468  1.00 19.76 ? 5    DA  A N1    1 
ATOM   98  C  C2    . DA  A 1 5  ? -2.961  -0.248  -5.131  1.00 19.81 ? 5    DA  A C2    1 
ATOM   99  N  N3    . DA  A 1 5  ? -4.191  -0.762  -5.099  1.00 20.52 ? 5    DA  A N3    1 
ATOM   100 C  C4    . DA  A 1 5  ? -4.955  -0.078  -4.286  1.00 21.52 ? 5    DA  A C4    1 
ATOM   101 P  P     . DA  A 1 6  ? -8.634  -5.284  -4.823  1.00 24.71 ? 6    DA  A P     1 
ATOM   102 O  OP1   . DA  A 1 6  ? -8.996  -6.249  -5.942  1.00 27.69 ? 6    DA  A OP1   1 
ATOM   103 O  OP2   . DA  A 1 6  ? -9.236  -5.453  -3.452  1.00 24.99 ? 6    DA  A OP2   1 
ATOM   104 O  "O5'" . DA  A 1 6  ? -7.068  -5.224  -4.572  1.00 22.54 ? 6    DA  A "O5'" 1 
ATOM   105 C  "C5'" . DA  A 1 6  ? -6.250  -5.227  -5.733  1.00 22.33 ? 6    DA  A "C5'" 1 
ATOM   106 C  "C4'" . DA  A 1 6  ? -4.825  -5.431  -5.362  1.00 20.21 ? 6    DA  A "C4'" 1 
ATOM   107 O  "O4'" . DA  A 1 6  ? -4.356  -4.232  -4.747  1.00 20.43 ? 6    DA  A "O4'" 1 
ATOM   108 C  "C3'" . DA  A 1 6  ? -4.618  -6.557  -4.363  1.00 18.66 ? 6    DA  A "C3'" 1 
ATOM   109 O  "O3'" . DA  A 1 6  ? -3.666  -7.416  -5.009  1.00 19.76 ? 6    DA  A "O3'" 1 
ATOM   110 C  "C2'" . DA  A 1 6  ? -4.108  -5.845  -3.127  1.00 17.90 ? 6    DA  A "C2'" 1 
ATOM   111 C  "C1'" . DA  A 1 6  ? -3.514  -4.543  -3.626  1.00 17.70 ? 6    DA  A "C1'" 1 
ATOM   112 N  N9    . DA  A 1 6  ? -3.589  -3.396  -2.742  1.00 15.50 ? 6    DA  A N9    1 
ATOM   113 C  C8    . DA  A 1 6  ? -4.662  -2.961  -2.064  1.00 17.43 ? 6    DA  A C8    1 
ATOM   114 N  N7    . DA  A 1 6  ? -4.454  -1.864  -1.372  1.00 16.97 ? 6    DA  A N7    1 
ATOM   115 C  C5    . DA  A 1 6  ? -3.120  -1.563  -1.656  1.00 16.47 ? 6    DA  A C5    1 
ATOM   116 C  C6    . DA  A 1 6  ? -2.308  -0.499  -1.205  1.00 16.41 ? 6    DA  A C6    1 
ATOM   117 N  N6    . DA  A 1 6  ? -2.727  0.493   -0.422  1.00 16.85 ? 6    DA  A N6    1 
ATOM   118 N  N1    . DA  A 1 6  ? -1.021  -0.528  -1.667  1.00 15.61 ? 6    DA  A N1    1 
ATOM   119 C  C2    . DA  A 1 6  ? -0.613  -1.515  -2.471  1.00 17.58 ? 6    DA  A C2    1 
ATOM   120 N  N3    . DA  A 1 6  ? -1.326  -2.554  -2.928  1.00 16.48 ? 6    DA  A N3    1 
ATOM   121 C  C4    . DA  A 1 6  ? -2.585  -2.496  -2.476  1.00 15.71 ? 6    DA  A C4    1 
ATOM   122 P  P     . DT  A 1 7  ? -3.023  -8.704  -4.285  1.00 19.10 ? 7    DT  A P     1 
ATOM   123 O  OP1   . DT  A 1 7  ? -2.646  -9.653  -5.383  1.00 22.70 ? 7    DT  A OP1   1 
ATOM   124 O  OP2   . DT  A 1 7  ? -3.846  -9.123  -3.100  1.00 18.36 ? 7    DT  A OP2   1 
ATOM   125 O  "O5'" . DT  A 1 7  ? -1.684  -8.100  -3.679  1.00 18.83 ? 7    DT  A "O5'" 1 
ATOM   126 C  "C5'" . DT  A 1 7  ? -0.713  -7.472  -4.505  1.00 19.48 ? 7    DT  A "C5'" 1 
ATOM   127 C  "C4'" . DT  A 1 7  ? 0.369   -6.876  -3.654  1.00 19.61 ? 7    DT  A "C4'" 1 
ATOM   128 O  "O4'" . DT  A 1 7  ? -0.177  -5.793  -2.897  1.00 18.72 ? 7    DT  A "O4'" 1 
ATOM   129 C  "C3'" . DT  A 1 7  ? 0.997   -7.855  -2.682  1.00 20.61 ? 7    DT  A "C3'" 1 
ATOM   130 O  "O3'" . DT  A 1 7  ? 2.342   -8.038  -3.091  1.00 23.69 ? 7    DT  A "O3'" 1 
ATOM   131 C  "C2'" . DT  A 1 7  ? 0.821   -7.184  -1.351  1.00 20.55 ? 7    DT  A "C2'" 1 
ATOM   132 C  "C1'" . DT  A 1 7  ? 0.581   -5.735  -1.678  1.00 18.82 ? 7    DT  A "C1'" 1 
ATOM   133 N  N1    . DT  A 1 7  ? -0.221  -4.936  -0.738  1.00 17.02 ? 7    DT  A N1    1 
ATOM   134 C  C2    . DT  A 1 7  ? 0.340   -3.803  -0.220  1.00 16.39 ? 7    DT  A C2    1 
ATOM   135 O  O2    . DT  A 1 7  ? 1.509   -3.446  -0.443  1.00 17.57 ? 7    DT  A O2    1 
ATOM   136 N  N3    . DT  A 1 7  ? -0.463  -3.060  0.589   1.00 15.78 ? 7    DT  A N3    1 
ATOM   137 C  C4    . DT  A 1 7  ? -1.766  -3.335  0.951   1.00 15.44 ? 7    DT  A C4    1 
ATOM   138 O  O4    . DT  A 1 7  ? -2.383  -2.566  1.635   1.00 16.60 ? 7    DT  A O4    1 
ATOM   139 C  C5    . DT  A 1 7  ? -2.302  -4.565  0.397   1.00 16.24 ? 7    DT  A C5    1 
ATOM   140 C  C7    . DT  A 1 7  ? -3.678  -5.010  0.747   1.00 18.67 ? 7    DT  A C7    1 
ATOM   141 C  C6    . DT  A 1 7  ? -1.520  -5.293  -0.369  1.00 17.47 ? 7    DT  A C6    1 
ATOM   142 P  P     . DT  A 1 8  ? 3.353   -8.979  -2.254  1.00 24.94 ? 8    DT  A P     1 
ATOM   143 O  OP1   . DT  A 1 8  ? 4.337   -9.513  -3.189  1.00 26.99 ? 8    DT  A OP1   1 
ATOM   144 O  OP2   . DT  A 1 8  ? 2.613   -9.834  -1.316  1.00 26.44 ? 8    DT  A OP2   1 
ATOM   145 O  "O5'" . DT  A 1 8  ? 4.093   -7.941  -1.346  1.00 24.38 ? 8    DT  A "O5'" 1 
ATOM   146 C  "C5'" . DT  A 1 8  ? 4.797   -6.802  -1.962  1.00 24.10 ? 8    DT  A "C5'" 1 
ATOM   147 C  "C4'" . DT  A 1 8  ? 5.283   -5.958  -0.828  1.00 23.98 ? 8    DT  A "C4'" 1 
ATOM   148 O  "O4'" . DT  A 1 8  ? 4.168   -5.362  -0.136  1.00 20.85 ? 8    DT  A "O4'" 1 
ATOM   149 C  "C3'" . DT  A 1 8  ? 6.123   -6.701  0.205   1.00 25.29 ? 8    DT  A "C3'" 1 
ATOM   150 O  "O3'" . DT  A 1 8  ? 7.432   -6.034  0.167   1.00 29.67 ? 8    DT  A "O3'" 1 
ATOM   151 C  "C2'" . DT  A 1 8  ? 5.412   -6.511  1.527   1.00 22.31 ? 8    DT  A "C2'" 1 
ATOM   152 C  "C1'" . DT  A 1 8  ? 4.538   -5.314  1.287   1.00 20.44 ? 8    DT  A "C1'" 1 
ATOM   153 N  N1    . DT  A 1 8  ? 3.264   -5.185  1.997   1.00 17.80 ? 8    DT  A N1    1 
ATOM   154 C  C2    . DT  A 1 8  ? 2.971   -4.059  2.693   1.00 17.08 ? 8    DT  A C2    1 
ATOM   155 O  O2    . DT  A 1 8  ? 3.788   -3.157  2.880   1.00 19.24 ? 8    DT  A O2    1 
ATOM   156 N  N3    . DT  A 1 8  ? 1.769   -4.004  3.270   1.00 16.68 ? 8    DT  A N3    1 
ATOM   157 C  C4    . DT  A 1 8  ? 0.758   -4.950  3.154   1.00 15.66 ? 8    DT  A C4    1 
ATOM   158 O  O4    . DT  A 1 8  ? -0.323  -4.708  3.663   1.00 15.82 ? 8    DT  A O4    1 
ATOM   159 C  C5    . DT  A 1 8  ? 1.122   -6.132  2.423   1.00 17.73 ? 8    DT  A C5    1 
ATOM   160 C  C7    . DT  A 1 8  ? 0.122   -7.234  2.317   1.00 18.43 ? 8    DT  A C7    1 
ATOM   161 C  C6    . DT  A 1 8  ? 2.349   -6.219  1.870   1.00 17.69 ? 8    DT  A C6    1 
HETATM 162 N  N1    . 5CM A 1 9  ? 5.721   -4.111  5.606   1.00 20.87 ? 9    5CM A N1    1 
HETATM 163 C  C2    . 5CM A 1 9  ? 4.715   -3.456  6.323   1.00 17.13 ? 9    5CM A C2    1 
HETATM 164 N  N3    . 5CM A 1 9  ? 3.502   -4.162  6.537   1.00 17.79 ? 9    5CM A N3    1 
HETATM 165 C  C4    . 5CM A 1 9  ? 3.387   -5.453  6.056   1.00 17.25 ? 9    5CM A C4    1 
HETATM 166 C  C5    . 5CM A 1 9  ? 4.418   -6.132  5.339   1.00 19.48 ? 9    5CM A C5    1 
HETATM 167 C  C5A   . 5CM A 1 9  ? 4.293   -7.512  4.820   1.00 21.96 ? 9    5CM A C5A   1 
HETATM 168 C  C6    . 5CM A 1 9  ? 5.642   -5.416  5.119   1.00 20.03 ? 9    5CM A C6    1 
HETATM 169 O  O2    . 5CM A 1 9  ? 4.839   -2.346  6.795   1.00 19.73 ? 9    5CM A O2    1 
HETATM 170 N  N4    . 5CM A 1 9  ? 2.168   -6.075  6.209   1.00 18.70 ? 9    5CM A N4    1 
HETATM 171 C  "C1'" . 5CM A 1 9  ? 6.933   -3.428  5.187   1.00 23.15 ? 9    5CM A "C1'" 1 
HETATM 172 C  "C2'" . 5CM A 1 9  ? 8.298   -3.941  5.390   1.00 25.22 ? 9    5CM A "C2'" 1 
HETATM 173 C  "C3'" . 5CM A 1 9  ? 9.076   -3.262  4.318   1.00 26.03 ? 9    5CM A "C3'" 1 
HETATM 174 C  "C4'" . 5CM A 1 9  ? 8.160   -3.021  3.221   1.00 25.33 ? 9    5CM A "C4'" 1 
HETATM 175 O  "O4'" . 5CM A 1 9  ? 6.830   -3.316  3.793   1.00 24.36 ? 9    5CM A "O4'" 1 
HETATM 176 O  "O3'" . 5CM A 1 9  ? 9.604   -1.974  4.700   1.00 29.07 ? 9    5CM A "O3'" 1 
HETATM 177 C  "C5'" . 5CM A 1 9  ? 8.415   -3.913  2.085   1.00 26.63 ? 9    5CM A "C5'" 1 
HETATM 178 O  "O5'" . 5CM A 1 9  ? 8.352   -5.264  2.396   1.00 29.27 ? 9    5CM A "O5'" 1 
HETATM 179 P  P     . 5CM A 1 9  ? 8.596   -6.361  1.271   1.00 33.03 ? 9    5CM A P     1 
HETATM 180 O  OP1   . 5CM A 1 9  ? 9.944   -6.352  0.591   1.00 36.54 ? 9    5CM A OP1   1 
HETATM 181 O  OP2   . 5CM A 1 9  ? 8.290   -7.666  1.962   1.00 37.32 ? 9    5CM A OP2   1 
ATOM   182 P  P     . DG  A 1 10 ? 10.975  -1.788  5.535   1.00 30.26 ? 10   DG  A P     1 
ATOM   183 O  OP1   . DG  A 1 10 ? 11.519  -0.408  5.219   1.00 31.29 ? 10   DG  A OP1   1 
ATOM   184 O  OP2   . DG  A 1 10 ? 11.745  -3.063  5.487   1.00 30.56 ? 10   DG  A OP2   1 
ATOM   185 O  "O5'" . DG  A 1 10 ? 10.471  -1.874  7.070   1.00 29.26 ? 10   DG  A "O5'" 1 
ATOM   186 C  "C5'" . DG  A 1 10 ? 9.653   -0.835  7.535   1.00 28.89 ? 10   DG  A "C5'" 1 
ATOM   187 C  "C4'" . DG  A 1 10 ? 9.031   -1.194  8.851   1.00 28.80 ? 10   DG  A "C4'" 1 
ATOM   188 O  "O4'" . DG  A 1 10 ? 8.100   -2.268  8.624   1.00 27.17 ? 10   DG  A "O4'" 1 
ATOM   189 C  "C3'" . DG  A 1 10 ? 9.985   -1.796  9.886   1.00 29.40 ? 10   DG  A "C3'" 1 
ATOM   190 O  "O3'" . DG  A 1 10 ? 9.639   -1.334  11.165  1.00 32.17 ? 10   DG  A "O3'" 1 
ATOM   191 C  "C2'" . DG  A 1 10 ? 9.707   -3.310  9.761   1.00 28.23 ? 10   DG  A "C2'" 1 
ATOM   192 C  "C1'" . DG  A 1 10 ? 8.225   -3.178  9.662   1.00 26.57 ? 10   DG  A "C1'" 1 
ATOM   193 N  N9    . DG  A 1 10 ? 7.405   -4.364  9.309   1.00 23.99 ? 10   DG  A N9    1 
ATOM   194 C  C8    . DG  A 1 10 ? 7.732   -5.514  8.635   1.00 24.18 ? 10   DG  A C8    1 
ATOM   195 N  N7    . DG  A 1 10 ? 6.745   -6.337  8.480   1.00 22.59 ? 10   DG  A N7    1 
ATOM   196 C  C5    . DG  A 1 10 ? 5.687   -5.707  9.094   1.00 20.21 ? 10   DG  A C5    1 
ATOM   197 C  C6    . DG  A 1 10 ? 4.316   -6.107  9.238   1.00 20.29 ? 10   DG  A C6    1 
ATOM   198 O  O6    . DG  A 1 10 ? 3.731   -7.135  8.855   1.00 20.79 ? 10   DG  A O6    1 
ATOM   199 N  N1    . DG  A 1 10 ? 3.584   -5.144  9.917   1.00 18.78 ? 10   DG  A N1    1 
ATOM   200 C  C2    . DG  A 1 10 ? 4.066   -3.958  10.426  1.00 17.95 ? 10   DG  A C2    1 
ATOM   201 N  N2    . DG  A 1 10 ? 3.220   -3.203  11.092  1.00 18.20 ? 10   DG  A N2    1 
ATOM   202 N  N3    . DG  A 1 10 ? 5.327   -3.583  10.251  1.00 19.70 ? 10   DG  A N3    1 
ATOM   203 C  C4    . DG  A 1 10 ? 6.037   -4.480  9.550   1.00 21.53 ? 10   DG  A C4    1 
ATOM   204 P  P     . DC  A 1 11 ? 10.485  -0.216  11.899  1.00 36.17 ? 11   DC  A P     1 
ATOM   205 O  OP1   . DC  A 1 11 ? 11.070  0.700   10.853  1.00 36.54 ? 11   DC  A OP1   1 
ATOM   206 O  OP2   . DC  A 1 11 ? 11.399  -0.925  12.856  1.00 37.62 ? 11   DC  A OP2   1 
ATOM   207 O  "O5'" . DC  A 1 11 ? 9.395   0.494   12.842  1.00 32.48 ? 11   DC  A "O5'" 1 
ATOM   208 C  "C5'" . DC  A 1 11 ? 8.363   1.332   12.272  1.00 30.16 ? 11   DC  A "C5'" 1 
ATOM   209 C  "C4'" . DC  A 1 11 ? 7.127   1.261   13.121  1.00 26.68 ? 11   DC  A "C4'" 1 
ATOM   210 O  "O4'" . DC  A 1 11 ? 6.443   -0.009  12.949  1.00 28.13 ? 11   DC  A "O4'" 1 
ATOM   211 C  "C3'" . DC  A 1 11 ? 7.384   1.391   14.608  1.00 24.34 ? 11   DC  A "C3'" 1 
ATOM   212 O  "O3'" . DC  A 1 11 ? 6.345   2.228   15.021  1.00 26.36 ? 11   DC  A "O3'" 1 
ATOM   213 C  "C2'" . DC  A 1 11 ? 7.375   -0.046  15.116  1.00 24.44 ? 11   DC  A "C2'" 1 
ATOM   214 C  "C1'" . DC  A 1 11 ? 6.308   -0.670  14.252  1.00 23.94 ? 11   DC  A "C1'" 1 
ATOM   215 N  N1    . DC  A 1 11 ? 6.458   -2.093  13.955  1.00 21.85 ? 11   DC  A N1    1 
ATOM   216 C  C2    . DC  A 1 11 ? 5.321   -2.919  13.877  1.00 20.88 ? 11   DC  A C2    1 
ATOM   217 O  O2    . DC  A 1 11 ? 4.262   -2.433  14.164  1.00 21.81 ? 11   DC  A O2    1 
ATOM   218 N  N3    . DC  A 1 11 ? 5.438   -4.189  13.518  1.00 20.38 ? 11   DC  A N3    1 
ATOM   219 C  C4    . DC  A 1 11 ? 6.612   -4.674  13.192  1.00 23.68 ? 11   DC  A C4    1 
ATOM   220 N  N4    . DC  A 1 11 ? 6.668   -5.932  12.761  1.00 24.82 ? 11   DC  A N4    1 
ATOM   221 C  C5    . DC  A 1 11 ? 7.795   -3.872  13.258  1.00 23.63 ? 11   DC  A C5    1 
ATOM   222 C  C6    . DC  A 1 11 ? 7.658   -2.594  13.624  1.00 24.20 ? 11   DC  A C6    1 
ATOM   223 P  P     . DG  A 1 12 ? 6.396   2.938   16.464  1.00 26.84 ? 12   DG  A P     1 
ATOM   224 O  OP1   . DG  A 1 12 ? 5.395   4.059   16.484  1.00 30.52 ? 12   DG  A OP1   1 
ATOM   225 O  OP2   . DG  A 1 12 ? 7.788   3.181   16.806  1.00 28.41 ? 12   DG  A OP2   1 
ATOM   226 O  "O5'" . DG  A 1 12 ? 5.906   1.786   17.472  1.00 23.71 ? 12   DG  A "O5'" 1 
ATOM   227 C  "C5'" . DG  A 1 12 ? 4.543   1.464   17.531  1.00 23.96 ? 12   DG  A "C5'" 1 
ATOM   228 C  "C4'" . DG  A 1 12 ? 4.308   0.260   18.364  1.00 20.55 ? 12   DG  A "C4'" 1 
ATOM   229 O  "O4'" . DG  A 1 12 ? 4.838   -0.837  17.628  1.00 20.89 ? 12   DG  A "O4'" 1 
ATOM   230 C  "C3'" . DG  A 1 12 ? 5.112   0.204   19.675  1.00 19.89 ? 12   DG  A "C3'" 1 
ATOM   231 O  "O3'" . DG  A 1 12 ? 4.375   0.721   20.731  1.00 22.73 ? 12   DG  A "O3'" 1 
ATOM   232 C  "C2'" . DG  A 1 12 ? 5.545   -1.235  19.831  1.00 21.26 ? 12   DG  A "C2'" 1 
ATOM   233 C  "C1'" . DG  A 1 12 ? 4.952   -1.894  18.578  1.00 19.02 ? 12   DG  A "C1'" 1 
ATOM   234 N  N9    . DG  A 1 12 ? 5.806   -2.888  17.980  1.00 18.25 ? 12   DG  A N9    1 
ATOM   235 C  C8    . DG  A 1 12 ? 7.130   -2.812  17.677  1.00 19.76 ? 12   DG  A C8    1 
ATOM   236 N  N7    . DG  A 1 12 ? 7.623   -3.858  17.125  1.00 20.28 ? 12   DG  A N7    1 
ATOM   237 C  C5    . DG  A 1 12 ? 6.520   -4.733  16.973  1.00 18.97 ? 12   DG  A C5    1 
ATOM   238 C  C6    . DG  A 1 12 ? 6.436   -6.025  16.416  1.00 19.25 ? 12   DG  A C6    1 
ATOM   239 O  O6    . DG  A 1 12 ? 7.317   -6.774  15.955  1.00 21.86 ? 12   DG  A O6    1 
ATOM   240 N  N1    . DG  A 1 12 ? 5.136   -6.533  16.509  1.00 18.30 ? 12   DG  A N1    1 
ATOM   241 C  C2    . DG  A 1 12 ? 4.088   -5.865  17.066  1.00 16.83 ? 12   DG  A C2    1 
ATOM   242 N  N2    . DG  A 1 12 ? 2.912   -6.528  17.069  1.00 18.38 ? 12   DG  A N2    1 
ATOM   243 N  N3    . DG  A 1 12 ? 4.150   -4.617  17.544  1.00 16.91 ? 12   DG  A N3    1 
ATOM   244 C  C4    . DG  A 1 12 ? 5.408   -4.124  17.505  1.00 18.26 ? 12   DG  A C4    1 
ATOM   245 O  "O5'" . DC  B 1 1  ? 3.026   -15.179 15.579  1.00 41.82 ? 13   DC  B "O5'" 1 
ATOM   246 C  "C5'" . DC  B 1 1  ? 1.622   -15.124 15.943  1.00 34.59 ? 13   DC  B "C5'" 1 
ATOM   247 C  "C4'" . DC  B 1 1  ? 1.124   -13.715 15.713  1.00 26.72 ? 13   DC  B "C4'" 1 
ATOM   248 O  "O4'" . DC  B 1 1  ? 2.082   -12.754 16.240  1.00 25.09 ? 13   DC  B "O4'" 1 
ATOM   249 C  "C3'" . DC  B 1 1  ? 0.967   -13.400 14.242  1.00 26.34 ? 13   DC  B "C3'" 1 
ATOM   250 O  "O3'" . DC  B 1 1  ? -0.091  -12.516 14.069  1.00 27.53 ? 13   DC  B "O3'" 1 
ATOM   251 C  "C2'" . DC  B 1 1  ? 2.234   -12.593 13.949  1.00 25.39 ? 13   DC  B "C2'" 1 
ATOM   252 C  "C1'" . DC  B 1 1  ? 2.382   -11.789 15.221  1.00 23.31 ? 13   DC  B "C1'" 1 
ATOM   253 N  N1    . DC  B 1 1  ? 3.753   -11.270 15.449  1.00 22.23 ? 13   DC  B N1    1 
ATOM   254 C  C2    . DC  B 1 1  ? 3.888   -9.899  15.732  1.00 22.38 ? 13   DC  B C2    1 
ATOM   255 O  O2    . DC  B 1 1  ? 2.905   -9.168  15.798  1.00 20.58 ? 13   DC  B O2    1 
ATOM   256 N  N3    . DC  B 1 1  ? 5.127   -9.428  15.990  1.00 20.51 ? 13   DC  B N3    1 
ATOM   257 C  C4    . DC  B 1 1  ? 6.168   -10.292 16.011  1.00 22.16 ? 13   DC  B C4    1 
ATOM   258 N  N4    . DC  B 1 1  ? 7.379   -9.811  16.314  1.00 22.26 ? 13   DC  B N4    1 
ATOM   259 C  C5    . DC  B 1 1  ? 6.043   -11.681 15.780  1.00 23.52 ? 13   DC  B C5    1 
ATOM   260 C  C6    . DC  B 1 1  ? 4.815   -12.146 15.502  1.00 23.19 ? 13   DC  B C6    1 
ATOM   261 P  P     . DG  B 1 2  ? -1.476  -12.988 13.378  1.00 28.56 ? 14   DG  B P     1 
ATOM   262 O  OP1   . DG  B 1 2  ? -1.948  -14.214 14.065  1.00 31.04 ? 14   DG  B OP1   1 
ATOM   263 O  OP2   . DG  B 1 2  ? -1.300  -12.972 11.865  1.00 31.60 ? 14   DG  B OP2   1 
ATOM   264 O  "O5'" . DG  B 1 2  ? -2.408  -11.717 13.685  1.00 26.47 ? 14   DG  B "O5'" 1 
ATOM   265 C  "C5'" . DG  B 1 2  ? -2.594  -11.386 15.106  1.00 25.10 ? 14   DG  B "C5'" 1 
ATOM   266 C  "C4'" . DG  B 1 2  ? -2.666  -9.862  15.242  1.00 23.82 ? 14   DG  B "C4'" 1 
ATOM   267 O  "O4'" . DG  B 1 2  ? -1.281  -9.435  15.224  1.00 24.56 ? 14   DG  B "O4'" 1 
ATOM   268 C  "C3'" . DG  B 1 2  ? -3.465  -9.291  14.117  1.00 26.31 ? 14   DG  B "C3'" 1 
ATOM   269 O  "O3'" . DG  B 1 2  ? -4.467  -8.500  14.556  1.00 24.27 ? 14   DG  B "O3'" 1 
ATOM   270 C  "C2'" . DG  B 1 2  ? -2.485  -8.627  13.239  1.00 26.18 ? 14   DG  B "C2'" 1 
ATOM   271 C  "C1'" . DG  B 1 2  ? -1.351  -8.318  14.275  1.00 25.15 ? 14   DG  B "C1'" 1 
ATOM   272 N  N9    . DG  B 1 2  ? 0.000   -8.328  13.711  1.00 22.74 ? 14   DG  B N9    1 
ATOM   273 C  C8    . DG  B 1 2  ? 0.506   -9.356  12.944  1.00 23.03 ? 14   DG  B C8    1 
ATOM   274 N  N7    . DG  B 1 2  ? 1.707   -9.152  12.493  1.00 20.18 ? 14   DG  B N7    1 
ATOM   275 C  C5    . DG  B 1 2  ? 2.003   -7.860  12.971  1.00 18.56 ? 14   DG  B C5    1 
ATOM   276 C  C6    . DG  B 1 2  ? 3.190   -7.089  12.831  1.00 17.26 ? 14   DG  B C6    1 
ATOM   277 O  O6    . DG  B 1 2  ? 4.207   -7.436  12.238  1.00 20.07 ? 14   DG  B O6    1 
ATOM   278 N  N1    . DG  B 1 2  ? 3.110   -5.855  13.497  1.00 18.01 ? 14   DG  B N1    1 
ATOM   279 C  C2    . DG  B 1 2  ? 2.043   -5.381  14.181  1.00 17.88 ? 14   DG  B C2    1 
ATOM   280 N  N2    . DG  B 1 2  ? 2.098   -4.172  14.726  1.00 19.55 ? 14   DG  B N2    1 
ATOM   281 N  N3    . DG  B 1 2  ? 0.945   -6.140  14.341  1.00 19.07 ? 14   DG  B N3    1 
ATOM   282 C  C4    . DG  B 1 2  ? 0.994   -7.344  13.724  1.00 18.95 ? 14   DG  B C4    1 
ATOM   283 P  P     . DC  B 1 3  ? -5.439  -7.816  13.511  1.00 27.03 ? 15   DC  B P     1 
ATOM   284 O  OP1   . DC  B 1 3  ? -6.712  -7.678  14.182  1.00 27.38 ? 15   DC  B OP1   1 
ATOM   285 O  OP2   . DC  B 1 3  ? -5.352  -8.542  12.175  1.00 32.10 ? 15   DC  B OP2   1 
ATOM   286 O  "O5'" . DC  B 1 3  ? -4.794  -6.368  13.265  1.00 24.17 ? 15   DC  B "O5'" 1 
ATOM   287 C  "C5'" . DC  B 1 3  ? -4.693  -5.457  14.321  1.00 22.51 ? 15   DC  B "C5'" 1 
ATOM   288 C  "C4'" . DC  B 1 3  ? -3.737  -4.358  13.913  1.00 20.67 ? 15   DC  B "C4'" 1 
ATOM   289 O  "O4'" . DC  B 1 3  ? -2.502  -5.002  13.568  1.00 21.51 ? 15   DC  B "O4'" 1 
ATOM   290 C  "C3'" . DC  B 1 3  ? -4.114  -3.591  12.671  1.00 23.53 ? 15   DC  B "C3'" 1 
ATOM   291 O  "O3'" . DC  B 1 3  ? -4.864  -2.525  13.082  1.00 24.50 ? 15   DC  B "O3'" 1 
ATOM   292 C  "C2'" . DC  B 1 3  ? -2.771  -3.124  12.133  1.00 26.75 ? 15   DC  B "C2'" 1 
ATOM   293 C  "C1'" . DC  B 1 3  ? -1.823  -4.150  12.640  1.00 23.72 ? 15   DC  B "C1'" 1 
ATOM   294 N  N1    . DC  B 1 3  ? -1.153  -5.042  11.658  1.00 21.24 ? 15   DC  B N1    1 
ATOM   295 C  C2    . DC  B 1 3  ? 0.136   -4.774  11.285  1.00 18.02 ? 15   DC  B C2    1 
ATOM   296 O  O2    . DC  B 1 3  ? 0.680   -3.759  11.713  1.00 19.96 ? 15   DC  B O2    1 
ATOM   297 N  N3    . DC  B 1 3  ? 0.787   -5.645  10.510  1.00 18.24 ? 15   DC  B N3    1 
ATOM   298 C  C4    . DC  B 1 3  ? 0.163   -6.713  10.012  1.00 20.06 ? 15   DC  B C4    1 
ATOM   299 N  N4    . DC  B 1 3  ? 0.870   -7.546  9.269   1.00 22.08 ? 15   DC  B N4    1 
ATOM   300 C  C5    . DC  B 1 3  ? -1.198  -7.000  10.346  1.00 23.13 ? 15   DC  B C5    1 
ATOM   301 C  C6    . DC  B 1 3  ? -1.800  -6.120  11.140  1.00 23.20 ? 15   DC  B C6    1 
ATOM   302 P  P     . DG  B 1 4  ? -5.526  -1.491  12.021  1.00 26.87 ? 16   DG  B P     1 
ATOM   303 O  OP1   . DG  B 1 4  ? -6.633  -0.827  12.749  1.00 31.78 ? 16   DG  B OP1   1 
ATOM   304 O  OP2   . DG  B 1 4  ? -5.811  -2.232  10.754  1.00 29.10 ? 16   DG  B OP2   1 
ATOM   305 O  "O5'" . DG  B 1 4  ? -4.415  -0.410  11.757  1.00 24.83 ? 16   DG  B "O5'" 1 
ATOM   306 C  "C5'" . DG  B 1 4  ? -3.909  0.435   12.785  1.00 23.76 ? 16   DG  B "C5'" 1 
ATOM   307 C  "C4'" . DG  B 1 4  ? -2.772  1.243   12.163  1.00 22.52 ? 16   DG  B "C4'" 1 
ATOM   308 O  "O4'" . DG  B 1 4  ? -1.818  0.317   11.634  1.00 21.11 ? 16   DG  B "O4'" 1 
ATOM   309 C  "C3'" . DG  B 1 4  ? -3.171  2.205   11.035  1.00 23.65 ? 16   DG  B "C3'" 1 
ATOM   310 O  "O3'" . DG  B 1 4  ? -2.389  3.341   11.228  1.00 27.28 ? 16   DG  B "O3'" 1 
ATOM   311 C  "C2'" . DG  B 1 4  ? -2.822  1.413   9.801   1.00 21.33 ? 16   DG  B "C2'" 1 
ATOM   312 C  "C1'" . DG  B 1 4  ? -1.668  0.535   10.251  1.00 20.09 ? 16   DG  B "C1'" 1 
ATOM   313 N  N9    . DG  B 1 4  ? -1.548  -0.763  9.579   1.00 18.48 ? 16   DG  B N9    1 
ATOM   314 C  C8    . DG  B 1 4  ? -2.584  -1.601  9.196   1.00 19.36 ? 16   DG  B C8    1 
ATOM   315 N  N7    . DG  B 1 4  ? -2.163  -2.680  8.585   1.00 19.39 ? 16   DG  B N7    1 
ATOM   316 C  C5    . DG  B 1 4  ? -0.760  -2.549  8.526   1.00 18.01 ? 16   DG  B C5    1 
ATOM   317 C  C6    . DG  B 1 4  ? 0.213   -3.324  7.933   1.00 17.60 ? 16   DG  B C6    1 
ATOM   318 O  O6    . DG  B 1 4  ? 0.100   -4.391  7.350   1.00 17.04 ? 16   DG  B O6    1 
ATOM   319 N  N1    . DG  B 1 4  ? 1.499   -2.750  8.031   1.00 17.03 ? 16   DG  B N1    1 
ATOM   320 C  C2    . DG  B 1 4  ? 1.745   -1.582  8.656   1.00 18.35 ? 16   DG  B C2    1 
ATOM   321 N  N2    . DG  B 1 4  ? 3.034   -1.190  8.649   1.00 17.84 ? 16   DG  B N2    1 
ATOM   322 N  N3    . DG  B 1 4  ? 0.844   -0.873  9.256   1.00 18.10 ? 16   DG  B N3    1 
ATOM   323 C  C4    . DG  B 1 4  ? -0.412  -1.369  9.106   1.00 17.64 ? 16   DG  B C4    1 
ATOM   324 P  P     . DA  B 1 5  ? -2.079  4.445   10.076  1.00 28.17 ? 17   DA  B P     1 
ATOM   325 O  OP1   . DA  B 1 5  ? -1.906  5.732   10.768  1.00 30.51 ? 17   DA  B OP1   1 
ATOM   326 O  OP2   . DA  B 1 5  ? -3.072  4.340   8.963   1.00 29.23 ? 17   DA  B OP2   1 
ATOM   327 O  "O5'" . DA  B 1 5  ? -0.683  3.948   9.497   1.00 26.59 ? 17   DA  B "O5'" 1 
ATOM   328 C  "C5'" . DA  B 1 5  ? 0.480   3.921   10.372  1.00 25.40 ? 17   DA  B "C5'" 1 
ATOM   329 C  "C4'" . DA  B 1 5  ? 1.693   3.790   9.480   1.00 23.69 ? 17   DA  B "C4'" 1 
ATOM   330 O  "O4'" . DA  B 1 5  ? 1.689   2.507   8.799   1.00 22.52 ? 17   DA  B "O4'" 1 
ATOM   331 C  "C3'" . DA  B 1 5  ? 1.836   4.846   8.386   1.00 27.32 ? 17   DA  B "C3'" 1 
ATOM   332 O  "O3'" . DA  B 1 5  ? 3.216   5.143   8.342   1.00 29.91 ? 17   DA  B "O3'" 1 
ATOM   333 C  "C2'" . DA  B 1 5  ? 1.347   4.153   7.131   1.00 25.75 ? 17   DA  B "C2'" 1 
ATOM   334 C  "C1'" . DA  B 1 5  ? 1.712   2.684   7.367   1.00 22.51 ? 17   DA  B "C1'" 1 
ATOM   335 N  N9    . DA  B 1 5  ? 0.786   1.690   6.795   1.00 21.24 ? 17   DA  B N9    1 
ATOM   336 C  C8    . DA  B 1 5  ? -0.545  1.668   6.984   1.00 20.29 ? 17   DA  B C8    1 
ATOM   337 N  N7    . DA  B 1 5  ? -1.099  0.598   6.443   1.00 18.75 ? 17   DA  B N7    1 
ATOM   338 C  C5    . DA  B 1 5  ? -0.062  -0.102  5.904   1.00 17.65 ? 17   DA  B C5    1 
ATOM   339 C  C6    . DA  B 1 5  ? 0.034   -1.311  5.243   1.00 16.44 ? 17   DA  B C6    1 
ATOM   340 N  N6    . DA  B 1 5  ? -1.028  -2.117  4.968   1.00 17.10 ? 17   DA  B N6    1 
ATOM   341 N  N1    . DA  B 1 5  ? 1.241   -1.731  4.836   1.00 17.86 ? 17   DA  B N1    1 
ATOM   342 C  C2    . DA  B 1 5  ? 2.346   -0.982  5.110   1.00 19.08 ? 17   DA  B C2    1 
ATOM   343 N  N3    . DA  B 1 5  ? 2.344   0.186   5.738   1.00 19.58 ? 17   DA  B N3    1 
ATOM   344 C  C4    . DA  B 1 5  ? 1.140   0.560   6.116   1.00 18.80 ? 17   DA  B C4    1 
ATOM   345 P  P     . DA  B 1 6  ? 3.815   6.181   7.242   1.00 31.44 ? 18   DA  B P     1 
ATOM   346 O  OP1   . DA  B 1 6  ? 4.978   6.839   7.835   1.00 35.06 ? 18   DA  B OP1   1 
ATOM   347 O  OP2   . DA  B 1 6  ? 2.721   7.065   6.765   1.00 34.36 ? 18   DA  B OP2   1 
ATOM   348 O  "O5'" . DA  B 1 6  ? 4.283   5.217   6.042   1.00 29.31 ? 18   DA  B "O5'" 1 
ATOM   349 C  "C5'" . DA  B 1 6  ? 5.323   4.257   6.283   1.00 27.21 ? 18   DA  B "C5'" 1 
ATOM   350 C  "C4'" . DA  B 1 6  ? 5.528   3.529   4.957   1.00 26.63 ? 18   DA  B "C4'" 1 
ATOM   351 O  "O4'" . DA  B 1 6  ? 4.376   2.719   4.662   1.00 24.00 ? 18   DA  B "O4'" 1 
ATOM   352 C  "C3'" . DA  B 1 6  ? 5.738   4.458   3.737   1.00 26.68 ? 18   DA  B "C3'" 1 
ATOM   353 O  "O3'" . DA  B 1 6  ? 7.029   4.111   3.197   1.00 30.94 ? 18   DA  B "O3'" 1 
ATOM   354 C  "C2'" . DA  B 1 6  ? 4.537   4.089   2.813   1.00 25.56 ? 18   DA  B "C2'" 1 
ATOM   355 C  "C1'" . DA  B 1 6  ? 4.126   2.711   3.268   1.00 23.41 ? 18   DA  B "C1'" 1 
ATOM   356 N  N9    . DA  B 1 6  ? 2.718   2.353   3.170   1.00 20.94 ? 18   DA  B N9    1 
ATOM   357 C  C8    . DA  B 1 6  ? 1.647   3.052   3.620   1.00 21.25 ? 18   DA  B C8    1 
ATOM   358 N  N7    . DA  B 1 6  ? 0.493   2.467   3.421   1.00 21.06 ? 18   DA  B N7    1 
ATOM   359 C  C5    . DA  B 1 6  ? 0.830   1.309   2.762   1.00 18.95 ? 18   DA  B C5    1 
ATOM   360 C  C6    . DA  B 1 6  ? 0.082   0.218   2.278   1.00 17.87 ? 18   DA  B C6    1 
ATOM   361 N  N6    . DA  B 1 6  ? -1.226  0.157   2.451   1.00 18.61 ? 18   DA  B N6    1 
ATOM   362 N  N1    . DA  B 1 6  ? 0.714   -0.797  1.670   1.00 16.75 ? 18   DA  B N1    1 
ATOM   363 C  C2    . DA  B 1 6  ? 2.055   -0.753  1.571   1.00 17.79 ? 18   DA  B C2    1 
ATOM   364 N  N3    . DA  B 1 6  ? 2.892   0.237   1.999   1.00 18.87 ? 18   DA  B N3    1 
ATOM   365 C  C4    . DA  B 1 6  ? 2.193   1.203   2.588   1.00 18.97 ? 18   DA  B C4    1 
ATOM   366 P  P     . DT  B 1 7  ? 7.559   4.743   1.795   1.00 33.51 ? 19   DT  B P     1 
ATOM   367 O  OP1   . DT  B 1 7  ? 9.067   4.767   1.797   1.00 36.29 ? 19   DT  B OP1   1 
ATOM   368 O  OP2   . DT  B 1 7  ? 6.786   5.995   1.492   1.00 36.63 ? 19   DT  B OP2   1 
ATOM   369 O  "O5'" . DT  B 1 7  ? 7.031   3.709   0.727   1.00 29.78 ? 19   DT  B "O5'" 1 
ATOM   370 C  "C5'" . DT  B 1 7  ? 7.447   2.357   0.854   1.00 26.43 ? 19   DT  B "C5'" 1 
ATOM   371 C  "C4'" . DT  B 1 7  ? 6.746   1.578   -0.231  1.00 23.32 ? 19   DT  B "C4'" 1 
ATOM   372 O  "O4'" . DT  B 1 7  ? 5.316   1.546   0.040   1.00 22.44 ? 19   DT  B "O4'" 1 
ATOM   373 C  "C3'" . DT  B 1 7  ? 6.865   2.140   -1.638  1.00 20.93 ? 19   DT  B "C3'" 1 
ATOM   374 O  "O3'" . DT  B 1 7  ? 7.682   1.242   -2.342  1.00 23.72 ? 19   DT  B "O3'" 1 
ATOM   375 C  "C2'" . DT  B 1 7  ? 5.433   2.306   -2.155  1.00 22.67 ? 19   DT  B "C2'" 1 
ATOM   376 C  "C1'" . DT  B 1 7  ? 4.654   1.419   -1.234  1.00 22.08 ? 19   DT  B "C1'" 1 
ATOM   377 N  N1    . DT  B 1 7  ? 3.225   1.798   -0.990  1.00 20.16 ? 19   DT  B N1    1 
ATOM   378 C  C2    . DT  B 1 7  ? 2.215   0.885   -1.309  1.00 17.90 ? 19   DT  B C2    1 
ATOM   379 O  O2    . DT  B 1 7  ? 2.478   -0.160  -1.829  1.00 18.67 ? 19   DT  B O2    1 
ATOM   380 N  N3    . DT  B 1 7  ? 0.950   1.315   -1.023  1.00 17.77 ? 19   DT  B N3    1 
ATOM   381 C  C4    . DT  B 1 7  ? 0.584   2.463   -0.411  1.00 19.63 ? 19   DT  B C4    1 
ATOM   382 O  O4    . DT  B 1 7  ? -0.588  2.697   -0.159  1.00 20.79 ? 19   DT  B O4    1 
ATOM   383 C  C5    . DT  B 1 7  ? 1.674   3.413   -0.119  1.00 19.58 ? 19   DT  B C5    1 
ATOM   384 C  C7    . DT  B 1 7  ? 1.369   4.745   0.473   1.00 22.36 ? 19   DT  B C7    1 
ATOM   385 C  C6    . DT  B 1 7  ? 2.932   3.023   -0.416  1.00 19.93 ? 19   DT  B C6    1 
ATOM   386 P  P     . DT  B 1 8  ? 7.915   1.398   -3.959  1.00 25.84 ? 20   DT  B P     1 
ATOM   387 O  OP1   . DT  B 1 8  ? 9.206   0.748   -4.233  1.00 29.92 ? 20   DT  B OP1   1 
ATOM   388 O  OP2   . DT  B 1 8  ? 7.643   2.829   -4.381  1.00 29.10 ? 20   DT  B OP2   1 
ATOM   389 O  "O5'" . DT  B 1 8  ? 6.739   0.554   -4.588  1.00 23.43 ? 20   DT  B "O5'" 1 
ATOM   390 C  "C5'" . DT  B 1 8  ? 6.576   -0.844  -4.305  1.00 22.06 ? 20   DT  B "C5'" 1 
ATOM   391 C  "C4'" . DT  B 1 8  ? 5.354   -1.374  -5.021  1.00 21.85 ? 20   DT  B "C4'" 1 
ATOM   392 O  "O4'" . DT  B 1 8  ? 4.157   -0.708  -4.544  1.00 21.07 ? 20   DT  B "O4'" 1 
ATOM   393 C  "C3'" . DT  B 1 8  ? 5.383   -1.168  -6.526  1.00 22.81 ? 20   DT  B "C3'" 1 
ATOM   394 O  "O3'" . DT  B 1 8  ? 5.209   -2.441  -7.073  1.00 25.46 ? 20   DT  B "O3'" 1 
ATOM   395 C  "C2'" . DT  B 1 8  ? 4.256   -0.157  -6.796  1.00 21.63 ? 20   DT  B "C2'" 1 
ATOM   396 C  "C1'" . DT  B 1 8  ? 3.294   -0.438  -5.675  1.00 20.47 ? 20   DT  B "C1'" 1 
ATOM   397 N  N1    . DT  B 1 8  ? 2.403   0.613   -5.169  1.00 20.32 ? 20   DT  B N1    1 
ATOM   398 C  C2    . DT  B 1 8  ? 1.048   0.345   -5.086  1.00 19.92 ? 20   DT  B C2    1 
ATOM   399 O  O2    . DT  B 1 8  ? 0.569   -0.679  -5.472  1.00 19.89 ? 20   DT  B O2    1 
ATOM   400 N  N3    . DT  B 1 8  ? 0.314   1.362   -4.546  1.00 20.16 ? 20   DT  B N3    1 
ATOM   401 C  C4    . DT  B 1 8  ? 0.781   2.581   -4.098  1.00 19.93 ? 20   DT  B C4    1 
ATOM   402 O  O4    . DT  B 1 8  ? 0.018   3.382   -3.589  1.00 20.79 ? 20   DT  B O4    1 
ATOM   403 C  C5    . DT  B 1 8  ? 2.196   2.824   -4.285  1.00 20.74 ? 20   DT  B C5    1 
ATOM   404 C  C7    . DT  B 1 8  ? 2.862   4.143   -3.914  1.00 22.78 ? 20   DT  B C7    1 
ATOM   405 C  C6    . DT  B 1 8  ? 2.924   1.841   -4.780  1.00 21.22 ? 20   DT  B C6    1 
HETATM 406 N  N1    . 5CM B 1 9  ? 0.145   0.313   -8.889  1.00 19.99 ? 21   5CM B N1    1 
HETATM 407 C  C2    . 5CM B 1 9  ? -1.038  0.836   -8.390  1.00 20.79 ? 21   5CM B C2    1 
HETATM 408 N  N3    . 5CM B 1 9  ? -1.067  2.071   -7.793  1.00 18.50 ? 21   5CM B N3    1 
HETATM 409 C  C4    . 5CM B 1 9  ? 0.100   2.814   -7.691  1.00 18.90 ? 21   5CM B C4    1 
HETATM 410 C  C5    . 5CM B 1 9  ? 1.335   2.309   -8.208  1.00 18.15 ? 21   5CM B C5    1 
HETATM 411 C  C5A   . 5CM B 1 9  ? 2.627   3.141   -8.109  1.00 22.06 ? 21   5CM B C5A   1 
HETATM 412 C  C6    . 5CM B 1 9  ? 1.348   1.010   -8.806  1.00 19.24 ? 21   5CM B C6    1 
HETATM 413 O  O2    . 5CM B 1 9  ? -2.084  0.204   -8.527  1.00 20.67 ? 21   5CM B O2    1 
HETATM 414 N  N4    . 5CM B 1 9  ? -0.005  3.984   -7.003  1.00 20.02 ? 21   5CM B N4    1 
HETATM 415 C  "C1'" . 5CM B 1 9  ? 0.286   -1.028  -9.464  1.00 20.87 ? 21   5CM B "C1'" 1 
HETATM 416 C  "C2'" . 5CM B 1 9  ? 0.860   -1.239  -10.819 1.00 22.80 ? 21   5CM B "C2'" 1 
HETATM 417 C  "C3'" . 5CM B 1 9  ? 1.443   -2.600  -10.728 1.00 22.49 ? 21   5CM B "C3'" 1 
HETATM 418 C  "C4'" . 5CM B 1 9  ? 1.499   -2.935  -9.277  1.00 23.04 ? 21   5CM B "C4'" 1 
HETATM 419 O  "O4'" . 5CM B 1 9  ? 1.150   -1.692  -8.550  1.00 22.67 ? 21   5CM B "O4'" 1 
HETATM 420 O  "O3'" . 5CM B 1 9  ? 0.673   -3.638  -11.398 1.00 23.56 ? 21   5CM B "O3'" 1 
HETATM 421 C  "C5'" . 5CM B 1 9  ? 2.826   -3.379  -8.804  1.00 24.15 ? 21   5CM B "C5'" 1 
HETATM 422 O  "O5'" . 5CM B 1 9  ? 3.793   -2.468  -9.144  1.00 24.74 ? 21   5CM B "O5'" 1 
HETATM 423 P  P     . 5CM B 1 9  ? 5.283   -2.673  -8.662  1.00 29.87 ? 21   5CM B P     1 
HETATM 424 O  OP1   . 5CM B 1 9  ? 5.672   -4.110  -8.871  1.00 35.12 ? 21   5CM B OP1   1 
HETATM 425 O  OP2   . 5CM B 1 9  ? 6.130   -1.627  -9.293  1.00 33.45 ? 21   5CM B OP2   1 
ATOM   426 P  P     . DG  B 1 10 ? 0.541   -3.736  -13.012 1.00 24.40 ? 22   DG  B P     1 
ATOM   427 O  OP1   . DG  B 1 10 ? 0.168   -5.162  -13.316 1.00 26.51 ? 22   DG  B OP1   1 
ATOM   428 O  OP2   . DG  B 1 10 ? 1.715   -3.096  -13.644 1.00 25.74 ? 22   DG  B OP2   1 
ATOM   429 O  "O5'" . DG  B 1 10 ? -0.678  -2.758  -13.342 1.00 23.07 ? 22   DG  B "O5'" 1 
ATOM   430 C  "C5'" . DG  B 1 10 ? -1.968  -3.082  -12.821 1.00 22.56 ? 22   DG  B "C5'" 1 
ATOM   431 C  "C4'" . DG  B 1 10 ? -2.923  -1.948  -13.157 1.00 21.64 ? 22   DG  B "C4'" 1 
ATOM   432 O  "O4'" . DG  B 1 10 ? -2.606  -0.810  -12.312 1.00 20.66 ? 22   DG  B "O4'" 1 
ATOM   433 C  "C3'" . DG  B 1 10 ? -2.827  -1.373  -14.560 1.00 23.99 ? 22   DG  B "C3'" 1 
ATOM   434 O  "O3'" . DG  B 1 10 ? -4.130  -1.062  -14.948 1.00 26.98 ? 22   DG  B "O3'" 1 
ATOM   435 C  "C2'" . DG  B 1 10 ? -1.981  -0.126  -14.419 1.00 22.50 ? 22   DG  B "C2'" 1 
ATOM   436 C  "C1'" . DG  B 1 10 ? -2.599  0.380   -13.118 1.00 20.05 ? 22   DG  B "C1'" 1 
ATOM   437 N  N9    . DG  B 1 10 ? -1.861  1.429   -12.414 1.00 18.95 ? 22   DG  B N9    1 
ATOM   438 C  C8    . DG  B 1 10 ? -0.479  1.706   -12.413 1.00 19.21 ? 22   DG  B C8    1 
ATOM   439 N  N7    . DG  B 1 10 ? -0.158  2.745   -11.716 1.00 17.06 ? 22   DG  B N7    1 
ATOM   440 C  C5    . DG  B 1 10 ? -1.357  3.165   -11.175 1.00 16.13 ? 22   DG  B C5    1 
ATOM   441 C  C6    . DG  B 1 10 ? -1.703  4.237   -10.318 1.00 16.60 ? 22   DG  B C6    1 
ATOM   442 O  O6    . DG  B 1 10 ? -0.902  5.096   -9.822  1.00 17.96 ? 22   DG  B O6    1 
ATOM   443 N  N1    . DG  B 1 10 ? -3.072  4.393   -10.065 1.00 16.70 ? 22   DG  B N1    1 
ATOM   444 C  C2    . DG  B 1 10 ? -4.031  3.518   -10.553 1.00 17.13 ? 22   DG  B C2    1 
ATOM   445 N  N2    . DG  B 1 10 ? -5.298  3.783   -10.217 1.00 17.25 ? 22   DG  B N2    1 
ATOM   446 N  N3    . DG  B 1 10 ? -3.736  2.487   -11.366 1.00 17.56 ? 22   DG  B N3    1 
ATOM   447 C  C4    . DG  B 1 10 ? -2.411  2.366   -11.622 1.00 16.99 ? 22   DG  B C4    1 
ATOM   448 P  P     . DC  B 1 11 ? -4.636  -1.349  -16.430 1.00 33.21 ? 23   DC  B P     1 
ATOM   449 O  OP1   . DC  B 1 11 ? -4.773  -2.790  -16.583 1.00 36.48 ? 23   DC  B OP1   1 
ATOM   450 O  OP2   . DC  B 1 11 ? -3.723  -0.585  -17.350 1.00 36.71 ? 23   DC  B OP2   1 
ATOM   451 O  "O5'" . DC  B 1 11 ? -6.068  -0.634  -16.407 1.00 29.99 ? 23   DC  B "O5'" 1 
ATOM   452 C  "C5'" . DC  B 1 11 ? -7.048  -0.910  -15.400 1.00 27.54 ? 23   DC  B "C5'" 1 
ATOM   453 C  "C4'" . DC  B 1 11 ? -7.852  0.354   -15.222 1.00 25.39 ? 23   DC  B "C4'" 1 
ATOM   454 O  "O4'" . DC  B 1 11 ? -6.996  1.236   -14.370 1.00 25.61 ? 23   DC  B "O4'" 1 
ATOM   455 C  "C3'" . DC  B 1 11 ? -8.195  0.996   -16.574 1.00 26.35 ? 23   DC  B "C3'" 1 
ATOM   456 O  "O3'" . DC  B 1 11 ? -9.529  1.302   -16.596 1.00 26.60 ? 23   DC  B "O3'" 1 
ATOM   457 C  "C2'" . DC  B 1 11 ? -7.308  2.213   -16.549 1.00 25.49 ? 23   DC  B "C2'" 1 
ATOM   458 C  "C1'" . DC  B 1 11 ? -7.074  2.480   -15.054 1.00 24.15 ? 23   DC  B "C1'" 1 
ATOM   459 N  N1    . DC  B 1 11 ? -5.728  3.121   -14.737 1.00 20.43 ? 23   DC  B N1    1 
ATOM   460 C  C2    . DC  B 1 11 ? -5.641  4.274   -13.933 1.00 17.07 ? 23   DC  B C2    1 
ATOM   461 O  O2    . DC  B 1 11 ? -6.618  4.769   -13.427 1.00 19.02 ? 23   DC  B O2    1 
ATOM   462 N  N3    . DC  B 1 11 ? -4.412  4.850   -13.776 1.00 16.82 ? 23   DC  B N3    1 
ATOM   463 C  C4    . DC  B 1 11 ? -3.368  4.326   -14.380 1.00 17.68 ? 23   DC  B C4    1 
ATOM   464 N  N4    . DC  B 1 11 ? -2.179  4.903   -14.161 1.00 18.51 ? 23   DC  B N4    1 
ATOM   465 C  C5    . DC  B 1 11 ? -3.431  3.180   -15.227 1.00 20.15 ? 23   DC  B C5    1 
ATOM   466 C  C6    . DC  B 1 11 ? -4.610  2.628   -15.381 1.00 19.97 ? 23   DC  B C6    1 
ATOM   467 P  P     . DG  B 1 12 ? -10.203 1.888   -17.916 1.00 31.09 ? 24   DG  B P     1 
ATOM   468 O  OP1   . DG  B 1 12 ? -11.539 1.286   -18.048 1.00 36.60 ? 24   DG  B OP1   1 
ATOM   469 O  OP2   . DG  B 1 12 ? -9.211  1.836   -18.965 1.00 33.48 ? 24   DG  B OP2   1 
ATOM   470 O  "O5'" . DG  B 1 12 ? -10.342 3.426   -17.572 1.00 25.00 ? 24   DG  B "O5'" 1 
ATOM   471 C  "C5'" . DG  B 1 12 ? -11.266 3.821   -16.576 1.00 23.17 ? 24   DG  B "C5'" 1 
ATOM   472 C  "C4'" . DG  B 1 12 ? -11.001 5.234   -16.140 1.00 20.68 ? 24   DG  B "C4'" 1 
ATOM   473 O  "O4'" . DG  B 1 12 ? -9.725  5.294   -15.487 1.00 20.91 ? 24   DG  B "O4'" 1 
ATOM   474 C  "C3'" . DG  B 1 12 ? -10.886 6.314   -17.209 1.00 20.35 ? 24   DG  B "C3'" 1 
ATOM   475 O  "O3'" . DG  B 1 12 ? -12.189 6.690   -17.682 1.00 23.20 ? 24   DG  B "O3'" 1 
ATOM   476 C  "C2'" . DG  B 1 12 ? -10.196 7.444   -16.450 1.00 21.95 ? 24   DG  B "C2'" 1 
ATOM   477 C  "C1'" . DG  B 1 12 ? -9.230  6.626   -15.632 1.00 20.07 ? 24   DG  B "C1'" 1 
ATOM   478 N  N9    . DG  B 1 12 ? -7.862  6.517   -16.131 1.00 20.00 ? 24   DG  B N9    1 
ATOM   479 C  C8    . DG  B 1 12 ? -7.365  5.599   -16.976 1.00 22.77 ? 24   DG  B C8    1 
ATOM   480 N  N7    . DG  B 1 12 ? -6.082  5.700   -17.194 1.00 22.43 ? 24   DG  B N7    1 
ATOM   481 C  C5    . DG  B 1 12 ? -5.709  6.763   -16.376 1.00 18.84 ? 24   DG  B C5    1 
ATOM   482 C  C6    . DG  B 1 12 ? -4.439  7.330   -16.101 1.00 19.51 ? 24   DG  B C6    1 
ATOM   483 O  O6    . DG  B 1 12 ? -3.328  7.047   -16.549 1.00 21.38 ? 24   DG  B O6    1 
ATOM   484 N  N1    . DG  B 1 12 ? -4.554  8.408   -15.229 1.00 20.32 ? 24   DG  B N1    1 
ATOM   485 C  C2    . DG  B 1 12 ? -5.698  8.878   -14.650 1.00 19.29 ? 24   DG  B C2    1 
ATOM   486 N  N2    . DG  B 1 12 ? -5.612  9.976   -13.837 1.00 19.07 ? 24   DG  B N2    1 
ATOM   487 N  N3    . DG  B 1 12 ? -6.878  8.318   -14.895 1.00 18.27 ? 24   DG  B N3    1 
ATOM   488 C  C4    . DG  B 1 12 ? -6.781  7.274   -15.720 1.00 17.92 ? 24   DG  B C4    1 
HETATM 489 MG MG    . MG  C 2 .  ? 2.226   7.716   -10.917 1.00 18.15 ? 100  MG  A MG    1 
HETATM 490 O  O     . HOH D 3 .  ? -0.650  12.982  -16.303 1.00 28.09 ? 2001 HOH A O     1 
HETATM 491 O  O     . HOH D 3 .  ? -0.126  10.762  -17.399 1.00 41.27 ? 2002 HOH A O     1 
HETATM 492 O  O     . HOH D 3 .  ? 1.703   6.452   -14.784 1.00 34.27 ? 2003 HOH A O     1 
HETATM 493 O  O     . HOH D 3 .  ? 0.767   7.076   -12.216 1.00 18.72 ? 2004 HOH A O     1 
HETATM 494 O  O     . HOH D 3 .  ? 2.099   13.417  -16.722 1.00 31.74 ? 2005 HOH A O     1 
HETATM 495 O  O     . HOH D 3 .  ? 3.047   9.844   -16.839 1.00 45.32 ? 2006 HOH A O     1 
HETATM 496 O  O     . HOH D 3 .  ? 4.012   8.440   -14.863 1.00 28.29 ? 2007 HOH A O     1 
HETATM 497 O  O     . HOH D 3 .  ? -1.197  11.716  -5.473  1.00 41.36 ? 2008 HOH A O     1 
HETATM 498 O  O     . HOH D 3 .  ? -1.405  -4.575  -6.908  1.00 36.97 ? 2009 HOH A O     1 
HETATM 499 O  O     . HOH D 3 .  ? 4.021   -5.887  -5.928  1.00 42.69 ? 2010 HOH A O     1 
HETATM 500 O  O     . HOH D 3 .  ? 6.023   -2.048  -0.590  1.00 27.06 ? 2011 HOH A O     1 
HETATM 501 O  O     . HOH D 3 .  ? -0.452  12.763  -7.841  1.00 28.91 ? 2012 HOH A O     1 
HETATM 502 O  O     . HOH D 3 .  ? 1.022   9.278   -10.297 1.00 19.15 ? 2013 HOH A O     1 
HETATM 503 O  O     . HOH D 3 .  ? 1.682   -10.373 3.399   1.00 36.14 ? 2014 HOH A O     1 
HETATM 504 O  O     . HOH D 3 .  ? -1.407  -8.579  6.375   1.00 40.51 ? 2015 HOH A O     1 
HETATM 505 O  O     . HOH D 3 .  ? 6.172   1.113   8.606   1.00 28.99 ? 2016 HOH A O     1 
HETATM 506 O  O     . HOH D 3 .  ? -6.839  16.606  -6.040  1.00 38.06 ? 2017 HOH A O     1 
HETATM 507 O  O     . HOH D 3 .  ? -3.765  10.881  -4.153  1.00 39.64 ? 2018 HOH A O     1 
HETATM 508 O  O     . HOH D 3 .  ? 1.427   6.443   -9.534  1.00 20.56 ? 2019 HOH A O     1 
HETATM 509 O  O     . HOH D 3 .  ? 0.106   8.674   -5.943  1.00 39.58 ? 2020 HOH A O     1 
HETATM 510 O  O     . HOH D 3 .  ? -6.697  9.644   -1.787  1.00 55.74 ? 2021 HOH A O     1 
HETATM 511 O  O     . HOH D 3 .  ? -1.486  6.777   -4.272  1.00 42.78 ? 2022 HOH A O     1 
HETATM 512 O  O     . HOH D 3 .  ? -12.554 3.420   -8.001  1.00 41.66 ? 2023 HOH A O     1 
HETATM 513 O  O     . HOH D 3 .  ? -4.577  -2.479  -7.164  1.00 41.60 ? 2024 HOH A O     1 
HETATM 514 O  O     . HOH D 3 .  ? -7.313  -5.010  -1.258  1.00 30.24 ? 2025 HOH A O     1 
HETATM 515 O  O     . HOH D 3 .  ? -2.578  -8.550  -7.929  1.00 45.32 ? 2026 HOH A O     1 
HETATM 516 O  O     . HOH D 3 .  ? -6.331  -0.949  0.395   1.00 36.33 ? 2027 HOH A O     1 
HETATM 517 O  O     . HOH D 3 .  ? -5.213  1.157   1.146   1.00 40.12 ? 2028 HOH A O     1 
HETATM 518 O  O     . HOH D 3 .  ? 0.238   -3.373  -5.169  1.00 21.83 ? 2029 HOH A O     1 
HETATM 519 O  O     . HOH D 3 .  ? -10.481 -7.691  -7.955  1.00 33.10 ? 2030 HOH A O     1 
HETATM 520 O  O     . HOH D 3 .  ? -0.167  -10.719 -6.030  1.00 46.38 ? 2031 HOH A O     1 
HETATM 521 O  O     . HOH D 3 .  ? -2.947  -8.422  -0.552  1.00 25.28 ? 2032 HOH A O     1 
HETATM 522 O  O     . HOH D 3 .  ? 2.787   -4.205  -4.319  1.00 26.61 ? 2033 HOH A O     1 
HETATM 523 O  O     . HOH D 3 .  ? 3.700   -2.681  -2.082  1.00 20.22 ? 2034 HOH A O     1 
HETATM 524 O  O     . HOH D 3 .  ? -4.748  -2.434  2.863   1.00 32.95 ? 2035 HOH A O     1 
HETATM 525 O  O     . HOH D 3 .  ? -4.818  -11.097 -6.186  1.00 24.40 ? 2036 HOH A O     1 
HETATM 526 O  O     . HOH D 3 .  ? 3.289   -9.349  1.408   1.00 32.40 ? 2037 HOH A O     1 
HETATM 527 O  O     . HOH D 3 .  ? 5.441   -1.097  1.976   1.00 21.79 ? 2038 HOH A O     1 
HETATM 528 O  O     . HOH D 3 .  ? -2.624  -5.959  4.308   1.00 31.24 ? 2039 HOH A O     1 
HETATM 529 O  O     . HOH D 3 .  ? 8.446   -2.566  -1.583  1.00 48.28 ? 2040 HOH A O     1 
HETATM 530 O  O     . HOH D 3 .  ? 9.379   1.335   3.963   1.00 37.29 ? 2041 HOH A O     1 
HETATM 531 O  O     . HOH D 3 .  ? 5.228   0.241   6.161   1.00 24.03 ? 2042 HOH A O     1 
HETATM 532 O  O     . HOH D 3 .  ? 1.185   -8.782  5.693   1.00 27.25 ? 2043 HOH A O     1 
HETATM 533 O  O     . HOH D 3 .  ? 5.765   -10.212 1.813   1.00 48.41 ? 2044 HOH A O     1 
HETATM 534 O  O     . HOH D 3 .  ? 13.194  0.833   6.830   1.00 40.93 ? 2045 HOH A O     1 
HETATM 535 O  O     . HOH D 3 .  ? 5.691   -0.808  10.420  1.00 26.73 ? 2046 HOH A O     1 
HETATM 536 O  O     . HOH D 3 .  ? 7.056   -8.548  7.026   1.00 40.39 ? 2047 HOH A O     1 
HETATM 537 O  O     . HOH D 3 .  ? 4.268   -9.778  8.444   1.00 48.96 ? 2048 HOH A O     1 
HETATM 538 O  O     . HOH D 3 .  ? 11.436  -3.674  13.605  1.00 50.85 ? 2049 HOH A O     1 
HETATM 539 O  O     . HOH D 3 .  ? 9.423   -6.706  11.679  1.00 38.74 ? 2050 HOH A O     1 
HETATM 540 O  O     . HOH D 3 .  ? 3.462   9.913   -7.427  1.00 33.06 ? 2051 HOH A O     1 
HETATM 541 O  O     . HOH D 3 .  ? 8.297   2.858   8.634   1.00 39.99 ? 2052 HOH A O     1 
HETATM 542 O  O     . HOH D 3 .  ? 2.011   2.581   21.553  1.00 28.87 ? 2053 HOH A O     1 
HETATM 543 O  O     . HOH D 3 .  ? 6.100   0.904   22.796  1.00 29.89 ? 2054 HOH A O     1 
HETATM 544 O  O     . HOH D 3 .  ? 4.981   3.547   20.745  1.00 42.58 ? 2055 HOH A O     1 
HETATM 545 O  O     . HOH D 3 .  ? 10.266  -3.802  16.601  1.00 41.90 ? 2056 HOH A O     1 
HETATM 546 O  O     . HOH D 3 .  ? 4.993   5.912   14.813  1.00 41.98 ? 2057 HOH A O     1 
HETATM 547 O  O     . HOH D 3 .  ? 3.459   6.252   -11.702 1.00 20.15 ? 2058 HOH A O     1 
HETATM 548 O  O     . HOH D 3 .  ? 3.095   9.006   -12.274 1.00 18.32 ? 2059 HOH A O     1 
HETATM 549 O  O     . HOH D 3 .  ? 3.614   8.232   -9.470  1.00 19.67 ? 2060 HOH A O     1 
HETATM 550 O  O     . HOH E 3 .  ? 5.047   -17.764 14.488  1.00 48.38 ? 2001 HOH B O     1 
HETATM 551 O  O     . HOH E 3 .  ? -2.844  -14.635 16.412  1.00 43.33 ? 2002 HOH B O     1 
HETATM 552 O  O     . HOH E 3 .  ? -1.319  -16.876 13.765  1.00 48.80 ? 2003 HOH B O     1 
HETATM 553 O  O     . HOH E 3 .  ? 2.506   -10.799 10.476  1.00 35.15 ? 2004 HOH B O     1 
HETATM 554 O  O     . HOH E 3 .  ? 5.518   -9.873  11.932  1.00 48.33 ? 2005 HOH B O     1 
HETATM 555 O  O     . HOH E 3 .  ? -5.708  -6.007  9.999   1.00 53.14 ? 2006 HOH B O     1 
HETATM 556 O  O     . HOH E 3 .  ? -0.364  -10.209 8.678   1.00 43.31 ? 2007 HOH B O     1 
HETATM 557 O  O     . HOH E 3 .  ? -6.690  0.529   14.957  1.00 48.14 ? 2008 HOH B O     1 
HETATM 558 O  O     . HOH E 3 .  ? -4.085  -2.020  5.626   1.00 44.87 ? 2009 HOH B O     1 
HETATM 559 O  O     . HOH E 3 .  ? -2.052  -6.144  6.963   1.00 34.62 ? 2010 HOH B O     1 
HETATM 560 O  O     . HOH E 3 .  ? -3.726  0.544   6.019   1.00 40.14 ? 2011 HOH B O     1 
HETATM 561 O  O     . HOH E 3 .  ? 1.798   6.416   3.988   1.00 40.69 ? 2012 HOH B O     1 
HETATM 562 O  O     . HOH E 3 .  ? 6.872   0.360   3.869   1.00 25.42 ? 2013 HOH B O     1 
HETATM 563 O  O     . HOH E 3 .  ? -1.754  3.861   3.939   1.00 36.27 ? 2014 HOH B O     1 
HETATM 564 O  O     . HOH E 3 .  ? -3.362  1.884   3.384   1.00 34.71 ? 2015 HOH B O     1 
HETATM 565 O  O     . HOH E 3 .  ? 4.889   5.818   -0.714  1.00 37.40 ? 2016 HOH B O     1 
HETATM 566 O  O     . HOH E 3 .  ? 3.993   7.600   2.150   1.00 45.41 ? 2017 HOH B O     1 
HETATM 567 O  O     . HOH E 3 .  ? -2.048  4.678   0.786   1.00 40.02 ? 2018 HOH B O     1 
HETATM 568 O  O     . HOH E 3 .  ? 5.712   3.274   -6.136  1.00 28.75 ? 2019 HOH B O     1 
HETATM 569 O  O     . HOH E 3 .  ? 9.544   3.850   -6.568  1.00 42.35 ? 2020 HOH B O     1 
HETATM 570 O  O     . HOH E 3 .  ? 6.708   5.550   -3.018  1.00 43.20 ? 2021 HOH B O     1 
HETATM 571 O  O     . HOH E 3 .  ? -0.045  5.973   -2.698  1.00 38.14 ? 2022 HOH B O     1 
HETATM 572 O  O     . HOH E 3 .  ? 4.243   0.641   -10.566 1.00 44.22 ? 2023 HOH B O     1 
HETATM 573 O  O     . HOH E 3 .  ? -1.370  -6.409  -11.129 1.00 41.83 ? 2024 HOH B O     1 
HETATM 574 O  O     . HOH E 3 .  ? -3.427  -1.760  -9.703  1.00 40.85 ? 2025 HOH B O     1 
HETATM 575 O  O     . HOH E 3 .  ? 1.981   6.228   -6.904  1.00 23.15 ? 2026 HOH B O     1 
HETATM 576 O  O     . HOH E 3 .  ? 4.964   -5.608  -11.268 1.00 46.98 ? 2027 HOH B O     1 
HETATM 577 O  O     . HOH E 3 .  ? 4.417   -3.394  -13.125 1.00 28.27 ? 2028 HOH B O     1 
HETATM 578 O  O     . HOH E 3 .  ? 1.754   -0.371  -14.172 1.00 31.86 ? 2029 HOH B O     1 
HETATM 579 O  O     . HOH E 3 .  ? 2.434   3.627   -11.938 1.00 24.19 ? 2030 HOH B O     1 
HETATM 580 O  O     . HOH E 3 .  ? 0.012   3.468   -15.722 1.00 28.52 ? 2031 HOH B O     1 
HETATM 581 O  O     . HOH E 3 .  ? -7.597  2.990   -20.021 1.00 39.44 ? 2032 HOH B O     1 
HETATM 582 O  O     . HOH E 3 .  ? -14.690 5.335   -17.274 1.00 36.06 ? 2033 HOH B O     1 
HETATM 583 O  O     . HOH E 3 .  ? -5.269  3.784   -18.878 1.00 34.13 ? 2034 HOH B O     1 
# 
loop_
_atom_site_anisotrop.id 
_atom_site_anisotrop.type_symbol 
_atom_site_anisotrop.pdbx_label_atom_id 
_atom_site_anisotrop.pdbx_label_alt_id 
_atom_site_anisotrop.pdbx_label_comp_id 
_atom_site_anisotrop.pdbx_label_asym_id 
_atom_site_anisotrop.pdbx_label_seq_id 
_atom_site_anisotrop.pdbx_PDB_ins_code 
_atom_site_anisotrop.U[1][1] 
_atom_site_anisotrop.U[2][2] 
_atom_site_anisotrop.U[3][3] 
_atom_site_anisotrop.U[1][2] 
_atom_site_anisotrop.U[1][3] 
_atom_site_anisotrop.U[2][3] 
_atom_site_anisotrop.pdbx_auth_seq_id 
_atom_site_anisotrop.pdbx_auth_comp_id 
_atom_site_anisotrop.pdbx_auth_asym_id 
_atom_site_anisotrop.pdbx_auth_atom_id 
1   O  "O5'" . DC  A 1  ? 0.4172 0.4131 0.3959 -0.0927 0.0293  0.0559  1    DC  A "O5'" 
2   C  "C5'" . DC  A 1  ? 0.3239 0.3473 0.3321 -0.1119 0.0464  0.0321  1    DC  A "C5'" 
3   C  "C4'" . DC  A 1  ? 0.2869 0.3611 0.3405 -0.0757 0.0052  0.0324  1    DC  A "C4'" 
4   O  "O4'" . DC  A 1  ? 0.3174 0.3402 0.3303 -0.0625 -0.0419 0.0518  1    DC  A "O4'" 
5   C  "C3'" . DC  A 1  ? 0.2340 0.3322 0.3460 -0.0539 0.0270  0.0410  1    DC  A "C3'" 
6   O  "O3'" . DC  A 1  ? 0.2993 0.3078 0.3923 -0.0387 0.0290  0.0307  1    DC  A "O3'" 
7   C  "C2'" . DC  A 1  ? 0.2445 0.3417 0.3412 -0.0604 0.0217  0.0549  1    DC  A "C2'" 
8   C  "C1'" . DC  A 1  ? 0.1876 0.3314 0.3436 -0.0259 -0.0026 0.0355  1    DC  A "C1'" 
9   N  N1    . DC  A 1  ? 0.1969 0.2717 0.3473 -0.0269 -0.0292 0.0274  1    DC  A N1    
10  C  C2    . DC  A 1  ? 0.1893 0.2467 0.3332 -0.0035 -0.0203 0.0369  1    DC  A C2    
11  O  O2    . DC  A 1  ? 0.2178 0.2720 0.4062 -0.0035 -0.0473 0.0271  1    DC  A O2    
12  N  N3    . DC  A 1  ? 0.2432 0.2939 0.2637 -0.0161 -0.0204 0.0462  1    DC  A N3    
13  C  C4    . DC  A 1  ? 0.2396 0.2693 0.2496 -0.0120 -0.0068 0.0544  1    DC  A C4    
14  N  N4    . DC  A 1  ? 0.2322 0.3629 0.2484 -0.0204 0.0016  0.0842  1    DC  A N4    
15  C  C5    . DC  A 1  ? 0.2297 0.3241 0.2884 0.0027  -0.0116 0.0442  1    DC  A C5    
16  C  C6    . DC  A 1  ? 0.2228 0.2460 0.3179 -0.0107 -0.0164 0.0438  1    DC  A C6    
17  P  P     . DG  A 2  ? 0.3113 0.3655 0.4407 -0.0375 0.0296  0.0043  2    DG  A P     
18  O  OP1   . DG  A 2  ? 0.3758 0.3763 0.4771 -0.0514 0.0154  -0.0195 2    DG  A OP1   
19  O  OP2   . DG  A 2  ? 0.3089 0.4372 0.4141 -0.0347 0.0042  -0.0135 2    DG  A OP2   
20  O  "O5'" . DG  A 2  ? 0.2185 0.3853 0.4327 -0.0617 0.0396  0.0210  2    DG  A "O5'" 
21  C  "C5'" . DG  A 2  ? 0.2532 0.3446 0.3928 -0.0387 0.0288  0.0133  2    DG  A "C5'" 
22  C  "C4'" . DG  A 2  ? 0.3087 0.2272 0.3315 -0.0447 0.0008  0.0075  2    DG  A "C4'" 
23  O  "O4'" . DG  A 2  ? 0.2948 0.2595 0.2561 0.0290  0.0219  -0.0007 2    DG  A "O4'" 
24  C  "C3'" . DG  A 2  ? 0.2539 0.2558 0.2858 -0.0192 0.0347  -0.0212 2    DG  A "C3'" 
25  O  "O3'" . DG  A 2  ? 0.2379 0.3175 0.2696 -0.0036 0.0477  -0.0529 2    DG  A "O3'" 
26  C  "C2'" . DG  A 2  ? 0.2770 0.2570 0.2634 -0.0326 0.0282  -0.0155 2    DG  A "C2'" 
27  C  "C1'" . DG  A 2  ? 0.2781 0.2375 0.2234 -0.0384 0.0279  -0.0203 2    DG  A "C1'" 
28  N  N9    . DG  A 2  ? 0.1985 0.2210 0.2261 -0.0251 0.0186  -0.0214 2    DG  A N9    
29  C  C8    . DG  A 2  ? 0.2087 0.2380 0.2567 -0.0027 0.0108  -0.0253 2    DG  A C8    
30  N  N7    . DG  A 2  ? 0.2058 0.1885 0.2455 -0.0135 0.0254  0.0109  2    DG  A N7    
31  C  C5    . DG  A 2  ? 0.1771 0.1841 0.2192 0.0006  0.0398  0.0225  2    DG  A C5    
32  C  C6    . DG  A 2  ? 0.2356 0.1826 0.1978 0.0060  0.0090  0.0171  2    DG  A C6    
33  O  O6    . DG  A 2  ? 0.2346 0.2074 0.2068 -0.0066 0.0162  0.0148  2    DG  A O6    
34  N  N1    . DG  A 2  ? 0.2005 0.1814 0.1937 0.0010  0.0079  0.0133  2    DG  A N1    
35  C  C2    . DG  A 2  ? 0.2142 0.1901 0.2073 -0.0099 0.0073  0.0188  2    DG  A C2    
36  N  N2    . DG  A 2  ? 0.1883 0.1987 0.2145 -0.0071 0.0126  0.0048  2    DG  A N2    
37  N  N3    . DG  A 2  ? 0.1922 0.2057 0.2170 -0.0126 0.0133  -0.0059 2    DG  A N3    
38  C  C4    . DG  A 2  ? 0.2069 0.1786 0.2201 0.0033  0.0137  0.0017  2    DG  A C4    
39  P  P     . DC  A 3  ? 0.2625 0.3432 0.2973 -0.0011 0.0239  -0.0633 3    DC  A P     
40  O  OP1   . DC  A 3  ? 0.3210 0.3297 0.3199 -0.0020 0.0537  -0.0415 3    DC  A OP1   
41  O  OP2   . DC  A 3  ? 0.3018 0.4540 0.2999 -0.0212 0.0055  -0.0438 3    DC  A OP2   
42  O  "O5'" . DC  A 3  ? 0.2633 0.2787 0.2765 0.0152  -0.0032 -0.0230 3    DC  A "O5'" 
43  C  "C5'" . DC  A 3  ? 0.2630 0.2565 0.2612 0.0268  -0.0077 -0.0053 3    DC  A "C5'" 
44  C  "C4'" . DC  A 3  ? 0.3030 0.2399 0.2356 0.0262  0.0149  -0.0058 3    DC  A "C4'" 
45  O  "O4'" . DC  A 3  ? 0.3014 0.2538 0.2300 0.0280  0.0197  0.0074  3    DC  A "O4'" 
46  C  "C3'" . DC  A 3  ? 0.3240 0.2334 0.2498 0.0220  0.0796  0.0152  3    DC  A "C3'" 
47  O  "O3'" . DC  A 3  ? 0.3125 0.2889 0.3327 0.0318  0.0754  0.0371  3    DC  A "O3'" 
48  C  "C2'" . DC  A 3  ? 0.3073 0.2598 0.3093 0.0394  0.0459  0.0378  3    DC  A "C2'" 
49  C  "C1'" . DC  A 3  ? 0.2955 0.2109 0.2602 0.0468  0.0080  -0.0186 3    DC  A "C1'" 
50  N  N1    . DC  A 3  ? 0.2490 0.2097 0.2535 0.0161  0.0014  0.0196  3    DC  A N1    
51  C  C2    . DC  A 3  ? 0.2341 0.1872 0.2207 0.0205  -0.0133 0.0324  3    DC  A C2    
52  O  O2    . DC  A 3  ? 0.2369 0.1827 0.2202 0.0268  0.0038  0.0130  3    DC  A O2    
53  N  N3    . DC  A 3  ? 0.2515 0.1866 0.2102 -0.0008 -0.0152 0.0392  3    DC  A N3    
54  C  C4    . DC  A 3  ? 0.2699 0.1969 0.2353 0.0225  -0.0055 0.0343  3    DC  A C4    
55  N  N4    . DC  A 3  ? 0.2720 0.2130 0.2377 0.0139  0.0215  0.0371  3    DC  A N4    
56  C  C5    . DC  A 3  ? 0.3026 0.2170 0.2567 0.0134  -0.0233 0.0208  3    DC  A C5    
57  C  C6    . DC  A 3  ? 0.2807 0.2257 0.2404 0.0084  -0.0070 0.0196  3    DC  A C6    
58  P  P     . DG  A 4  ? 0.3635 0.3335 0.3576 0.0298  0.1047  0.0394  4    DG  A P     
59  O  OP1   . DG  A 4  ? 0.3925 0.3848 0.4045 0.0323  0.1104  0.0156  4    DG  A OP1   
60  O  OP2   . DG  A 4  ? 0.4388 0.3789 0.3636 -0.0159 0.0755  0.0225  4    DG  A OP2   
61  O  "O5'" . DG  A 4  ? 0.3471 0.2822 0.3668 0.0471  0.0638  0.0266  4    DG  A "O5'" 
62  C  "C5'" . DG  A 4  ? 0.2595 0.3202 0.3895 0.0290  0.0394  0.0499  4    DG  A "C5'" 
63  C  "C4'" . DG  A 4  ? 0.3130 0.3318 0.3592 -0.0187 0.0282  0.0491  4    DG  A "C4'" 
64  O  "O4'" . DG  A 4  ? 0.2921 0.3161 0.3074 0.0307  0.0325  0.0426  4    DG  A "O4'" 
65  C  "C3'" . DG  A 4  ? 0.3996 0.2805 0.3751 -0.0097 0.0381  0.0524  4    DG  A "C3'" 
66  O  "O3'" . DG  A 4  ? 0.4909 0.2950 0.4111 -0.0448 0.0539  0.0318  4    DG  A "O3'" 
67  C  "C2'" . DG  A 4  ? 0.3111 0.3094 0.3319 0.0280  0.0394  0.0538  4    DG  A "C2'" 
68  C  "C1'" . DG  A 4  ? 0.2692 0.3028 0.3197 0.0463  0.0298  0.0660  4    DG  A "C1'" 
69  N  N9    . DG  A 4  ? 0.2951 0.2803 0.2727 0.0473  0.0119  0.0667  4    DG  A N9    
70  C  C8    . DG  A 4  ? 0.3290 0.2748 0.2612 0.0492  0.0105  0.0632  4    DG  A C8    
71  N  N7    . DG  A 4  ? 0.3238 0.2839 0.2460 0.0536  0.0056  0.0672  4    DG  A N7    
72  C  C5    . DG  A 4  ? 0.3205 0.2499 0.2420 0.0360  -0.0140 0.0665  4    DG  A C5    
73  C  C6    . DG  A 4  ? 0.3315 0.2466 0.2312 0.0081  -0.0187 0.0788  4    DG  A C6    
74  O  O6    . DG  A 4  ? 0.2766 0.2506 0.2587 0.0345  -0.0168 0.0630  4    DG  A O6    
75  N  N1    . DG  A 4  ? 0.2821 0.2326 0.2038 0.0028  -0.0088 0.0469  4    DG  A N1    
76  C  C2    . DG  A 4  ? 0.2448 0.2152 0.2270 0.0367  0.0173  0.0416  4    DG  A C2    
77  N  N2    . DG  A 4  ? 0.2628 0.2375 0.2547 0.0365  -0.0037 0.0611  4    DG  A N2    
78  N  N3    . DG  A 4  ? 0.2533 0.2448 0.2476 0.0314  0.0231  0.0573  4    DG  A N3    
79  C  C4    . DG  A 4  ? 0.3169 0.2398 0.2587 0.0429  0.0018  0.0827  4    DG  A C4    
80  P  P     . DA  A 5  ? 0.4724 0.3406 0.4391 -0.1039 0.0626  0.0414  5    DA  A P     
81  O  OP1   . DA  A 5  ? 0.4339 0.4385 0.4834 -0.0542 0.0720  0.0326  5    DA  A OP1   
82  O  OP2   . DA  A 5  ? 0.5523 0.4466 0.4497 -0.1075 0.0685  0.0362  5    DA  A OP2   
83  O  "O5'" . DA  A 5  ? 0.3941 0.2940 0.4465 -0.0316 0.0201  0.0611  5    DA  A "O5'" 
84  C  "C5'" . DA  A 5  ? 0.2742 0.3044 0.4368 0.0388  0.0258  0.0909  5    DA  A "C5'" 
85  C  "C4'" . DA  A 5  ? 0.2652 0.3230 0.4161 0.0219  0.0096  0.1096  5    DA  A "C4'" 
86  O  "O4'" . DA  A 5  ? 0.2699 0.3280 0.4091 0.0228  -0.0058 0.1417  5    DA  A "O4'" 
87  C  "C3'" . DA  A 5  ? 0.2811 0.2474 0.4075 0.0035  -0.0184 0.0745  5    DA  A "C3'" 
88  O  "O3'" . DA  A 5  ? 0.2811 0.3023 0.4158 0.0196  -0.0463 0.0584  5    DA  A "O3'" 
89  C  "C2'" . DA  A 5  ? 0.2374 0.2988 0.3917 -0.0149 -0.0130 0.1064  5    DA  A "C2'" 
90  C  "C1'" . DA  A 5  ? 0.2314 0.3044 0.3668 0.0265  -0.0026 0.1050  5    DA  A "C1'" 
91  N  N9    . DA  A 5  ? 0.2281 0.2775 0.3168 0.0337  0.0099  0.0877  5    DA  A N9    
92  C  C8    . DA  A 5  ? 0.2806 0.3067 0.3089 0.0492  0.0040  0.0892  5    DA  A C8    
93  N  N7    . DA  A 5  ? 0.2711 0.3164 0.3003 0.0367  0.0049  0.1245  5    DA  A N7    
94  C  C5    . DA  A 5  ? 0.2346 0.2598 0.2561 0.0423  0.0229  0.1017  5    DA  A C5    
95  C  C6    . DA  A 5  ? 0.2851 0.2664 0.2459 0.0442  -0.0030 0.0996  5    DA  A C6    
96  N  N6    . DA  A 5  ? 0.2923 0.3110 0.2335 0.0046  0.0047  0.1201  5    DA  A N6    
97  N  N1    . DA  A 5  ? 0.2937 0.2281 0.2288 0.0340  0.0007  0.0580  5    DA  A N1    
98  C  C2    . DA  A 5  ? 0.2679 0.2441 0.2407 0.0273  0.0239  0.0725  5    DA  A C2    
99  N  N3    . DA  A 5  ? 0.2400 0.2933 0.2462 0.0118  0.0189  0.0726  5    DA  A N3    
100 C  C4    . DA  A 5  ? 0.2478 0.2837 0.2861 0.0513  0.0105  0.0982  5    DA  A C4    
101 P  P     . DA  A 6  ? 0.3011 0.2534 0.3841 -0.0087 -0.0351 0.0395  6    DA  A P     
102 O  OP1   . DA  A 6  ? 0.3391 0.2795 0.4335 -0.0053 -0.0930 0.0346  6    DA  A OP1   
103 O  OP2   . DA  A 6  ? 0.2786 0.2838 0.3871 0.0225  -0.0020 0.0433  6    DA  A OP2   
104 O  "O5'" . DA  A 6  ? 0.2651 0.2550 0.3364 0.0111  -0.0163 0.0607  6    DA  A "O5'" 
105 C  "C5'" . DA  A 6  ? 0.2879 0.2558 0.3049 -0.0466 -0.0575 0.0434  6    DA  A "C5'" 
106 C  "C4'" . DA  A 6  ? 0.2733 0.2212 0.2735 -0.0430 -0.0566 0.0415  6    DA  A "C4'" 
107 O  "O4'" . DA  A 6  ? 0.3108 0.2175 0.2480 -0.0578 -0.0627 0.0367  6    DA  A "O4'" 
108 C  "C3'" . DA  A 6  ? 0.2419 0.2078 0.2594 -0.0240 -0.0388 0.0222  6    DA  A "C3'" 
109 O  "O3'" . DA  A 6  ? 0.2680 0.2342 0.2487 -0.0393 -0.0349 0.0098  6    DA  A "O3'" 
110 C  "C2'" . DA  A 6  ? 0.2446 0.1772 0.2583 -0.0035 -0.0439 0.0167  6    DA  A "C2'" 
111 C  "C1'" . DA  A 6  ? 0.2400 0.1969 0.2357 -0.0234 -0.0545 0.0168  6    DA  A "C1'" 
112 N  N9    . DA  A 6  ? 0.2147 0.1693 0.2049 -0.0050 -0.0101 0.0270  6    DA  A N9    
113 C  C8    . DA  A 6  ? 0.2315 0.2129 0.2179 0.0161  -0.0264 0.0453  6    DA  A C8    
114 N  N7    . DA  A 6  ? 0.2344 0.1911 0.2193 -0.0175 -0.0328 0.0518  6    DA  A N7    
115 C  C5    . DA  A 6  ? 0.2191 0.2056 0.2012 -0.0100 -0.0249 0.0540  6    DA  A C5    
116 C  C6    . DA  A 6  ? 0.2365 0.2004 0.1866 0.0154  -0.0191 0.0514  6    DA  A C6    
117 N  N6    . DA  A 6  ? 0.2426 0.1994 0.1980 0.0169  -0.0071 0.0357  6    DA  A N6    
118 N  N1    . DA  A 6  ? 0.2263 0.1844 0.1825 -0.0122 -0.0146 0.0135  6    DA  A N1    
119 C  C2    . DA  A 6  ? 0.2511 0.2470 0.1698 -0.0269 0.0048  0.0226  6    DA  A C2    
120 N  N3    . DA  A 6  ? 0.2197 0.2097 0.1966 -0.0198 -0.0138 0.0213  6    DA  A N3    
121 C  C4    . DA  A 6  ? 0.2241 0.1771 0.1956 -0.0212 -0.0315 0.0201  6    DA  A C4    
122 P  P     . DT  A 7  ? 0.2454 0.2292 0.2511 -0.0272 -0.0322 0.0019  7    DT  A P     
123 O  OP1   . DT  A 7  ? 0.3244 0.2630 0.2751 -0.0153 -0.0070 -0.0344 7    DT  A OP1   
124 O  OP2   . DT  A 7  ? 0.2134 0.2285 0.2557 -0.0236 -0.0215 0.0182  7    DT  A OP2   
125 O  "O5'" . DT  A 7  ? 0.2192 0.2513 0.2449 -0.0498 -0.0460 -0.0024 7    DT  A "O5'" 
126 C  "C5'" . DT  A 7  ? 0.2277 0.2562 0.2562 -0.0338 -0.0293 -0.0119 7    DT  A "C5'" 
127 C  "C4'" . DT  A 7  ? 0.2460 0.2383 0.2608 -0.0205 -0.0143 -0.0246 7    DT  A "C4'" 
128 O  "O4'" . DT  A 7  ? 0.2601 0.2021 0.2492 -0.0095 -0.0264 -0.0114 7    DT  A "O4'" 
129 C  "C3'" . DT  A 7  ? 0.2217 0.2593 0.3020 -0.0216 -0.0291 -0.0302 7    DT  A "C3'" 
130 O  "O3'" . DT  A 7  ? 0.2493 0.3034 0.3475 -0.0085 -0.0616 -0.0472 7    DT  A "O3'" 
131 C  "C2'" . DT  A 7  ? 0.2636 0.2160 0.3011 -0.0124 -0.0424 -0.0138 7    DT  A "C2'" 
132 C  "C1'" . DT  A 7  ? 0.2310 0.2196 0.2644 -0.0356 -0.0427 -0.0090 7    DT  A "C1'" 
133 N  N1    . DT  A 7  ? 0.2201 0.1834 0.2433 -0.0312 -0.0342 0.0251  7    DT  A N1    
134 C  C2    . DT  A 7  ? 0.2132 0.1903 0.2193 -0.0505 -0.0258 0.0358  7    DT  A C2    
135 O  O2    . DT  A 7  ? 0.2299 0.1997 0.2379 -0.0467 -0.0113 0.0057  7    DT  A O2    
136 N  N3    . DT  A 7  ? 0.2245 0.1744 0.2007 -0.0395 -0.0302 0.0348  7    DT  A N3    
137 C  C4    . DT  A 7  ? 0.2381 0.1583 0.1904 -0.0236 -0.0170 0.0386  7    DT  A C4    
138 O  O4    . DT  A 7  ? 0.2458 0.1909 0.1941 -0.0143 -0.0189 0.0251  7    DT  A O4    
139 C  C5    . DT  A 7  ? 0.2132 0.1725 0.2314 -0.0215 -0.0246 0.0513  7    DT  A C5    
140 C  C7    . DT  A 7  ? 0.2071 0.2150 0.2871 -0.0360 -0.0333 0.0264  7    DT  A C7    
141 C  C6    . DT  A 7  ? 0.2165 0.2031 0.2444 -0.0225 -0.0351 0.0298  7    DT  A C6    
142 P  P     . DT  A 8  ? 0.2799 0.3000 0.3677 -0.0116 -0.0257 -0.0100 8    DT  A P     
143 O  OP1   . DT  A 8  ? 0.3039 0.3575 0.3641 0.0148  0.0233  -0.0211 8    DT  A OP1   
144 O  OP2   . DT  A 8  ? 0.2844 0.3240 0.3963 -0.0224 -0.0362 0.0316  8    DT  A OP2   
145 O  "O5'" . DT  A 8  ? 0.2849 0.3064 0.3351 -0.0586 -0.0050 -0.0215 8    DT  A "O5'" 
146 C  "C5'" . DT  A 8  ? 0.2530 0.3392 0.3235 -0.0607 0.0066  -0.0058 8    DT  A "C5'" 
147 C  "C4'" . DT  A 8  ? 0.2467 0.3550 0.3095 -0.0648 -0.0056 -0.0221 8    DT  A "C4'" 
148 O  "O4'" . DT  A 8  ? 0.2435 0.2745 0.2741 -0.0049 -0.0105 -0.0219 8    DT  A "O4'" 
149 C  "C3'" . DT  A 8  ? 0.2522 0.3567 0.3520 -0.0276 -0.0178 -0.0313 8    DT  A "C3'" 
150 O  "O3'" . DT  A 8  ? 0.2559 0.4848 0.3865 -0.0136 -0.0131 -0.0888 8    DT  A "O3'" 
151 C  "C2'" . DT  A 8  ? 0.2278 0.2979 0.3218 0.0176  -0.0140 -0.0304 8    DT  A "C2'" 
152 C  "C1'" . DT  A 8  ? 0.2426 0.2652 0.2687 -0.0123 -0.0255 -0.0427 8    DT  A "C1'" 
153 N  N1    . DT  A 8  ? 0.2205 0.2202 0.2356 -0.0109 -0.0077 0.0012  8    DT  A N1    
154 C  C2    . DT  A 8  ? 0.1936 0.2368 0.2186 -0.0334 -0.0027 0.0417  8    DT  A C2    
155 O  O2    . DT  A 8  ? 0.2298 0.2621 0.2393 -0.0727 0.0078  0.0168  8    DT  A O2    
156 N  N3    . DT  A 8  ? 0.2209 0.2181 0.1948 -0.0357 -0.0180 0.0297  8    DT  A N3    
157 C  C4    . DT  A 8  ? 0.2151 0.2016 0.1784 -0.0340 0.0054  0.0311  8    DT  A C4    
158 O  O4    . DT  A 8  ? 0.2106 0.1982 0.1921 -0.0387 -0.0038 0.0257  8    DT  A O4    
159 C  C5    . DT  A 8  ? 0.2435 0.2046 0.2255 -0.0388 -0.0289 0.0301  8    DT  A C5    
160 C  C7    . DT  A 8  ? 0.2630 0.1630 0.2741 -0.0166 -0.0084 0.0117  8    DT  A C7    
161 C  C6    . DT  A 8  ? 0.2398 0.1862 0.2460 -0.0074 -0.0401 0.0318  8    DT  A C6    
162 N  N1    . 5CM A 9  ? 0.2479 0.3222 0.2230 -0.0322 0.0044  -0.0145 9    5CM A N1    
163 C  C2    . 5CM A 9  ? 0.2011 0.2431 0.2065 -0.0246 0.0151  -0.0053 9    5CM A C2    
164 N  N3    . 5CM A 9  ? 0.2179 0.2497 0.2083 -0.0264 -0.0112 0.0106  9    5CM A N3    
165 C  C4    . 5CM A 9  ? 0.2350 0.2168 0.2035 0.0061  -0.0199 0.0128  9    5CM A C4    
166 C  C5    . 5CM A 9  ? 0.2670 0.2450 0.2283 0.0231  -0.0099 -0.0016 9    5CM A C5    
167 C  C5A   . 5CM A 9  ? 0.3349 0.2308 0.2687 0.0211  -0.0225 0.0221  9    5CM A C5A   
168 C  C6    . 5CM A 9  ? 0.2276 0.3028 0.2307 -0.0158 -0.0031 0.0080  9    5CM A C6    
169 O  O2    . 5CM A 9  ? 0.2269 0.2832 0.2394 -0.0400 -0.0084 -0.0252 9    5CM A O2    
170 N  N4    . 5CM A 9  ? 0.2384 0.2564 0.2158 -0.0343 -0.0190 0.0202  9    5CM A N4    
171 C  "C1'" . 5CM A 9  ? 0.2112 0.4080 0.2603 -0.0587 0.0147  0.0038  9    5CM A "C1'" 
172 C  "C2'" . 5CM A 9  ? 0.2184 0.4155 0.3242 -0.0278 -0.0165 -0.0203 9    5CM A "C2'" 
173 C  "C3'" . 5CM A 9  ? 0.2298 0.4426 0.3166 -0.0492 -0.0050 -0.0608 9    5CM A "C3'" 
174 C  "C4'" . 5CM A 9  ? 0.2284 0.4263 0.3076 -0.0248 0.0148  -0.0340 9    5CM A "C4'" 
175 O  "O4'" . 5CM A 9  ? 0.2057 0.4187 0.3010 -0.0529 0.0134  0.0226  9    5CM A "O4'" 
176 O  "O3'" . 5CM A 9  ? 0.2508 0.5068 0.3468 -0.1034 -0.0085 -0.0548 9    5CM A "O3'" 
177 C  "C5'" . 5CM A 9  ? 0.2484 0.4558 0.3075 -0.0104 0.0295  -0.0785 9    5CM A "C5'" 
178 O  "O5'" . 5CM A 9  ? 0.2473 0.4931 0.3718 0.0169  0.0060  -0.1124 9    5CM A "O5'" 
179 P  P     . 5CM A 9  ? 0.2424 0.5599 0.4525 0.0054  -0.0279 -0.0884 9    5CM A P     
180 O  OP1   . 5CM A 9  ? 0.2894 0.6168 0.4820 0.0493  -0.0301 -0.0675 9    5CM A OP1   
181 O  OP2   . 5CM A 9  ? 0.3318 0.5725 0.5136 -0.0120 -0.0694 -0.0397 9    5CM A OP2   
182 P  P     . DG  A 10 ? 0.2570 0.5358 0.3571 -0.0676 0.0049  -0.0471 10   DG  A P     
183 O  OP1   . DG  A 10 ? 0.2800 0.4968 0.4121 -0.0987 -0.0288 0.0070  10   DG  A OP1   
184 O  OP2   . DG  A 10 ? 0.3006 0.4664 0.3941 0.0361  -0.0474 -0.0886 10   DG  A OP2   
185 O  "O5'" . DG  A 10 ? 0.2397 0.5514 0.3205 -0.0958 0.0128  -0.0819 10   DG  A "O5'" 
186 C  "C5'" . DG  A 10 ? 0.2300 0.5584 0.3091 -0.1075 0.0418  -0.0630 10   DG  A "C5'" 
187 C  "C4'" . DG  A 10 ? 0.2833 0.5144 0.2966 -0.1361 0.0306  -0.0502 10   DG  A "C4'" 
188 O  "O4'" . DG  A 10 ? 0.2673 0.4709 0.2943 -0.1420 0.0171  -0.0579 10   DG  A "O4'" 
189 C  "C3'" . DG  A 10 ? 0.2744 0.5568 0.2860 -0.1200 0.0269  -0.0678 10   DG  A "C3'" 
190 O  "O3'" . DG  A 10 ? 0.3405 0.5955 0.2863 -0.1731 0.0220  -0.0882 10   DG  A "O3'" 
191 C  "C2'" . DG  A 10 ? 0.2483 0.5314 0.2931 -0.0739 0.0017  -0.0501 10   DG  A "C2'" 
192 C  "C1'" . DG  A 10 ? 0.2637 0.4619 0.2840 -0.0721 0.0003  -0.0562 10   DG  A "C1'" 
193 N  N9    . DG  A 10 ? 0.2760 0.3964 0.2390 -0.0470 0.0050  -0.0516 10   DG  A N9    
194 C  C8    . DG  A 10 ? 0.2735 0.4042 0.2410 -0.0100 -0.0110 -0.0333 10   DG  A C8    
195 N  N7    . DG  A 10 ? 0.2670 0.3439 0.2475 -0.0112 -0.0143 0.0171  10   DG  A N7    
196 C  C5    . DG  A 10 ? 0.2263 0.3313 0.2103 -0.0197 -0.0048 0.0094  10   DG  A C5    
197 C  C6    . DG  A 10 ? 0.2431 0.3053 0.2224 -0.0275 -0.0232 0.0234  10   DG  A C6    
198 O  O6    . DG  A 10 ? 0.2629 0.2953 0.2318 -0.0294 -0.0182 0.0281  10   DG  A O6    
199 N  N1    . DG  A 10 ? 0.2183 0.2776 0.2175 -0.0229 -0.0089 0.0177  10   DG  A N1    
200 C  C2    . DG  A 10 ? 0.1882 0.2750 0.2189 -0.0034 -0.0073 -0.0048 10   DG  A C2    
201 N  N2    . DG  A 10 ? 0.2027 0.2602 0.2286 -0.0130 -0.0062 -0.0028 10   DG  A N2    
202 N  N3    . DG  A 10 ? 0.2008 0.3226 0.2252 0.0015  0.0040  -0.0165 10   DG  A N3    
203 C  C4    . DG  A 10 ? 0.2249 0.3628 0.2305 -0.0120 -0.0086 -0.0098 10   DG  A C4    
204 P  P     . DC  A 11 ? 0.3970 0.6665 0.3107 -0.2041 0.0258  -0.0692 11   DC  A P     
205 O  OP1   . DC  A 11 ? 0.4277 0.6369 0.3237 -0.2095 0.0367  -0.0803 11   DC  A OP1   
206 O  OP2   . DC  A 11 ? 0.3954 0.7116 0.3222 -0.1559 0.0101  -0.0632 11   DC  A OP2   
207 O  "O5'" . DC  A 11 ? 0.3892 0.5388 0.3062 -0.1764 0.0165  -0.0635 11   DC  A "O5'" 
208 C  "C5'" . DC  A 11 ? 0.3932 0.4495 0.3033 -0.1688 0.0016  -0.0349 11   DC  A "C5'" 
209 C  "C4'" . DC  A 11 ? 0.3571 0.3857 0.2708 -0.1546 -0.0025 -0.0184 11   DC  A "C4'" 
210 O  "O4'" . DC  A 11 ? 0.4033 0.3970 0.2683 -0.1818 -0.0242 0.0140  11   DC  A "O4'" 
211 C  "C3'" . DC  A 11 ? 0.3232 0.3429 0.2587 -0.1274 0.0095  -0.0141 11   DC  A "C3'" 
212 O  "O3'" . DC  A 11 ? 0.3809 0.3235 0.2972 -0.1102 -0.0103 0.0040  11   DC  A "O3'" 
213 C  "C2'" . DC  A 11 ? 0.3056 0.3506 0.2723 -0.1344 -0.0211 -0.0148 11   DC  A "C2'" 
214 C  "C1'" . DC  A 11 ? 0.3176 0.3421 0.2497 -0.1296 -0.0316 -0.0049 11   DC  A "C1'" 
215 N  N1    . DC  A 11 ? 0.2498 0.3434 0.2371 -0.0784 -0.0150 -0.0131 11   DC  A N1    
216 C  C2    . DC  A 11 ? 0.2593 0.3081 0.2258 -0.0825 -0.0079 0.0052  11   DC  A C2    
217 O  O2    . DC  A 11 ? 0.2627 0.3303 0.2358 -0.0837 -0.0001 0.0127  11   DC  A O2    
218 N  N3    . DC  A 11 ? 0.2267 0.3058 0.2420 -0.0402 -0.0079 -0.0061 11   DC  A N3    
219 C  C4    . DC  A 11 ? 0.2303 0.3444 0.3249 -0.0419 -0.0364 0.0101  11   DC  A C4    
220 N  N4    . DC  A 11 ? 0.2400 0.3667 0.3365 -0.0320 0.0033  0.0229  11   DC  A N4    
221 C  C5    . DC  A 11 ? 0.2334 0.3298 0.3346 -0.0486 -0.0358 -0.0141 11   DC  A C5    
222 C  C6    . DC  A 11 ? 0.2637 0.3492 0.3067 -0.0531 -0.0294 -0.0251 11   DC  A C6    
223 P  P     . DG  A 12 ? 0.3691 0.3137 0.3369 -0.0696 -0.0053 0.0291  12   DG  A P     
224 O  OP1   . DG  A 12 ? 0.4489 0.3097 0.4011 -0.0275 -0.0238 0.0649  12   DG  A OP1   
225 O  OP2   . DG  A 12 ? 0.3293 0.4024 0.3476 -0.1349 -0.0305 0.0004  12   DG  A OP2   
226 O  "O5'" . DG  A 12 ? 0.3067 0.2862 0.3078 -0.0492 0.0114  0.0338  12   DG  A "O5'" 
227 C  "C5'" . DG  A 12 ? 0.2852 0.2963 0.3289 -0.0400 -0.0113 0.0338  12   DG  A "C5'" 
228 C  "C4'" . DG  A 12 ? 0.2281 0.2688 0.2839 -0.0186 0.0095  0.0173  12   DG  A "C4'" 
229 O  "O4'" . DG  A 12 ? 0.2408 0.2658 0.2873 -0.0147 -0.0339 0.0087  12   DG  A "O4'" 
230 C  "C3'" . DG  A 12 ? 0.2418 0.2655 0.2484 -0.0196 0.0313  -0.0272 12   DG  A "C3'" 
231 O  "O3'" . DG  A 12 ? 0.3075 0.2833 0.2727 -0.0350 0.0083  -0.0384 12   DG  A "O3'" 
232 C  "C2'" . DG  A 12 ? 0.2303 0.3012 0.2762 -0.0171 -0.0037 -0.0260 12   DG  A "C2'" 
233 C  "C1'" . DG  A 12 ? 0.2165 0.2425 0.2636 -0.0249 -0.0040 -0.0160 12   DG  A "C1'" 
234 N  N9    . DG  A 12 ? 0.1807 0.2466 0.2662 0.0143  0.0121  -0.0032 12   DG  A N9    
235 C  C8    . DG  A 12 ? 0.2093 0.2548 0.2868 0.0010  -0.0037 -0.0134 12   DG  A C8    
236 N  N7    . DG  A 12 ? 0.2420 0.2483 0.2804 -0.0054 0.0104  -0.0069 12   DG  A N7    
237 C  C5    . DG  A 12 ? 0.2339 0.2136 0.2731 0.0101  0.0062  -0.0030 12   DG  A C5    
238 C  C6    . DG  A 12 ? 0.2455 0.2403 0.2454 0.0062  0.0427  -0.0197 12   DG  A C6    
239 O  O6    . DG  A 12 ? 0.2650 0.2826 0.2829 0.0312  0.0732  -0.0236 12   DG  A O6    
240 N  N1    . DG  A 12 ? 0.2463 0.2212 0.2278 0.0043  -0.0036 0.0014  12   DG  A N1    
241 C  C2    . DG  A 12 ? 0.2295 0.2088 0.2013 0.0265  -0.0019 -0.0013 12   DG  A C2    
242 N  N2    . DG  A 12 ? 0.2331 0.2484 0.2167 0.0151  -0.0236 0.0061  12   DG  A N2    
243 N  N3    . DG  A 12 ? 0.2247 0.2007 0.2171 0.0347  0.0129  -0.0141 12   DG  A N3    
244 C  C4    . DG  A 12 ? 0.2349 0.2025 0.2563 0.0155  -0.0001 0.0005  12   DG  A C4    
245 O  "O5'" . DC  B 1  ? 0.5588 0.4809 0.5491 -0.0388 -0.0718 0.0509  13   DC  B "O5'" 
246 C  "C5'" . DC  B 1  ? 0.4334 0.3941 0.4868 -0.0396 -0.0488 0.0185  13   DC  B "C5'" 
247 C  "C4'" . DC  B 1  ? 0.3340 0.2827 0.3987 -0.0165 -0.0205 -0.0135 13   DC  B "C4'" 
248 O  "O4'" . DC  B 1  ? 0.2959 0.3228 0.3345 -0.0208 0.0343  0.0050  13   DC  B "O4'" 
249 C  "C3'" . DC  B 1  ? 0.3267 0.2992 0.3748 -0.0225 -0.0289 -0.0329 13   DC  B "C3'" 
250 O  "O3'" . DC  B 1  ? 0.3201 0.3429 0.3832 -0.0567 -0.0439 -0.0347 13   DC  B "O3'" 
251 C  "C2'" . DC  B 1  ? 0.3692 0.2757 0.3200 -0.0398 -0.0242 -0.0491 13   DC  B "C2'" 
252 C  "C1'" . DC  B 1  ? 0.3079 0.2770 0.3005 -0.0157 0.0082  -0.0390 13   DC  B "C1'" 
253 N  N1    . DC  B 1  ? 0.2760 0.2823 0.2864 0.0004  0.0301  -0.0413 13   DC  B N1    
254 C  C2    . DC  B 1  ? 0.2935 0.3026 0.2544 -0.0123 0.0145  -0.0252 13   DC  B C2    
255 O  O2    . DC  B 1  ? 0.2856 0.2465 0.2498 -0.0079 -0.0127 -0.0066 13   DC  B O2    
256 N  N3    . DC  B 1  ? 0.2533 0.2628 0.2631 -0.0161 0.0263  -0.0204 13   DC  B N3    
257 C  C4    . DC  B 1  ? 0.2849 0.2978 0.2594 -0.0234 0.0432  -0.0367 13   DC  B C4    
258 N  N4    . DC  B 1  ? 0.2654 0.2931 0.2873 -0.0059 0.0059  -0.0210 13   DC  B N4    
259 C  C5    . DC  B 1  ? 0.3003 0.2997 0.2939 -0.0222 0.0279  -0.0392 13   DC  B C5    
260 C  C6    . DC  B 1  ? 0.3009 0.2570 0.3233 -0.0150 -0.0038 -0.0449 13   DC  B C6    
261 P  P     . DG  B 2  ? 0.3781 0.3554 0.3518 -0.0649 -0.0234 -0.0201 14   DG  B P     
262 O  OP1   . DG  B 2  ? 0.4354 0.3341 0.4097 -0.0954 -0.0489 -0.0074 14   DG  B OP1   
263 O  OP2   . DG  B 2  ? 0.4600 0.3992 0.3414 -0.0455 -0.0124 -0.0182 14   DG  B OP2   
264 O  "O5'" . DG  B 2  ? 0.3247 0.3449 0.3361 -0.0293 -0.0223 -0.0052 14   DG  B "O5'" 
265 C  "C5'" . DG  B 2  ? 0.3101 0.3374 0.3063 -0.0338 0.0102  0.0103  14   DG  B "C5'" 
266 C  "C4'" . DG  B 2  ? 0.2645 0.3460 0.2945 -0.0055 0.0087  0.0146  14   DG  B "C4'" 
267 O  "O4'" . DG  B 2  ? 0.3015 0.3651 0.2664 -0.0290 0.0257  0.0421  14   DG  B "O4'" 
268 C  "C3'" . DG  B 2  ? 0.3326 0.3531 0.3138 -0.0428 -0.0101 0.0374  14   DG  B "C3'" 
269 O  "O3'" . DG  B 2  ? 0.2682 0.3597 0.2944 -0.0647 -0.0011 0.0521  14   DG  B "O3'" 
270 C  "C2'" . DG  B 2  ? 0.3337 0.3258 0.3352 -0.0770 -0.0494 0.0276  14   DG  B "C2'" 
271 C  "C1'" . DG  B 2  ? 0.3232 0.3210 0.3112 -0.0736 -0.0230 0.0487  14   DG  B "C1'" 
272 N  N9    . DG  B 2  ? 0.2947 0.2974 0.2718 -0.0513 0.0318  0.0047  14   DG  B N9    
273 C  C8    . DG  B 2  ? 0.2986 0.2707 0.3056 -0.0430 0.0108  -0.0032 14   DG  B C8    
274 N  N7    . DG  B 2  ? 0.2440 0.2737 0.2492 -0.0198 0.0305  0.0012  14   DG  B N7    
275 C  C5    . DG  B 2  ? 0.2456 0.2387 0.2210 -0.0328 -0.0075 0.0236  14   DG  B C5    
276 C  C6    . DG  B 2  ? 0.2085 0.2278 0.2196 0.0111  -0.0012 0.0290  14   DG  B C6    
277 O  O6    . DG  B 2  ? 0.2476 0.2766 0.2382 -0.0120 0.0127  0.0114  14   DG  B O6    
278 N  N1    . DG  B 2  ? 0.2477 0.2409 0.1958 -0.0115 -0.0127 0.0344  14   DG  B N1    
279 C  C2    . DG  B 2  ? 0.2317 0.2609 0.1869 -0.0363 -0.0174 0.0161  14   DG  B C2    
280 N  N2    . DG  B 2  ? 0.2701 0.2781 0.1948 -0.0745 -0.0372 0.0188  14   DG  B N2    
281 N  N3    . DG  B 2  ? 0.2471 0.2639 0.2135 -0.0522 -0.0042 0.0265  14   DG  B N3    
282 C  C4    . DG  B 2  ? 0.2605 0.2341 0.2256 -0.0378 0.0040  0.0100  14   DG  B C4    
283 P  P     . DC  B 3  ? 0.3284 0.4091 0.2898 -0.1036 -0.0455 0.0428  15   DC  B P     
284 O  OP1   . DC  B 3  ? 0.2836 0.4574 0.2996 -0.0440 -0.0063 0.0674  15   DC  B OP1   
285 O  OP2   . DC  B 3  ? 0.4650 0.4384 0.3162 -0.1294 -0.0895 0.0060  15   DC  B OP2   
286 O  "O5'" . DC  B 3  ? 0.2847 0.3991 0.2346 -0.1240 -0.0272 0.0605  15   DC  B "O5'" 
287 C  "C5'" . DC  B 3  ? 0.2319 0.3998 0.2233 -0.0516 -0.0262 0.0497  15   DC  B "C5'" 
288 C  "C4'" . DC  B 3  ? 0.2264 0.3360 0.2228 -0.0454 -0.0078 0.0468  15   DC  B "C4'" 
289 O  "O4'" . DC  B 3  ? 0.2345 0.3413 0.2414 -0.0520 -0.0162 0.0511  15   DC  B "O4'" 
290 C  "C3'" . DC  B 3  ? 0.3095 0.2818 0.3028 -0.0591 -0.0353 0.0653  15   DC  B "C3'" 
291 O  "O3'" . DC  B 3  ? 0.3195 0.2871 0.3243 -0.0238 -0.0122 0.0454  15   DC  B "O3'" 
292 C  "C2'" . DC  B 3  ? 0.3443 0.3443 0.3277 -0.0464 -0.0345 0.0908  15   DC  B "C2'" 
293 C  "C1'" . DC  B 3  ? 0.2796 0.3609 0.2608 -0.0685 -0.0196 0.0627  15   DC  B "C1'" 
294 N  N1    . DC  B 3  ? 0.2705 0.3105 0.2260 -0.0513 -0.0095 0.0533  15   DC  B N1    
295 C  C2    . DC  B 3  ? 0.2043 0.2665 0.2140 -0.0290 -0.0308 0.0544  15   DC  B C2    
296 O  O2    . DC  B 3  ? 0.2525 0.2610 0.2447 -0.0593 -0.0132 0.0469  15   DC  B O2    
297 N  N3    . DC  B 3  ? 0.2394 0.2549 0.1989 -0.0486 -0.0235 0.0362  15   DC  B N3    
298 C  C4    . DC  B 3  ? 0.2581 0.2976 0.2064 -0.0838 -0.0011 0.0145  15   DC  B C4    
299 N  N4    . DC  B 3  ? 0.3267 0.2712 0.2410 -0.0889 -0.0153 0.0020  15   DC  B N4    
300 C  C5    . DC  B 3  ? 0.3014 0.3464 0.2310 -0.1064 -0.0166 0.0192  15   DC  B C5    
301 C  C6    . DC  B 3  ? 0.2680 0.3677 0.2458 -0.0650 -0.0218 0.0308  15   DC  B C6    
302 P  P     . DG  B 4  ? 0.2895 0.3379 0.3934 0.0236  -0.0128 0.0456  16   DG  B P     
303 O  OP1   . DG  B 4  ? 0.3214 0.4589 0.4271 0.0453  0.0317  0.0549  16   DG  B OP1   
304 O  OP2   . DG  B 4  ? 0.2996 0.4084 0.3974 -0.0292 -0.0667 0.0160  16   DG  B OP2   
305 O  "O5'" . DG  B 4  ? 0.3078 0.3070 0.3288 0.0091  0.0076  0.0368  16   DG  B "O5'" 
306 C  "C5'" . DG  B 4  ? 0.3373 0.2837 0.2819 0.0061  0.0144  0.0223  16   DG  B "C5'" 
307 C  "C4'" . DG  B 4  ? 0.3294 0.2858 0.2405 0.0133  0.0198  0.0143  16   DG  B "C4'" 
308 O  "O4'" . DG  B 4  ? 0.2992 0.2892 0.2135 0.0157  0.0343  0.0181  16   DG  B "O4'" 
309 C  "C3'" . DG  B 4  ? 0.3467 0.2899 0.2621 0.0064  -0.0048 0.0158  16   DG  B "C3'" 
310 O  "O3'" . DG  B 4  ? 0.3989 0.3471 0.2903 0.0027  0.0101  0.0121  16   DG  B "O3'" 
311 C  "C2'" . DG  B 4  ? 0.3325 0.2421 0.2359 -0.0160 0.0054  0.0091  16   DG  B "C2'" 
312 C  "C1'" . DG  B 4  ? 0.2800 0.2642 0.2191 0.0103  0.0230  0.0135  16   DG  B "C1'" 
313 N  N9    . DG  B 4  ? 0.2600 0.2425 0.1997 -0.0159 0.0089  0.0049  16   DG  B N9    
314 C  C8    . DG  B 4  ? 0.2557 0.2602 0.2198 -0.0147 -0.0049 0.0129  16   DG  B C8    
315 N  N7    . DG  B 4  ? 0.2452 0.2863 0.2054 -0.0074 -0.0028 0.0292  16   DG  B N7    
316 C  C5    . DG  B 4  ? 0.2305 0.2406 0.2131 -0.0126 -0.0015 0.0401  16   DG  B C5    
317 C  C6    . DG  B 4  ? 0.2512 0.2235 0.1942 -0.0256 -0.0025 0.0330  16   DG  B C6    
318 O  O6    . DG  B 4  ? 0.2357 0.2047 0.2071 -0.0213 -0.0102 0.0237  16   DG  B O6    
319 N  N1    . DG  B 4  ? 0.2366 0.2284 0.1821 -0.0180 -0.0059 0.0280  16   DG  B N1    
320 C  C2    . DG  B 4  ? 0.2540 0.2310 0.2122 -0.0167 -0.0177 0.0300  16   DG  B C2    
321 N  N2    . DG  B 4  ? 0.2308 0.2543 0.1927 -0.0313 0.0164  -0.0221 16   DG  B N2    
322 N  N3    . DG  B 4  ? 0.2645 0.2209 0.2022 -0.0314 -0.0359 0.0289  16   DG  B N3    
323 C  C4    . DG  B 4  ? 0.2466 0.2141 0.2097 -0.0278 -0.0050 0.0310  16   DG  B C4    
324 P  P     . DA  B 5  ? 0.4486 0.2995 0.3223 -0.0035 -0.0199 0.0152  17   DA  B P     
325 O  OP1   . DA  B 5  ? 0.5063 0.2984 0.3546 0.0133  0.0126  -0.0138 17   DA  B OP1   
326 O  OP2   . DA  B 5  ? 0.4716 0.2833 0.3558 0.0167  -0.0538 0.0109  17   DA  B OP2   
327 O  "O5'" . DA  B 5  ? 0.4510 0.2829 0.2765 -0.0542 -0.0126 0.0136  17   DA  B "O5'" 
328 C  "C5'" . DA  B 5  ? 0.4055 0.3052 0.2545 -0.0635 -0.0038 -0.0028 17   DA  B "C5'" 
329 C  "C4'" . DA  B 5  ? 0.4023 0.2654 0.2325 -0.0862 0.0078  -0.0248 17   DA  B "C4'" 
330 O  "O4'" . DA  B 5  ? 0.3718 0.2530 0.2309 -0.0572 -0.0105 -0.0158 17   DA  B "O4'" 
331 C  "C3'" . DA  B 5  ? 0.4334 0.3066 0.2981 -0.1018 0.0150  -0.0143 17   DA  B "C3'" 
332 O  "O3'" . DA  B 5  ? 0.4328 0.3723 0.3313 -0.1198 0.0538  -0.0474 17   DA  B "O3'" 
333 C  "C2'" . DA  B 5  ? 0.4486 0.2484 0.2811 -0.0984 0.0067  -0.0116 17   DA  B "C2'" 
334 C  "C1'" . DA  B 5  ? 0.3772 0.2497 0.2284 -0.0612 0.0146  -0.0090 17   DA  B "C1'" 
335 N  N9    . DA  B 5  ? 0.3509 0.2328 0.2233 -0.0676 -0.0177 0.0120  17   DA  B N9    
336 C  C8    . DA  B 5  ? 0.3216 0.2375 0.2120 -0.0362 -0.0055 0.0171  17   DA  B C8    
337 N  N7    . DA  B 5  ? 0.2777 0.2325 0.2024 -0.0145 -0.0008 0.0171  17   DA  B N7    
338 C  C5    . DA  B 5  ? 0.2799 0.2342 0.1565 -0.0302 -0.0080 0.0268  17   DA  B C5    
339 C  C6    . DA  B 5  ? 0.2478 0.2096 0.1674 -0.0363 -0.0191 0.0310  17   DA  B C6    
340 N  N6    . DA  B 5  ? 0.2675 0.2081 0.1740 -0.0326 -0.0290 0.0307  17   DA  B N6    
341 N  N1    . DA  B 5  ? 0.2614 0.2299 0.1874 -0.0474 -0.0007 0.0328  17   DA  B N1    
342 C  C2    . DA  B 5  ? 0.2963 0.2374 0.1914 -0.0760 -0.0265 0.0281  17   DA  B C2    
343 N  N3    . DA  B 5  ? 0.3075 0.2270 0.2096 -0.0925 -0.0232 0.0308  17   DA  B N3    
344 C  C4    . DA  B 5  ? 0.2913 0.2355 0.1875 -0.0618 -0.0101 0.0303  17   DA  B C4    
345 P  P     . DA  B 6  ? 0.4724 0.3199 0.4023 -0.1319 0.0714  -0.0435 18   DA  B P     
346 O  OP1   . DA  B 6  ? 0.5281 0.3638 0.4403 -0.1613 0.0470  -0.0520 18   DA  B OP1   
347 O  OP2   . DA  B 6  ? 0.4998 0.3451 0.4607 -0.1142 0.0499  -0.0070 18   DA  B OP2   
348 O  "O5'" . DA  B 6  ? 0.4622 0.2848 0.3665 -0.1026 0.0660  -0.0679 18   DA  B "O5'" 
349 C  "C5'" . DA  B 6  ? 0.4119 0.2952 0.3265 -0.1307 0.0486  -0.0688 18   DA  B "C5'" 
350 C  "C4'" . DA  B 6  ? 0.4088 0.2994 0.3038 -0.1411 0.0308  -0.0509 18   DA  B "C4'" 
351 O  "O4'" . DA  B 6  ? 0.3405 0.2923 0.2791 -0.1367 0.0259  -0.0256 18   DA  B "O4'" 
352 C  "C3'" . DA  B 6  ? 0.4106 0.2910 0.3122 -0.1332 0.0380  -0.0463 18   DA  B "C3'" 
353 O  "O3'" . DA  B 6  ? 0.4479 0.4161 0.3115 -0.1932 0.0581  -0.0480 18   DA  B "O3'" 
354 C  "C2'" . DA  B 6  ? 0.3979 0.2802 0.2930 -0.1644 0.0141  -0.0078 18   DA  B "C2'" 
355 C  "C1'" . DA  B 6  ? 0.3711 0.2652 0.2531 -0.1350 0.0074  -0.0200 18   DA  B "C1'" 
356 N  N9    . DA  B 6  ? 0.3964 0.1881 0.2113 -0.0946 -0.0038 0.0060  18   DA  B N9    
357 C  C8    . DA  B 6  ? 0.3944 0.2203 0.1927 -0.0722 -0.0140 0.0099  18   DA  B C8    
358 N  N7    . DA  B 6  ? 0.3746 0.2095 0.2160 -0.0769 -0.0373 0.0197  18   DA  B N7    
359 C  C5    . DA  B 6  ? 0.3197 0.1960 0.2044 -0.0580 -0.0224 0.0321  18   DA  B C5    
360 C  C6    . DA  B 6  ? 0.3100 0.1856 0.1834 -0.0525 -0.0266 0.0451  18   DA  B C6    
361 N  N6    . DA  B 6  ? 0.2827 0.2411 0.1832 -0.0487 -0.0316 0.0622  18   DA  B N6    
362 N  N1    . DA  B 6  ? 0.2636 0.1922 0.1807 -0.0458 -0.0212 0.0389  18   DA  B N1    
363 C  C2    . DA  B 6  ? 0.2688 0.2167 0.1904 -0.0554 0.0003  0.0391  18   DA  B C2    
364 N  N3    . DA  B 6  ? 0.3305 0.1917 0.1947 -0.0788 0.0126  0.0251  18   DA  B N3    
365 C  C4    . DA  B 6  ? 0.3310 0.1790 0.2108 -0.0859 -0.0238 0.0166  18   DA  B C4    
366 P  P     . DT  B 7  ? 0.5026 0.4280 0.3428 -0.1942 0.0723  -0.0196 19   DT  B P     
367 O  OP1   . DT  B 7  ? 0.4836 0.5346 0.3607 -0.2034 0.0719  -0.0314 19   DT  B OP1   
368 O  OP2   . DT  B 7  ? 0.6521 0.3807 0.3588 -0.1690 0.0591  -0.0019 19   DT  B OP2   
369 O  "O5'" . DT  B 7  ? 0.4519 0.3814 0.2983 -0.1855 0.0473  -0.0165 19   DT  B "O5'" 
370 C  "C5'" . DT  B 7  ? 0.3653 0.3660 0.2731 -0.1364 0.0457  0.0105  19   DT  B "C5'" 
371 C  "C4'" . DT  B 7  ? 0.2716 0.3548 0.2595 -0.1157 0.0391  0.0421  19   DT  B "C4'" 
372 O  "O4'" . DT  B 7  ? 0.2812 0.3120 0.2595 -0.0981 0.0169  0.0458  19   DT  B "O4'" 
373 C  "C3'" . DT  B 7  ? 0.2609 0.3059 0.2285 -0.0860 0.0382  0.0287  19   DT  B "C3'" 
374 O  "O3'" . DT  B 7  ? 0.2827 0.3835 0.2351 -0.0516 0.0026  0.0349  19   DT  B "O3'" 
375 C  "C2'" . DT  B 7  ? 0.2920 0.3403 0.2292 -0.0787 0.0364  0.0174  19   DT  B "C2'" 
376 C  "C1'" . DT  B 7  ? 0.3083 0.2931 0.2374 -0.0673 0.0093  0.0021  19   DT  B "C1'" 
377 N  N1    . DT  B 7  ? 0.2759 0.2456 0.2445 -0.0623 0.0045  0.0247  19   DT  B N1    
378 C  C2    . DT  B 7  ? 0.2425 0.2122 0.2254 -0.0387 0.0170  0.0268  19   DT  B C2    
379 O  O2    . DT  B 7  ? 0.2451 0.2298 0.2344 -0.0305 0.0089  0.0334  19   DT  B O2    
380 N  N3    . DT  B 7  ? 0.2511 0.2266 0.1974 -0.0544 0.0019  0.0245  19   DT  B N3    
381 C  C4    . DT  B 7  ? 0.3070 0.2319 0.2068 -0.0574 0.0009  0.0316  19   DT  B C4    
382 O  O4    . DT  B 7  ? 0.3388 0.2266 0.2245 -0.0273 0.0158  0.0473  19   DT  B O4    
383 C  C5    . DT  B 7  ? 0.2935 0.2156 0.2350 -0.0562 0.0030  0.0319  19   DT  B C5    
384 C  C7    . DT  B 7  ? 0.3129 0.2598 0.2770 -0.0722 -0.0043 0.0252  19   DT  B C7    
385 C  C6    . DT  B 7  ? 0.3073 0.2265 0.2237 -0.0866 0.0031  0.0286  19   DT  B C6    
386 P  P     . DT  B 8  ? 0.2813 0.4283 0.2722 -0.0605 0.0019  0.0411  20   DT  B P     
387 O  OP1   . DT  B 8  ? 0.2655 0.5381 0.3331 -0.0521 -0.0087 0.0497  20   DT  B OP1   
388 O  OP2   . DT  B 8  ? 0.3283 0.4801 0.2973 -0.0957 0.0016  0.0887  20   DT  B OP2   
389 O  "O5'" . DT  B 8  ? 0.2410 0.3756 0.2736 -0.0557 -0.0109 0.0304  20   DT  B "O5'" 
390 C  "C5'" . DT  B 8  ? 0.2537 0.3298 0.2545 -0.0234 0.0020  0.0169  20   DT  B "C5'" 
391 C  "C4'" . DT  B 8  ? 0.2418 0.3373 0.2510 -0.0003 0.0043  0.0167  20   DT  B "C4'" 
392 O  "O4'" . DT  B 8  ? 0.2659 0.3032 0.2315 0.0068  0.0236  0.0412  20   DT  B "O4'" 
393 C  "C3'" . DT  B 8  ? 0.2682 0.3330 0.2654 -0.0027 -0.0012 -0.0187 20   DT  B "C3'" 
394 O  "O3'" . DT  B 8  ? 0.2849 0.3432 0.3393 0.0115  -0.0752 -0.0564 20   DT  B "O3'" 
395 C  "C2'" . DT  B 8  ? 0.2486 0.3126 0.2606 0.0020  0.0043  0.0335  20   DT  B "C2'" 
396 C  "C1'" . DT  B 8  ? 0.2462 0.2872 0.2442 -0.0043 0.0075  0.0487  20   DT  B "C1'" 
397 N  N1    . DT  B 8  ? 0.2572 0.2761 0.2387 -0.0311 0.0113  0.0739  20   DT  B N1    
398 C  C2    . DT  B 8  ? 0.2799 0.2467 0.2302 -0.0079 0.0084  0.0708  20   DT  B C2    
399 O  O2    . DT  B 8  ? 0.2631 0.2463 0.2465 -0.0024 0.0234  0.0394  20   DT  B O2    
400 N  N3    . DT  B 8  ? 0.2735 0.2540 0.2385 0.0037  -0.0048 0.1014  20   DT  B N3    
401 C  C4    . DT  B 8  ? 0.3077 0.2190 0.2306 -0.0027 0.0117  0.0886  20   DT  B C4    
402 O  O4    . DT  B 8  ? 0.3087 0.2393 0.2421 0.0062  0.0409  0.0862  20   DT  B O4    
403 C  C5    . DT  B 8  ? 0.3168 0.2559 0.2154 -0.0262 0.0190  0.0594  20   DT  B C5    
404 C  C7    . DT  B 8  ? 0.3669 0.2669 0.2316 -0.0181 -0.0052 0.0341  20   DT  B C7    
405 C  C6    . DT  B 8  ? 0.3051 0.2829 0.2185 -0.0446 0.0176  0.0718  20   DT  B C6    
406 N  N1    . 5CM B 9  ? 0.2328 0.2549 0.2719 0.0158  -0.0041 0.0297  21   5CM B N1    
407 C  C2    . 5CM B 9  ? 0.2788 0.2446 0.2667 0.0221  -0.0090 0.0244  21   5CM B C2    
408 N  N3    . 5CM B 9  ? 0.2345 0.2253 0.2430 0.0228  0.0091  0.0482  21   5CM B N3    
409 C  C4    . 5CM B 9  ? 0.2567 0.2336 0.2277 0.0099  0.0000  0.0781  21   5CM B C4    
410 C  C5    . 5CM B 9  ? 0.2291 0.2274 0.2331 0.0352  -0.0029 0.0611  21   5CM B C5    
411 C  C5A   . 5CM B 9  ? 0.2723 0.3034 0.2623 -0.0048 -0.0353 0.1057  21   5CM B C5A   
412 C  C6    . 5CM B 9  ? 0.2337 0.2489 0.2484 0.0280  -0.0012 0.0538  21   5CM B C6    
413 O  O2    . 5CM B 9  ? 0.2467 0.2391 0.2995 0.0186  -0.0266 0.0087  21   5CM B O2    
414 N  N4    . 5CM B 9  ? 0.2880 0.2312 0.2415 0.0162  -0.0253 0.0754  21   5CM B N4    
415 C  "C1'" . 5CM B 9  ? 0.2524 0.2279 0.3125 0.0148  -0.0250 0.0098  21   5CM B "C1'" 
416 C  "C2'" . 5CM B 9  ? 0.3164 0.2445 0.3054 -0.0272 -0.0202 -0.0044 21   5CM B "C2'" 
417 C  "C3'" . 5CM B 9  ? 0.2912 0.2477 0.3158 0.0051  -0.0109 -0.0017 21   5CM B "C3'" 
418 C  "C4'" . 5CM B 9  ? 0.2698 0.2669 0.3388 -0.0011 -0.0234 0.0197  21   5CM B "C4'" 
419 O  "O4'" . 5CM B 9  ? 0.2978 0.2586 0.3050 -0.0068 0.0077  0.0437  21   5CM B "O4'" 
420 O  "O3'" . 5CM B 9  ? 0.3160 0.2453 0.3337 0.0205  -0.0064 -0.0133 21   5CM B "O3'" 
421 C  "C5'" . 5CM B 9  ? 0.3049 0.2509 0.3618 0.0064  -0.0656 0.0013  21   5CM B "C5'" 
422 O  "O5'" . 5CM B 9  ? 0.2748 0.3359 0.3294 0.0222  -0.0292 -0.0290 21   5CM B "O5'" 
423 P  P     . 5CM B 9  ? 0.3175 0.4394 0.3782 0.0233  -0.0504 -0.0754 21   5CM B P     
424 O  OP1   . 5CM B 9  ? 0.3796 0.4761 0.4788 0.0521  -0.1191 -0.0459 21   5CM B OP1   
425 O  OP2   . 5CM B 9  ? 0.3723 0.5708 0.3277 0.0060  0.0142  -0.1012 21   5CM B OP2   
426 P  P     . DG  B 10 ? 0.2702 0.3021 0.3547 0.0502  -0.0009 -0.0279 22   DG  B P     
427 O  OP1   . DG  B 10 ? 0.3449 0.2494 0.4128 0.0427  -0.0413 -0.0406 22   DG  B OP1   
428 O  OP2   . DG  B 10 ? 0.2584 0.3759 0.3436 0.0509  0.0280  -0.0114 22   DG  B OP2   
429 O  "O5'" . DG  B 10 ? 0.2533 0.2872 0.3362 0.0428  0.0089  -0.0206 22   DG  B "O5'" 
430 C  "C5'" . DG  B 10 ? 0.2510 0.2773 0.3287 0.0303  0.0133  -0.0294 22   DG  B "C5'" 
431 C  "C4'" . DG  B 10 ? 0.2691 0.2334 0.3198 0.0338  0.0035  -0.0198 22   DG  B "C4'" 
432 O  "O4'" . DG  B 10 ? 0.2388 0.2297 0.3166 0.0200  -0.0081 -0.0021 22   DG  B "O4'" 
433 C  "C3'" . DG  B 10 ? 0.2912 0.2883 0.3319 0.0400  -0.0326 -0.0514 22   DG  B "C3'" 
434 O  "O3'" . DG  B 10 ? 0.3193 0.3117 0.3943 0.0641  -0.1077 -0.0855 22   DG  B "O3'" 
435 C  "C2'" . DG  B 10 ? 0.2464 0.3029 0.3057 0.0395  0.0156  -0.0178 22   DG  B "C2'" 
436 C  "C1'" . DG  B 10 ? 0.2284 0.2538 0.2795 0.0144  0.0220  -0.0047 22   DG  B "C1'" 
437 N  N9    . DG  B 10 ? 0.2205 0.2335 0.2662 0.0120  0.0052  0.0298  22   DG  B N9    
438 C  C8    . DG  B 10 ? 0.2255 0.2333 0.2710 -0.0063 0.0071  0.0242  22   DG  B C8    
439 N  N7    . DG  B 10 ? 0.2071 0.1939 0.2471 0.0190  0.0255  0.0003  22   DG  B N7    
440 C  C5    . DG  B 10 ? 0.1904 0.1861 0.2363 0.0361  0.0227  0.0233  22   DG  B C5    
441 C  C6    . DG  B 10 ? 0.2035 0.1902 0.2370 0.0057  0.0227  0.0449  22   DG  B C6    
442 O  O6    . DG  B 10 ? 0.2260 0.2188 0.2376 -0.0143 0.0071  0.0422  22   DG  B O6    
443 N  N1    . DG  B 10 ? 0.2306 0.1769 0.2273 -0.0028 0.0039  0.0399  22   DG  B N1    
444 C  C2    . DG  B 10 ? 0.2161 0.2204 0.2142 -0.0093 0.0070  0.0402  22   DG  B C2    
445 N  N2    . DG  B 10 ? 0.2076 0.2253 0.2225 0.0238  -0.0159 0.0250  22   DG  B N2    
446 N  N3    . DG  B 10 ? 0.2251 0.2274 0.2148 0.0158  0.0074  0.0146  22   DG  B N3    
447 C  C4    . DG  B 10 ? 0.2244 0.1913 0.2298 0.0267  0.0097  0.0260  22   DG  B C4    
448 P  P     . DC  B 11 ? 0.4396 0.3900 0.4323 0.1086  -0.1083 -0.1124 23   DC  B P     
449 O  OP1   . DC  B 11 ? 0.4719 0.3925 0.5217 0.0894  -0.1513 -0.0899 23   DC  B OP1   
450 O  OP2   . DC  B 11 ? 0.5147 0.4568 0.4235 0.1197  -0.0984 -0.0975 23   DC  B OP2   
451 O  "O5'" . DC  B 11 ? 0.4132 0.3231 0.4031 0.1130  -0.0998 -0.0854 23   DC  B "O5'" 
452 C  "C5'" . DC  B 11 ? 0.3823 0.2835 0.3808 0.0618  -0.0935 -0.0644 23   DC  B "C5'" 
453 C  "C4'" . DC  B 11 ? 0.3408 0.2936 0.3303 0.0084  -0.0599 -0.0299 23   DC  B "C4'" 
454 O  "O4'" . DC  B 11 ? 0.3676 0.3070 0.2983 -0.0496 -0.0089 0.0117  23   DC  B "O4'" 
455 C  "C3'" . DC  B 11 ? 0.3625 0.2842 0.3545 0.0221  -0.0609 -0.0013 23   DC  B "C3'" 
456 O  "O3'" . DC  B 11 ? 0.4099 0.2579 0.3428 0.0582  -0.0880 -0.0108 23   DC  B "O3'" 
457 C  "C2'" . DC  B 11 ? 0.3435 0.2714 0.3536 -0.0116 -0.0711 -0.0141 23   DC  B "C2'" 
458 C  "C1'" . DC  B 11 ? 0.3708 0.2416 0.3052 -0.0369 -0.0265 -0.0160 23   DC  B "C1'" 
459 N  N1    . DC  B 11 ? 0.2716 0.1966 0.3081 0.0202  0.0011  -0.0168 23   DC  B N1    
460 C  C2    . DC  B 11 ? 0.2348 0.1510 0.2628 0.0238  0.0330  -0.0233 23   DC  B C2    
461 O  O2    . DC  B 11 ? 0.2274 0.1857 0.3097 0.0115  0.0367  0.0070  23   DC  B O2    
462 N  N3    . DC  B 11 ? 0.2422 0.1712 0.2259 0.0034  0.0128  0.0144  23   DC  B N3    
463 C  C4    . DC  B 11 ? 0.2436 0.1968 0.2315 0.0181  -0.0032 -0.0025 23   DC  B C4    
464 N  N4    . DC  B 11 ? 0.2189 0.2479 0.2366 0.0179  -0.0126 0.0230  23   DC  B N4    
465 C  C5    . DC  B 11 ? 0.2535 0.2549 0.2573 0.0202  0.0089  -0.0168 23   DC  B C5    
466 C  C6    . DC  B 11 ? 0.2592 0.2267 0.2729 0.0377  0.0066  -0.0232 23   DC  B C6    
467 P  P     . DG  B 12 ? 0.4924 0.3397 0.3493 0.0922  -0.0710 0.0096  24   DG  B P     
468 O  OP1   . DG  B 12 ? 0.6182 0.3787 0.3936 0.0695  -0.0931 0.0117  24   DG  B OP1   
469 O  OP2   . DG  B 12 ? 0.4879 0.4094 0.3748 0.1319  -0.0152 0.0713  24   DG  B OP2   
470 O  "O5'" . DG  B 12 ? 0.4150 0.2383 0.2967 0.0618  -0.0540 0.0138  24   DG  B "O5'" 
471 C  "C5'" . DG  B 12 ? 0.3095 0.2419 0.3290 0.0322  -0.0518 0.0394  24   DG  B "C5'" 
472 C  "C4'" . DG  B 12 ? 0.2436 0.2161 0.3262 0.0010  -0.0266 0.0446  24   DG  B "C4'" 
473 O  "O4'" . DG  B 12 ? 0.2413 0.2245 0.3286 -0.0096 -0.0511 0.0356  24   DG  B "O4'" 
474 C  "C3'" . DG  B 12 ? 0.2156 0.2159 0.3417 -0.0080 -0.0123 0.0713  24   DG  B "C3'" 
475 O  "O3'" . DG  B 12 ? 0.2103 0.3177 0.3537 0.0084  0.0023  0.0843  24   DG  B "O3'" 
476 C  "C2'" . DG  B 12 ? 0.2488 0.2397 0.3454 -0.0081 -0.0183 0.0761  24   DG  B "C2'" 
477 C  "C1'" . DG  B 12 ? 0.2460 0.1924 0.3241 -0.0235 -0.0373 0.0374  24   DG  B "C1'" 
478 N  N9    . DG  B 12 ? 0.2421 0.2147 0.3031 -0.0025 -0.0367 0.0316  24   DG  B N9    
479 C  C8    . DG  B 12 ? 0.2900 0.2453 0.3300 -0.0020 -0.0641 0.0424  24   DG  B C8    
480 N  N7    . DG  B 12 ? 0.2790 0.2794 0.2938 -0.0026 -0.0318 0.0376  24   DG  B N7    
481 C  C5    . DG  B 12 ? 0.2187 0.2424 0.2547 0.0158  -0.0114 0.0538  24   DG  B C5    
482 C  C6    . DG  B 12 ? 0.2240 0.2408 0.2763 0.0103  -0.0178 0.0680  24   DG  B C6    
483 O  O6    . DG  B 12 ? 0.2163 0.3107 0.2852 -0.0084 0.0036  0.0264  24   DG  B O6    
484 N  N1    . DG  B 12 ? 0.2451 0.2610 0.2661 -0.0214 -0.0430 0.0667  24   DG  B N1    
485 C  C2    . DG  B 12 ? 0.2299 0.2585 0.2446 -0.0163 -0.0451 0.0447  24   DG  B C2    
486 N  N2    . DG  B 12 ? 0.1839 0.2799 0.2607 -0.0112 -0.0379 0.0406  24   DG  B N2    
487 N  N3    . DG  B 12 ? 0.2559 0.2059 0.2323 -0.0060 -0.0345 0.0361  24   DG  B N3    
488 C  C4    . DG  B 12 ? 0.2158 0.2254 0.2398 0.0081  -0.0104 0.0367  24   DG  B C4    
489 MG MG    . MG  C .  ? 0.2051 0.2273 0.2573 -0.0080 0.0089  0.0373  100  MG  A MG    
490 O  O     . HOH D .  ? 0.2799 0.4537 0.3336 -0.0356 0.0186  0.0529  2001 HOH A O     
491 O  O     . HOH D .  ? 0.4356 0.5859 0.5467 -0.1319 0.0989  0.1223  2002 HOH A O     
492 O  O     . HOH D .  ? 0.2279 0.7704 0.3039 0.0441  0.0318  -0.0094 2003 HOH A O     
493 O  O     . HOH D .  ? 0.2022 0.2557 0.2535 -0.0033 0.0096  0.0252  2004 HOH A O     
494 O  O     . HOH D .  ? 0.4733 0.3184 0.4144 0.0069  -0.0655 -0.0718 2005 HOH A O     
495 O  O     . HOH D .  ? 0.8221 0.5434 0.3562 -0.2752 -0.0631 0.0823  2006 HOH A O     
496 O  O     . HOH D .  ? 0.4160 0.3288 0.3301 -0.0706 -0.0554 0.0064  2007 HOH A O     
497 O  O     . HOH D .  ? 0.5875 0.5580 0.4260 -0.0982 0.0153  -0.0281 2008 HOH A O     
498 O  O     . HOH D .  ? 0.6265 0.4701 0.3081 -0.1745 -0.0312 0.0313  2009 HOH A O     
499 O  O     . HOH D .  ? 0.5537 0.4555 0.6127 0.2728  0.1011  -0.0254 2010 HOH A O     
500 O  O     . HOH D .  ? 0.3488 0.3479 0.3316 -0.0630 0.0279  0.0130  2011 HOH A O     
501 O  O     . HOH D .  ? 0.2600 0.5129 0.3254 0.0175  0.0492  -0.0002 2012 HOH A O     
502 O  O     . HOH D .  ? 0.2045 0.2419 0.2813 -0.0092 0.0108  0.0254  2013 HOH A O     
503 O  O     . HOH D .  ? 0.6179 0.3145 0.4407 -0.0110 0.0601  -0.0347 2014 HOH A O     
504 O  O     . HOH D .  ? 0.4920 0.3501 0.6970 -0.0334 0.1831  -0.0184 2015 HOH A O     
505 O  O     . HOH D .  ? 0.4061 0.3680 0.3272 -0.1099 -0.0116 -0.0098 2016 HOH A O     
506 O  O     . HOH D .  ? 0.5653 0.4275 0.4532 -0.1331 -0.0510 0.0448  2017 HOH A O     
507 O  O     . HOH D .  ? 0.5401 0.4863 0.4798 0.1444  -0.0597 -0.0917 2018 HOH A O     
508 O  O     . HOH D .  ? 0.2459 0.2655 0.2699 -0.0408 -0.0028 0.0416  2019 HOH A O     
509 O  O     . HOH D .  ? 0.4051 0.6091 0.4896 -0.1086 -0.0209 -0.1779 2020 HOH A O     
510 O  O     . HOH D .  ? 0.5308 0.9875 0.5994 -0.0341 -0.2876 -0.0988 2021 HOH A O     
511 O  O     . HOH D .  ? 0.5257 0.6633 0.4366 -0.1911 -0.0139 -0.1171 2022 HOH A O     
512 O  O     . HOH D .  ? 0.4280 0.5344 0.6207 -0.2305 0.0028  0.0119  2023 HOH A O     
513 O  O     . HOH D .  ? 0.7497 0.4669 0.3640 -0.2217 -0.0170 0.0979  2024 HOH A O     
514 O  O     . HOH D .  ? 0.4259 0.3774 0.3456 -0.1524 0.0353  0.0532  2025 HOH A O     
515 O  O     . HOH D .  ? 0.8599 0.5365 0.3254 -0.0678 0.1645  -0.0712 2026 HOH A O     
516 O  O     . HOH D .  ? 0.5190 0.4004 0.4608 0.0751  0.1485  0.0012  2027 HOH A O     
517 O  O     . HOH D .  ? 0.4078 0.7616 0.3548 0.1493  0.0954  0.1239  2028 HOH A O     
518 O  O     . HOH D .  ? 0.2679 0.2498 0.3117 0.0181  0.0245  -0.0051 2029 HOH A O     
519 O  O     . HOH D .  ? 0.3117 0.5063 0.4397 -0.0494 0.0199  0.1059  2030 HOH A O     
520 O  O     . HOH D .  ? 0.9157 0.3824 0.4640 0.0573  0.2450  0.0454  2031 HOH A O     
521 O  O     . HOH D .  ? 0.4615 0.2508 0.2482 -0.1329 0.0246  0.0185  2032 HOH A O     
522 O  O     . HOH D .  ? 0.2721 0.3192 0.4198 -0.0365 0.0183  -0.0559 2033 HOH A O     
523 O  O     . HOH D .  ? 0.2436 0.2604 0.2644 -0.0310 0.0173  0.0164  2034 HOH A O     
524 O  O     . HOH D .  ? 0.3574 0.4900 0.4048 -0.0227 0.1018  -0.0579 2035 HOH A O     
525 O  O     . HOH D .  ? 0.2703 0.4118 0.2449 -0.0730 0.0208  0.0086  2036 HOH A O     
526 O  O     . HOH D .  ? 0.4104 0.2881 0.5325 -0.0386 0.0329  -0.0306 2037 HOH A O     
527 O  O     . HOH D .  ? 0.2771 0.3111 0.2397 -0.0989 0.0100  0.0135  2038 HOH A O     
528 O  O     . HOH D .  ? 0.2954 0.5399 0.3517 -0.1594 -0.0176 0.1594  2039 HOH A O     
529 O  O     . HOH D .  ? 0.4637 0.8449 0.5259 0.2184  0.1740  0.3059  2040 HOH A O     
530 O  O     . HOH D .  ? 0.2921 0.4574 0.6673 -0.0905 -0.0094 0.0919  2041 HOH A O     
531 O  O     . HOH D .  ? 0.2789 0.3847 0.2493 -0.1166 0.0273  -0.0045 2042 HOH A O     
532 O  O     . HOH D .  ? 0.3773 0.2493 0.4089 -0.0649 -0.0248 0.0294  2043 HOH A O     
533 O  O     . HOH D .  ? 0.6347 0.5051 0.6995 0.1521  0.0363  0.0716  2044 HOH A O     
534 O  O     . HOH D .  ? 0.4434 0.5854 0.5262 -0.1686 0.0427  -0.0644 2045 HOH A O     
535 O  O     . HOH D .  ? 0.3168 0.4360 0.2630 -0.1384 -0.0314 0.0257  2046 HOH A O     
536 O  O     . HOH D .  ? 0.5925 0.4306 0.5114 0.1737  -0.0562 -0.1659 2047 HOH A O     
537 O  O     . HOH D .  ? 0.8733 0.3434 0.6437 0.0654  0.3257  0.0627  2048 HOH A O     
538 O  O     . HOH D .  ? 0.3117 0.9922 0.6282 0.1040  0.0324  -0.2378 2049 HOH A O     
539 O  O     . HOH D .  ? 0.4198 0.6293 0.4227 0.2231  -0.0023 -0.0474 2050 HOH A O     
540 O  O     . HOH D .  ? 0.5780 0.3445 0.3336 0.0073  -0.0270 -0.0400 2051 HOH A O     
541 O  O     . HOH D .  ? 0.5631 0.4964 0.4600 -0.2516 -0.0561 0.0258  2052 HOH A O     
542 O  O     . HOH D .  ? 0.4152 0.2564 0.4254 -0.0472 0.0699  -0.0152 2053 HOH A O     
543 O  O     . HOH D .  ? 0.3978 0.4461 0.2915 -0.1357 -0.0863 0.0173  2054 HOH A O     
544 O  O     . HOH D .  ? 0.6972 0.3674 0.5533 -0.0851 0.2349  -0.1095 2055 HOH A O     
545 O  O     . HOH D .  ? 0.2313 0.7022 0.6584 0.0229  0.0842  -0.1536 2056 HOH A O     
546 O  O     . HOH D .  ? 0.5236 0.6512 0.4203 -0.2237 0.1399  -0.0115 2057 HOH A O     
547 O  O     . HOH D .  ? 0.2248 0.2702 0.2706 0.0199  0.0182  0.0301  2058 HOH A O     
548 O  O     . HOH D .  ? 0.1806 0.2585 0.2571 -0.0155 0.0063  0.0367  2059 HOH A O     
549 O  O     . HOH D .  ? 0.2109 0.2473 0.2893 -0.0068 0.0010  0.0206  2060 HOH A O     
550 O  O     . HOH E .  ? 0.6007 0.5439 0.6938 -0.0175 -0.0162 -0.1489 2001 HOH B O     
551 O  O     . HOH E .  ? 0.7296 0.3766 0.5402 -0.2221 -0.0474 0.0185  2002 HOH B O     
552 O  O     . HOH E .  ? 0.6226 0.4034 0.8283 -0.0217 0.0845  0.0631  2003 HOH B O     
553 O  O     . HOH E .  ? 0.6010 0.3623 0.3725 -0.1074 0.1497  -0.0535 2004 HOH B O     
554 O  O     . HOH E .  ? 0.7258 0.4566 0.6541 -0.1688 0.2408  -0.0782 2005 HOH B O     
555 O  O     . HOH E .  ? 0.6888 0.8850 0.4453 -0.2636 -0.1321 -0.0946 2006 HOH B O     
556 O  O     . HOH E .  ? 0.6944 0.3954 0.5556 -0.2652 0.0423  -0.1166 2007 HOH B O     
557 O  O     . HOH E .  ? 0.6609 0.5997 0.5686 0.0947  -0.0050 0.0264  2008 HOH B O     
558 O  O     . HOH E .  ? 0.4565 0.7348 0.5135 -0.1582 0.0104  -0.1961 2009 HOH B O     
559 O  O     . HOH E .  ? 0.4549 0.5252 0.3352 -0.2251 -0.0439 -0.0056 2010 HOH B O     
560 O  O     . HOH E .  ? 0.4638 0.6583 0.4030 0.1251  -0.0649 0.0290  2011 HOH B O     
561 O  O     . HOH E .  ? 0.7929 0.2299 0.5234 -0.0417 -0.0315 -0.0106 2012 HOH B O     
562 O  O     . HOH E .  ? 0.3080 0.3716 0.2864 -0.1151 0.0233  -0.0073 2013 HOH B O     
563 O  O     . HOH E .  ? 0.4920 0.4648 0.4213 0.2090  -0.0010 0.0062  2014 HOH B O     
564 O  O     . HOH E .  ? 0.4822 0.4676 0.3690 0.1357  -0.0585 -0.0421 2015 HOH B O     
565 O  O     . HOH E .  ? 0.3803 0.2919 0.7489 -0.0680 0.0995  0.1414  2016 HOH B O     
566 O  O     . HOH E .  ? 0.6953 0.4625 0.5674 0.0950  0.1644  0.1336  2017 HOH B O     
567 O  O     . HOH E .  ? 0.4604 0.3028 0.7572 0.0698  0.0361  -0.1774 2018 HOH B O     
568 O  O     . HOH E .  ? 0.2941 0.3470 0.4513 -0.0511 -0.0141 0.1259  2019 HOH B O     
569 O  O     . HOH E .  ? 0.5057 0.5021 0.6014 -0.1596 0.0514  0.1119  2020 HOH B O     
570 O  O     . HOH E .  ? 0.4536 0.6565 0.5313 -0.1796 0.0822  0.0175  2021 HOH B O     
571 O  O     . HOH E .  ? 0.4630 0.2778 0.7082 0.0362  0.0887  0.0769  2022 HOH B O     
572 O  O     . HOH E .  ? 0.4501 0.6545 0.5755 -0.0153 0.2111  -0.1694 2023 HOH B O     
573 O  O     . HOH E .  ? 0.5787 0.5399 0.4707 -0.0426 0.0242  -0.0199 2024 HOH B O     
574 O  O     . HOH E .  ? 0.4537 0.6759 0.4224 -0.2528 0.1196  -0.1648 2025 HOH B O     
575 O  O     . HOH E .  ? 0.3443 0.2639 0.2715 -0.0650 -0.0070 0.0672  2026 HOH B O     
576 O  O     . HOH E .  ? 0.7875 0.4540 0.5437 0.0677  0.2398  -0.0626 2027 HOH B O     
577 O  O     . HOH E .  ? 0.3208 0.4481 0.3053 0.0088  0.0174  -0.0520 2028 HOH B O     
578 O  O     . HOH E .  ? 0.3901 0.3992 0.4212 0.0910  0.1005  -0.0787 2029 HOH B O     
579 O  O     . HOH E .  ? 0.2349 0.3282 0.3561 0.0108  0.0351  -0.0327 2030 HOH B O     
580 O  O     . HOH E .  ? 0.2988 0.4548 0.3299 0.0606  0.0764  0.0317  2031 HOH B O     
581 O  O     . HOH E .  ? 0.3073 0.5440 0.6474 0.0370  -0.0773 -0.0298 2032 HOH B O     
582 O  O     . HOH E .  ? 0.2948 0.6019 0.4733 -0.0246 0.0048  0.0010  2033 HOH B O     
583 O  O     . HOH E .  ? 0.5546 0.3495 0.3928 0.1258  -0.0100 -0.0748 2034 HOH B O     
# 
loop_
_pdbx_poly_seq_scheme.asym_id 
_pdbx_poly_seq_scheme.entity_id 
_pdbx_poly_seq_scheme.seq_id 
_pdbx_poly_seq_scheme.mon_id 
_pdbx_poly_seq_scheme.ndb_seq_num 
_pdbx_poly_seq_scheme.pdb_seq_num 
_pdbx_poly_seq_scheme.auth_seq_num 
_pdbx_poly_seq_scheme.pdb_mon_id 
_pdbx_poly_seq_scheme.auth_mon_id 
_pdbx_poly_seq_scheme.pdb_strand_id 
_pdbx_poly_seq_scheme.pdb_ins_code 
_pdbx_poly_seq_scheme.hetero 
A 1 1  DC  1  1  1  DC  DC  A . n 
A 1 2  DG  2  2  2  DG  DG  A . n 
A 1 3  DC  3  3  3  DC  DC  A . n 
A 1 4  DG  4  4  4  DG  DG  A . n 
A 1 5  DA  5  5  5  DA  DA  A . n 
A 1 6  DA  6  6  6  DA  DA  A . n 
A 1 7  DT  7  7  7  DT  DT  A . n 
A 1 8  DT  8  8  8  DT  DT  A . n 
A 1 9  5CM 9  9  9  5CM 5CM A . n 
A 1 10 DG  10 10 10 DG  DG  A . n 
A 1 11 DC  11 11 11 DC  DC  A . n 
A 1 12 DG  12 12 12 DG  DG  A . n 
B 1 1  DC  1  13 13 DC  DC  B . n 
B 1 2  DG  2  14 14 DG  DG  B . n 
B 1 3  DC  3  15 15 DC  DC  B . n 
B 1 4  DG  4  16 16 DG  DG  B . n 
B 1 5  DA  5  17 17 DA  DA  B . n 
B 1 6  DA  6  18 18 DA  DA  B . n 
B 1 7  DT  7  19 19 DT  DT  B . n 
B 1 8  DT  8  20 20 DT  DT  B . n 
B 1 9  5CM 9  21 21 5CM 5CM B . n 
B 1 10 DG  10 22 22 DG  DG  B . n 
B 1 11 DC  11 23 23 DC  DC  B . n 
B 1 12 DG  12 24 24 DG  DG  B . n 
# 
loop_
_pdbx_nonpoly_scheme.asym_id 
_pdbx_nonpoly_scheme.entity_id 
_pdbx_nonpoly_scheme.mon_id 
_pdbx_nonpoly_scheme.ndb_seq_num 
_pdbx_nonpoly_scheme.pdb_seq_num 
_pdbx_nonpoly_scheme.auth_seq_num 
_pdbx_nonpoly_scheme.pdb_mon_id 
_pdbx_nonpoly_scheme.auth_mon_id 
_pdbx_nonpoly_scheme.pdb_strand_id 
_pdbx_nonpoly_scheme.pdb_ins_code 
C 2 MG  1  100  100  MG  MG  A . 
D 3 HOH 1  2001 2001 HOH HOH A . 
D 3 HOH 2  2002 2002 HOH HOH A . 
D 3 HOH 3  2003 2003 HOH HOH A . 
D 3 HOH 4  2004 2004 HOH HOH A . 
D 3 HOH 5  2005 2005 HOH HOH A . 
D 3 HOH 6  2006 2006 HOH HOH A . 
D 3 HOH 7  2007 2007 HOH HOH A . 
D 3 HOH 8  2008 2008 HOH HOH A . 
D 3 HOH 9  2009 2009 HOH HOH A . 
D 3 HOH 10 2010 2010 HOH HOH A . 
D 3 HOH 11 2011 2011 HOH HOH A . 
D 3 HOH 12 2012 2012 HOH HOH A . 
D 3 HOH 13 2013 2013 HOH HOH A . 
D 3 HOH 14 2014 2014 HOH HOH A . 
D 3 HOH 15 2015 2015 HOH HOH A . 
D 3 HOH 16 2016 2016 HOH HOH A . 
D 3 HOH 17 2017 2017 HOH HOH A . 
D 3 HOH 18 2018 2018 HOH HOH A . 
D 3 HOH 19 2019 2019 HOH HOH A . 
D 3 HOH 20 2020 2020 HOH HOH A . 
D 3 HOH 21 2021 2021 HOH HOH A . 
D 3 HOH 22 2022 2022 HOH HOH A . 
D 3 HOH 23 2023 2023 HOH HOH A . 
D 3 HOH 24 2024 2024 HOH HOH A . 
D 3 HOH 25 2025 2025 HOH HOH A . 
D 3 HOH 26 2026 2026 HOH HOH A . 
D 3 HOH 27 2027 2027 HOH HOH A . 
D 3 HOH 28 2028 2028 HOH HOH A . 
D 3 HOH 29 2029 2029 HOH HOH A . 
D 3 HOH 30 2030 2030 HOH HOH A . 
D 3 HOH 31 2031 2031 HOH HOH A . 
D 3 HOH 32 2032 2032 HOH HOH A . 
D 3 HOH 33 2033 2033 HOH HOH A . 
D 3 HOH 34 2034 2034 HOH HOH A . 
D 3 HOH 35 2035 2035 HOH HOH A . 
D 3 HOH 36 2036 2036 HOH HOH A . 
D 3 HOH 37 2037 2037 HOH HOH A . 
D 3 HOH 38 2038 2038 HOH HOH A . 
D 3 HOH 39 2039 2039 HOH HOH A . 
D 3 HOH 40 2040 2040 HOH HOH A . 
D 3 HOH 41 2041 2041 HOH HOH A . 
D 3 HOH 42 2042 2042 HOH HOH A . 
D 3 HOH 43 2043 2043 HOH HOH A . 
D 3 HOH 44 2044 2044 HOH HOH A . 
D 3 HOH 45 2045 2045 HOH HOH A . 
D 3 HOH 46 2046 2046 HOH HOH A . 
D 3 HOH 47 2047 2047 HOH HOH A . 
D 3 HOH 48 2048 2048 HOH HOH A . 
D 3 HOH 49 2049 2049 HOH HOH A . 
D 3 HOH 50 2050 2050 HOH HOH A . 
D 3 HOH 51 2051 2051 HOH HOH A . 
D 3 HOH 52 2052 2052 HOH HOH A . 
D 3 HOH 53 2053 2053 HOH HOH A . 
D 3 HOH 54 2054 2054 HOH HOH A . 
D 3 HOH 55 2055 2055 HOH HOH A . 
D 3 HOH 56 2056 2056 HOH HOH A . 
D 3 HOH 57 2057 2057 HOH HOH A . 
D 3 HOH 58 2058 2058 HOH HOH A . 
D 3 HOH 59 2059 2059 HOH HOH A . 
D 3 HOH 60 2060 2060 HOH HOH A . 
E 3 HOH 1  2001 2001 HOH HOH B . 
E 3 HOH 2  2002 2002 HOH HOH B . 
E 3 HOH 3  2003 2003 HOH HOH B . 
E 3 HOH 4  2004 2004 HOH HOH B . 
E 3 HOH 5  2005 2005 HOH HOH B . 
E 3 HOH 6  2006 2006 HOH HOH B . 
E 3 HOH 7  2007 2007 HOH HOH B . 
E 3 HOH 8  2008 2008 HOH HOH B . 
E 3 HOH 9  2009 2009 HOH HOH B . 
E 3 HOH 10 2010 2010 HOH HOH B . 
E 3 HOH 11 2011 2011 HOH HOH B . 
E 3 HOH 12 2012 2012 HOH HOH B . 
E 3 HOH 13 2013 2013 HOH HOH B . 
E 3 HOH 14 2014 2014 HOH HOH B . 
E 3 HOH 15 2015 2015 HOH HOH B . 
E 3 HOH 16 2016 2016 HOH HOH B . 
E 3 HOH 17 2017 2017 HOH HOH B . 
E 3 HOH 18 2018 2018 HOH HOH B . 
E 3 HOH 19 2019 2019 HOH HOH B . 
E 3 HOH 20 2020 2020 HOH HOH B . 
E 3 HOH 21 2021 2021 HOH HOH B . 
E 3 HOH 22 2022 2022 HOH HOH B . 
E 3 HOH 23 2023 2023 HOH HOH B . 
E 3 HOH 24 2024 2024 HOH HOH B . 
E 3 HOH 25 2025 2025 HOH HOH B . 
E 3 HOH 26 2026 2026 HOH HOH B . 
E 3 HOH 27 2027 2027 HOH HOH B . 
E 3 HOH 28 2028 2028 HOH HOH B . 
E 3 HOH 29 2029 2029 HOH HOH B . 
E 3 HOH 30 2030 2030 HOH HOH B . 
E 3 HOH 31 2031 2031 HOH HOH B . 
E 3 HOH 32 2032 2032 HOH HOH B . 
E 3 HOH 33 2033 2033 HOH HOH B . 
E 3 HOH 34 2034 2034 HOH HOH B . 
# 
loop_
_pdbx_struct_mod_residue.id 
_pdbx_struct_mod_residue.label_asym_id 
_pdbx_struct_mod_residue.label_comp_id 
_pdbx_struct_mod_residue.label_seq_id 
_pdbx_struct_mod_residue.auth_asym_id 
_pdbx_struct_mod_residue.auth_comp_id 
_pdbx_struct_mod_residue.auth_seq_id 
_pdbx_struct_mod_residue.PDB_ins_code 
_pdbx_struct_mod_residue.parent_comp_id 
_pdbx_struct_mod_residue.details 
1 A 5CM 9 A 5CM 9  ? DC ? 
2 B 5CM 9 B 5CM 21 ? DC ? 
# 
_pdbx_struct_assembly.id                   1 
_pdbx_struct_assembly.details              author_and_software_defined_assembly 
_pdbx_struct_assembly.method_details       PISA 
_pdbx_struct_assembly.oligomeric_details   dimeric 
_pdbx_struct_assembly.oligomeric_count     2 
# 
_pdbx_struct_assembly_gen.assembly_id       1 
_pdbx_struct_assembly_gen.oper_expression   1 
_pdbx_struct_assembly_gen.asym_id_list      A,B,C,D,E 
# 
loop_
_pdbx_struct_assembly_prop.biol_id 
_pdbx_struct_assembly_prop.type 
_pdbx_struct_assembly_prop.value 
_pdbx_struct_assembly_prop.details 
1 'ABSA (A^2)' 2440 ? 
1 MORE         0.6  ? 
1 'SSA (A^2)'  4320 ? 
# 
_pdbx_struct_oper_list.id                   1 
_pdbx_struct_oper_list.type                 'identity operation' 
_pdbx_struct_oper_list.name                 1_555 
_pdbx_struct_oper_list.symmetry_operation   x,y,z 
_pdbx_struct_oper_list.matrix[1][1]         1.0000000000 
_pdbx_struct_oper_list.matrix[1][2]         0.0000000000 
_pdbx_struct_oper_list.matrix[1][3]         0.0000000000 
_pdbx_struct_oper_list.vector[1]            0.0000000000 
_pdbx_struct_oper_list.matrix[2][1]         0.0000000000 
_pdbx_struct_oper_list.matrix[2][2]         1.0000000000 
_pdbx_struct_oper_list.matrix[2][3]         0.0000000000 
_pdbx_struct_oper_list.vector[2]            0.0000000000 
_pdbx_struct_oper_list.matrix[3][1]         0.0000000000 
_pdbx_struct_oper_list.matrix[3][2]         0.0000000000 
_pdbx_struct_oper_list.matrix[3][3]         1.0000000000 
_pdbx_struct_oper_list.vector[3]            0.0000000000 
# 
loop_
_pdbx_struct_conn_angle.id 
_pdbx_struct_conn_angle.ptnr1_label_atom_id 
_pdbx_struct_conn_angle.ptnr1_label_alt_id 
_pdbx_struct_conn_angle.ptnr1_label_asym_id 
_pdbx_struct_conn_angle.ptnr1_label_comp_id 
_pdbx_struct_conn_angle.ptnr1_label_seq_id 
_pdbx_struct_conn_angle.ptnr1_auth_atom_id 
_pdbx_struct_conn_angle.ptnr1_auth_asym_id 
_pdbx_struct_conn_angle.ptnr1_auth_comp_id 
_pdbx_struct_conn_angle.ptnr1_auth_seq_id 
_pdbx_struct_conn_angle.ptnr1_PDB_ins_code 
_pdbx_struct_conn_angle.ptnr1_symmetry 
_pdbx_struct_conn_angle.ptnr2_label_atom_id 
_pdbx_struct_conn_angle.ptnr2_label_alt_id 
_pdbx_struct_conn_angle.ptnr2_label_asym_id 
_pdbx_struct_conn_angle.ptnr2_label_comp_id 
_pdbx_struct_conn_angle.ptnr2_label_seq_id 
_pdbx_struct_conn_angle.ptnr2_auth_atom_id 
_pdbx_struct_conn_angle.ptnr2_auth_asym_id 
_pdbx_struct_conn_angle.ptnr2_auth_comp_id 
_pdbx_struct_conn_angle.ptnr2_auth_seq_id 
_pdbx_struct_conn_angle.ptnr2_PDB_ins_code 
_pdbx_struct_conn_angle.ptnr2_symmetry 
_pdbx_struct_conn_angle.ptnr3_label_atom_id 
_pdbx_struct_conn_angle.ptnr3_label_alt_id 
_pdbx_struct_conn_angle.ptnr3_label_asym_id 
_pdbx_struct_conn_angle.ptnr3_label_comp_id 
_pdbx_struct_conn_angle.ptnr3_label_seq_id 
_pdbx_struct_conn_angle.ptnr3_auth_atom_id 
_pdbx_struct_conn_angle.ptnr3_auth_asym_id 
_pdbx_struct_conn_angle.ptnr3_auth_comp_id 
_pdbx_struct_conn_angle.ptnr3_auth_seq_id 
_pdbx_struct_conn_angle.ptnr3_PDB_ins_code 
_pdbx_struct_conn_angle.ptnr3_symmetry 
_pdbx_struct_conn_angle.value 
_pdbx_struct_conn_angle.value_esd 
1  O ? D HOH . ? A HOH 2004 ? 1_555 MG ? C MG . ? A MG 100 ? 1_555 O ? D HOH . ? A HOH 2013 ? 1_555 90.7  ? 
2  O ? D HOH . ? A HOH 2004 ? 1_555 MG ? C MG . ? A MG 100 ? 1_555 O ? D HOH . ? A HOH 2019 ? 1_555 87.5  ? 
3  O ? D HOH . ? A HOH 2013 ? 1_555 MG ? C MG . ? A MG 100 ? 1_555 O ? D HOH . ? A HOH 2019 ? 1_555 92.3  ? 
4  O ? D HOH . ? A HOH 2004 ? 1_555 MG ? C MG . ? A MG 100 ? 1_555 O ? D HOH . ? A HOH 2058 ? 1_555 87.9  ? 
5  O ? D HOH . ? A HOH 2013 ? 1_555 MG ? C MG . ? A MG 100 ? 1_555 O ? D HOH . ? A HOH 2058 ? 1_555 174.6 ? 
6  O ? D HOH . ? A HOH 2019 ? 1_555 MG ? C MG . ? A MG 100 ? 1_555 O ? D HOH . ? A HOH 2058 ? 1_555 92.8  ? 
7  O ? D HOH . ? A HOH 2004 ? 1_555 MG ? C MG . ? A MG 100 ? 1_555 O ? D HOH . ? A HOH 2059 ? 1_555 94.5  ? 
8  O ? D HOH . ? A HOH 2013 ? 1_555 MG ? C MG . ? A MG 100 ? 1_555 O ? D HOH . ? A HOH 2059 ? 1_555 88.3  ? 
9  O ? D HOH . ? A HOH 2019 ? 1_555 MG ? C MG . ? A MG 100 ? 1_555 O ? D HOH . ? A HOH 2059 ? 1_555 177.9 ? 
10 O ? D HOH . ? A HOH 2058 ? 1_555 MG ? C MG . ? A MG 100 ? 1_555 O ? D HOH . ? A HOH 2059 ? 1_555 86.6  ? 
11 O ? D HOH . ? A HOH 2004 ? 1_555 MG ? C MG . ? A MG 100 ? 1_555 O ? D HOH . ? A HOH 2060 ? 1_555 174.3 ? 
12 O ? D HOH . ? A HOH 2013 ? 1_555 MG ? C MG . ? A MG 100 ? 1_555 O ? D HOH . ? A HOH 2060 ? 1_555 89.6  ? 
13 O ? D HOH . ? A HOH 2019 ? 1_555 MG ? C MG . ? A MG 100 ? 1_555 O ? D HOH . ? A HOH 2060 ? 1_555 86.8  ? 
14 O ? D HOH . ? A HOH 2058 ? 1_555 MG ? C MG . ? A MG 100 ? 1_555 O ? D HOH . ? A HOH 2060 ? 1_555 92.4  ? 
15 O ? D HOH . ? A HOH 2059 ? 1_555 MG ? C MG . ? A MG 100 ? 1_555 O ? D HOH . ? A HOH 2060 ? 1_555 91.2  ? 
# 
loop_
_pdbx_audit_revision_history.ordinal 
_pdbx_audit_revision_history.data_content_type 
_pdbx_audit_revision_history.major_revision 
_pdbx_audit_revision_history.minor_revision 
_pdbx_audit_revision_history.revision_date 
1 'Structure model' 1 0 2013-10-02 
2 'Structure model' 1 1 2013-12-11 
3 'Structure model' 1 2 2014-02-12 
4 'Structure model' 1 3 2014-05-07 
5 'Structure model' 1 4 2018-02-21 
6 'Structure model' 1 5 2023-12-20 
# 
_pdbx_audit_revision_details.ordinal             1 
_pdbx_audit_revision_details.revision_ordinal    1 
_pdbx_audit_revision_details.data_content_type   'Structure model' 
_pdbx_audit_revision_details.provider            repository 
_pdbx_audit_revision_details.type                'Initial release' 
_pdbx_audit_revision_details.description         ? 
_pdbx_audit_revision_details.details             ? 
# 
loop_
_pdbx_audit_revision_group.ordinal 
_pdbx_audit_revision_group.revision_ordinal 
_pdbx_audit_revision_group.data_content_type 
_pdbx_audit_revision_group.group 
1 2 'Structure model' 'Database references'    
2 3 'Structure model' 'Database references'    
3 4 'Structure model' 'Structure summary'      
4 5 'Structure model' 'Database references'    
5 6 'Structure model' 'Data collection'        
6 6 'Structure model' 'Database references'    
7 6 'Structure model' 'Derived calculations'   
8 6 'Structure model' Other                    
9 6 'Structure model' 'Refinement description' 
# 
loop_
_pdbx_audit_revision_category.ordinal 
_pdbx_audit_revision_category.revision_ordinal 
_pdbx_audit_revision_category.data_content_type 
_pdbx_audit_revision_category.category 
1  5 'Structure model' citation                      
2  5 'Structure model' citation_author               
3  6 'Structure model' chem_comp_atom                
4  6 'Structure model' chem_comp_bond                
5  6 'Structure model' database_2                    
6  6 'Structure model' pdbx_database_status          
7  6 'Structure model' pdbx_initial_refinement_model 
8  6 'Structure model' pdbx_struct_conn_angle        
9  6 'Structure model' struct_conn                   
10 6 'Structure model' struct_site                   
# 
loop_
_pdbx_audit_revision_item.ordinal 
_pdbx_audit_revision_item.revision_ordinal 
_pdbx_audit_revision_item.data_content_type 
_pdbx_audit_revision_item.item 
1  5 'Structure model' '_citation.journal_abbrev'                  
2  5 'Structure model' '_citation.journal_id_ISSN'                 
3  5 'Structure model' '_citation.page_last'                       
4  5 'Structure model' '_citation.pdbx_database_id_DOI'            
5  5 'Structure model' '_citation.title'                           
6  5 'Structure model' '_citation_author.name'                     
7  6 'Structure model' '_database_2.pdbx_DOI'                      
8  6 'Structure model' '_database_2.pdbx_database_accession'       
9  6 'Structure model' '_pdbx_database_status.status_code_sf'      
10 6 'Structure model' '_pdbx_struct_conn_angle.ptnr1_auth_seq_id' 
11 6 'Structure model' '_pdbx_struct_conn_angle.ptnr3_auth_seq_id' 
12 6 'Structure model' '_pdbx_struct_conn_angle.value'             
13 6 'Structure model' '_struct_conn.conn_type_id'                 
14 6 'Structure model' '_struct_conn.id'                           
15 6 'Structure model' '_struct_conn.pdbx_dist_value'              
16 6 'Structure model' '_struct_conn.pdbx_leaving_atom_flag'       
17 6 'Structure model' '_struct_conn.ptnr1_auth_asym_id'           
18 6 'Structure model' '_struct_conn.ptnr1_auth_comp_id'           
19 6 'Structure model' '_struct_conn.ptnr1_auth_seq_id'            
20 6 'Structure model' '_struct_conn.ptnr1_label_asym_id'          
21 6 'Structure model' '_struct_conn.ptnr1_label_atom_id'          
22 6 'Structure model' '_struct_conn.ptnr1_label_comp_id'          
23 6 'Structure model' '_struct_conn.ptnr1_label_seq_id'           
24 6 'Structure model' '_struct_conn.ptnr2_auth_asym_id'           
25 6 'Structure model' '_struct_conn.ptnr2_auth_comp_id'           
26 6 'Structure model' '_struct_conn.ptnr2_auth_seq_id'            
27 6 'Structure model' '_struct_conn.ptnr2_label_asym_id'          
28 6 'Structure model' '_struct_conn.ptnr2_label_atom_id'          
29 6 'Structure model' '_struct_conn.ptnr2_label_comp_id'          
30 6 'Structure model' '_struct_conn.ptnr2_label_seq_id'           
31 6 'Structure model' '_struct_site.pdbx_auth_asym_id'            
32 6 'Structure model' '_struct_site.pdbx_auth_comp_id'            
33 6 'Structure model' '_struct_site.pdbx_auth_seq_id'             
# 
loop_
_software.name 
_software.classification 
_software.version 
_software.citation_id 
_software.pdbx_ordinal 
PHENIX refinement       '(PHENIX.REFINE)' ? 1 
XDS    'data reduction' .                 ? 2 
SCALA  'data scaling'   .                 ? 3 
PHASER phasing          .                 ? 4 
# 
loop_
_pdbx_validate_rmsd_bond.id 
_pdbx_validate_rmsd_bond.PDB_model_num 
_pdbx_validate_rmsd_bond.auth_atom_id_1 
_pdbx_validate_rmsd_bond.auth_asym_id_1 
_pdbx_validate_rmsd_bond.auth_comp_id_1 
_pdbx_validate_rmsd_bond.auth_seq_id_1 
_pdbx_validate_rmsd_bond.PDB_ins_code_1 
_pdbx_validate_rmsd_bond.label_alt_id_1 
_pdbx_validate_rmsd_bond.auth_atom_id_2 
_pdbx_validate_rmsd_bond.auth_asym_id_2 
_pdbx_validate_rmsd_bond.auth_comp_id_2 
_pdbx_validate_rmsd_bond.auth_seq_id_2 
_pdbx_validate_rmsd_bond.PDB_ins_code_2 
_pdbx_validate_rmsd_bond.label_alt_id_2 
_pdbx_validate_rmsd_bond.bond_value 
_pdbx_validate_rmsd_bond.bond_target_value 
_pdbx_validate_rmsd_bond.bond_deviation 
_pdbx_validate_rmsd_bond.bond_standard_deviation 
_pdbx_validate_rmsd_bond.linker_flag 
1 1 C8    A DA 5  ? ? N9    A DA 5  ? ? 1.324 1.373 -0.049 0.008 N 
2 1 "O3'" B DG 14 ? ? "C3'" B DG 14 ? ? 1.350 1.419 -0.069 0.006 N 
3 1 "O3'" B DC 15 ? ? "C3'" B DC 15 ? ? 1.368 1.419 -0.051 0.006 N 
4 1 "O3'" B DC 23 ? ? "C3'" B DC 23 ? ? 1.369 1.419 -0.050 0.006 N 
# 
loop_
_pdbx_validate_rmsd_angle.id 
_pdbx_validate_rmsd_angle.PDB_model_num 
_pdbx_validate_rmsd_angle.auth_atom_id_1 
_pdbx_validate_rmsd_angle.auth_asym_id_1 
_pdbx_validate_rmsd_angle.auth_comp_id_1 
_pdbx_validate_rmsd_angle.auth_seq_id_1 
_pdbx_validate_rmsd_angle.PDB_ins_code_1 
_pdbx_validate_rmsd_angle.label_alt_id_1 
_pdbx_validate_rmsd_angle.auth_atom_id_2 
_pdbx_validate_rmsd_angle.auth_asym_id_2 
_pdbx_validate_rmsd_angle.auth_comp_id_2 
_pdbx_validate_rmsd_angle.auth_seq_id_2 
_pdbx_validate_rmsd_angle.PDB_ins_code_2 
_pdbx_validate_rmsd_angle.label_alt_id_2 
_pdbx_validate_rmsd_angle.auth_atom_id_3 
_pdbx_validate_rmsd_angle.auth_asym_id_3 
_pdbx_validate_rmsd_angle.auth_comp_id_3 
_pdbx_validate_rmsd_angle.auth_seq_id_3 
_pdbx_validate_rmsd_angle.PDB_ins_code_3 
_pdbx_validate_rmsd_angle.label_alt_id_3 
_pdbx_validate_rmsd_angle.angle_value 
_pdbx_validate_rmsd_angle.angle_target_value 
_pdbx_validate_rmsd_angle.angle_deviation 
_pdbx_validate_rmsd_angle.angle_standard_deviation 
_pdbx_validate_rmsd_angle.linker_flag 
1  1 C6    A DC 3  ? ? N1    A DC 3  ? ? C2    A DC 3  ? ? 122.76 120.30 2.46  0.40 N 
2  1 "O4'" A DG 4  ? ? "C1'" A DG 4  ? ? N9    A DG 4  ? ? 110.45 108.30 2.15  0.30 N 
3  1 "O4'" A DA 5  ? ? "C1'" A DA 5  ? ? N9    A DA 5  ? ? 102.44 108.00 -5.56 0.70 N 
4  1 C5    A DA 6  ? ? C6    A DA 6  ? ? N1    A DA 6  ? ? 114.63 117.70 -3.07 0.50 N 
5  1 "O5'" A DG 10 ? ? P     A DG 10 ? ? OP2   A DG 10 ? ? 98.41  105.70 -7.29 0.90 N 
6  1 "C3'" A DG 10 ? ? "C2'" A DG 10 ? ? "C1'" A DG 10 ? ? 95.59  102.40 -6.81 0.80 N 
7  1 C4    A DG 12 ? ? C5    A DG 12 ? ? N7    A DG 12 ? ? 108.30 110.80 -2.50 0.40 N 
8  1 "O4'" B DG 14 ? ? "C4'" B DG 14 ? ? "C3'" B DG 14 ? ? 112.91 106.00 6.91  0.60 N 
9  1 "C1'" B DG 14 ? ? "O4'" B DG 14 ? ? "C4'" B DG 14 ? ? 100.75 110.10 -9.35 1.00 N 
10 1 "O4'" B DG 14 ? ? "C1'" B DG 14 ? ? N9    B DG 14 ? ? 101.56 108.00 -6.44 0.70 N 
11 1 N9    B DG 16 ? ? C4    B DG 16 ? ? C5    B DG 16 ? ? 108.58 105.40 3.18  0.40 N 
12 1 N1    B DA 17 ? ? C2    B DA 17 ? ? N3    B DA 17 ? ? 125.32 129.30 -3.98 0.50 N 
13 1 C8    B DA 17 ? ? N9    B DA 17 ? ? C4    B DA 17 ? ? 108.25 105.80 2.45  0.40 N 
14 1 "O4'" B DA 18 ? ? "C1'" B DA 18 ? ? N9    B DA 18 ? ? 103.78 108.00 -4.22 0.70 N 
15 1 "O4'" B DT 20 ? ? "C1'" B DT 20 ? ? N1    B DT 20 ? ? 103.05 108.00 -4.95 0.70 N 
16 1 C4    B DT 20 ? ? C5    B DT 20 ? ? C7    B DT 20 ? ? 122.77 119.00 3.77  0.60 N 
17 1 "C3'" B DG 22 ? ? "C2'" B DG 22 ? ? "C1'" B DG 22 ? ? 97.22  102.40 -5.18 0.80 N 
18 1 C5    B DG 22 ? ? C6    B DG 22 ? ? N1    B DG 22 ? ? 115.61 111.50 4.11  0.50 N 
19 1 "O4'" B DC 23 ? ? "C4'" B DC 23 ? ? "C3'" B DC 23 ? ? 112.54 106.00 6.54  0.60 N 
20 1 "C1'" B DC 23 ? ? "O4'" B DC 23 ? ? "C4'" B DC 23 ? ? 102.12 110.10 -7.98 1.00 N 
21 1 "O4'" B DC 23 ? ? "C1'" B DC 23 ? ? N1    B DC 23 ? ? 102.66 108.00 -5.34 0.70 N 
# 
_pdbx_distant_solvent_atoms.id                                1 
_pdbx_distant_solvent_atoms.PDB_model_num                     1 
_pdbx_distant_solvent_atoms.auth_atom_id                      O 
_pdbx_distant_solvent_atoms.label_alt_id                      ? 
_pdbx_distant_solvent_atoms.auth_asym_id                      A 
_pdbx_distant_solvent_atoms.auth_comp_id                      HOH 
_pdbx_distant_solvent_atoms.auth_seq_id                       2051 
_pdbx_distant_solvent_atoms.PDB_ins_code                      ? 
_pdbx_distant_solvent_atoms.neighbor_macromolecule_distance   5.89 
_pdbx_distant_solvent_atoms.neighbor_ligand_distance          . 
# 
loop_
_chem_comp_atom.comp_id 
_chem_comp_atom.atom_id 
_chem_comp_atom.type_symbol 
_chem_comp_atom.pdbx_aromatic_flag 
_chem_comp_atom.pdbx_stereo_config 
_chem_comp_atom.pdbx_ordinal 
5CM N1     N  N N 1   
5CM C2     C  N N 2   
5CM N3     N  N N 3   
5CM C4     C  N N 4   
5CM C5     C  N N 5   
5CM C5A    C  N N 6   
5CM C6     C  N N 7   
5CM O2     O  N N 8   
5CM N4     N  N N 9   
5CM "C1'"  C  N R 10  
5CM "C2'"  C  N N 11  
5CM "C3'"  C  N S 12  
5CM "C4'"  C  N R 13  
5CM "O4'"  O  N N 14  
5CM "O3'"  O  N N 15  
5CM "C5'"  C  N N 16  
5CM "O5'"  O  N N 17  
5CM P      P  N N 18  
5CM OP1    O  N N 19  
5CM OP2    O  N N 20  
5CM OP3    O  N N 21  
5CM H5A1   H  N N 22  
5CM H5A2   H  N N 23  
5CM H5A3   H  N N 24  
5CM H6     H  N N 25  
5CM HN41   H  N N 26  
5CM HN42   H  N N 27  
5CM "H1'"  H  N N 28  
5CM "H2'"  H  N N 29  
5CM "H2''" H  N N 30  
5CM "H3'"  H  N N 31  
5CM "H4'"  H  N N 32  
5CM "HO3'" H  N N 33  
5CM "H5'"  H  N N 34  
5CM "H5''" H  N N 35  
5CM HOP2   H  N N 36  
5CM HOP3   H  N N 37  
DA  OP3    O  N N 38  
DA  P      P  N N 39  
DA  OP1    O  N N 40  
DA  OP2    O  N N 41  
DA  "O5'"  O  N N 42  
DA  "C5'"  C  N N 43  
DA  "C4'"  C  N R 44  
DA  "O4'"  O  N N 45  
DA  "C3'"  C  N S 46  
DA  "O3'"  O  N N 47  
DA  "C2'"  C  N N 48  
DA  "C1'"  C  N R 49  
DA  N9     N  Y N 50  
DA  C8     C  Y N 51  
DA  N7     N  Y N 52  
DA  C5     C  Y N 53  
DA  C6     C  Y N 54  
DA  N6     N  N N 55  
DA  N1     N  Y N 56  
DA  C2     C  Y N 57  
DA  N3     N  Y N 58  
DA  C4     C  Y N 59  
DA  HOP3   H  N N 60  
DA  HOP2   H  N N 61  
DA  "H5'"  H  N N 62  
DA  "H5''" H  N N 63  
DA  "H4'"  H  N N 64  
DA  "H3'"  H  N N 65  
DA  "HO3'" H  N N 66  
DA  "H2'"  H  N N 67  
DA  "H2''" H  N N 68  
DA  "H1'"  H  N N 69  
DA  H8     H  N N 70  
DA  H61    H  N N 71  
DA  H62    H  N N 72  
DA  H2     H  N N 73  
DC  OP3    O  N N 74  
DC  P      P  N N 75  
DC  OP1    O  N N 76  
DC  OP2    O  N N 77  
DC  "O5'"  O  N N 78  
DC  "C5'"  C  N N 79  
DC  "C4'"  C  N R 80  
DC  "O4'"  O  N N 81  
DC  "C3'"  C  N S 82  
DC  "O3'"  O  N N 83  
DC  "C2'"  C  N N 84  
DC  "C1'"  C  N R 85  
DC  N1     N  N N 86  
DC  C2     C  N N 87  
DC  O2     O  N N 88  
DC  N3     N  N N 89  
DC  C4     C  N N 90  
DC  N4     N  N N 91  
DC  C5     C  N N 92  
DC  C6     C  N N 93  
DC  HOP3   H  N N 94  
DC  HOP2   H  N N 95  
DC  "H5'"  H  N N 96  
DC  "H5''" H  N N 97  
DC  "H4'"  H  N N 98  
DC  "H3'"  H  N N 99  
DC  "HO3'" H  N N 100 
DC  "H2'"  H  N N 101 
DC  "H2''" H  N N 102 
DC  "H1'"  H  N N 103 
DC  H41    H  N N 104 
DC  H42    H  N N 105 
DC  H5     H  N N 106 
DC  H6     H  N N 107 
DG  OP3    O  N N 108 
DG  P      P  N N 109 
DG  OP1    O  N N 110 
DG  OP2    O  N N 111 
DG  "O5'"  O  N N 112 
DG  "C5'"  C  N N 113 
DG  "C4'"  C  N R 114 
DG  "O4'"  O  N N 115 
DG  "C3'"  C  N S 116 
DG  "O3'"  O  N N 117 
DG  "C2'"  C  N N 118 
DG  "C1'"  C  N R 119 
DG  N9     N  Y N 120 
DG  C8     C  Y N 121 
DG  N7     N  Y N 122 
DG  C5     C  Y N 123 
DG  C6     C  N N 124 
DG  O6     O  N N 125 
DG  N1     N  N N 126 
DG  C2     C  N N 127 
DG  N2     N  N N 128 
DG  N3     N  N N 129 
DG  C4     C  Y N 130 
DG  HOP3   H  N N 131 
DG  HOP2   H  N N 132 
DG  "H5'"  H  N N 133 
DG  "H5''" H  N N 134 
DG  "H4'"  H  N N 135 
DG  "H3'"  H  N N 136 
DG  "HO3'" H  N N 137 
DG  "H2'"  H  N N 138 
DG  "H2''" H  N N 139 
DG  "H1'"  H  N N 140 
DG  H8     H  N N 141 
DG  H1     H  N N 142 
DG  H21    H  N N 143 
DG  H22    H  N N 144 
DT  OP3    O  N N 145 
DT  P      P  N N 146 
DT  OP1    O  N N 147 
DT  OP2    O  N N 148 
DT  "O5'"  O  N N 149 
DT  "C5'"  C  N N 150 
DT  "C4'"  C  N R 151 
DT  "O4'"  O  N N 152 
DT  "C3'"  C  N S 153 
DT  "O3'"  O  N N 154 
DT  "C2'"  C  N N 155 
DT  "C1'"  C  N R 156 
DT  N1     N  N N 157 
DT  C2     C  N N 158 
DT  O2     O  N N 159 
DT  N3     N  N N 160 
DT  C4     C  N N 161 
DT  O4     O  N N 162 
DT  C5     C  N N 163 
DT  C7     C  N N 164 
DT  C6     C  N N 165 
DT  HOP3   H  N N 166 
DT  HOP2   H  N N 167 
DT  "H5'"  H  N N 168 
DT  "H5''" H  N N 169 
DT  "H4'"  H  N N 170 
DT  "H3'"  H  N N 171 
DT  "HO3'" H  N N 172 
DT  "H2'"  H  N N 173 
DT  "H2''" H  N N 174 
DT  "H1'"  H  N N 175 
DT  H3     H  N N 176 
DT  H71    H  N N 177 
DT  H72    H  N N 178 
DT  H73    H  N N 179 
DT  H6     H  N N 180 
HOH O      O  N N 181 
HOH H1     H  N N 182 
HOH H2     H  N N 183 
MG  MG     MG N N 184 
# 
loop_
_chem_comp_bond.comp_id 
_chem_comp_bond.atom_id_1 
_chem_comp_bond.atom_id_2 
_chem_comp_bond.value_order 
_chem_comp_bond.pdbx_aromatic_flag 
_chem_comp_bond.pdbx_stereo_config 
_chem_comp_bond.pdbx_ordinal 
5CM N1    C2     sing N N 1   
5CM N1    C6     sing N N 2   
5CM N1    "C1'"  sing N N 3   
5CM C2    N3     sing N N 4   
5CM C2    O2     doub N N 5   
5CM N3    C4     doub N N 6   
5CM C4    C5     sing N N 7   
5CM C4    N4     sing N N 8   
5CM C5    C5A    sing N N 9   
5CM C5    C6     doub N N 10  
5CM C5A   H5A1   sing N N 11  
5CM C5A   H5A2   sing N N 12  
5CM C5A   H5A3   sing N N 13  
5CM C6    H6     sing N N 14  
5CM N4    HN41   sing N N 15  
5CM N4    HN42   sing N N 16  
5CM "C1'" "C2'"  sing N N 17  
5CM "C1'" "O4'"  sing N N 18  
5CM "C1'" "H1'"  sing N N 19  
5CM "C2'" "C3'"  sing N N 20  
5CM "C2'" "H2'"  sing N N 21  
5CM "C2'" "H2''" sing N N 22  
5CM "C3'" "C4'"  sing N N 23  
5CM "C3'" "O3'"  sing N N 24  
5CM "C3'" "H3'"  sing N N 25  
5CM "C4'" "O4'"  sing N N 26  
5CM "C4'" "C5'"  sing N N 27  
5CM "C4'" "H4'"  sing N N 28  
5CM "O3'" "HO3'" sing N N 29  
5CM "C5'" "O5'"  sing N N 30  
5CM "C5'" "H5'"  sing N N 31  
5CM "C5'" "H5''" sing N N 32  
5CM "O5'" P      sing N N 33  
5CM P     OP1    doub N N 34  
5CM P     OP2    sing N N 35  
5CM P     OP3    sing N N 36  
5CM OP2   HOP2   sing N N 37  
5CM OP3   HOP3   sing N N 38  
DA  OP3   P      sing N N 39  
DA  OP3   HOP3   sing N N 40  
DA  P     OP1    doub N N 41  
DA  P     OP2    sing N N 42  
DA  P     "O5'"  sing N N 43  
DA  OP2   HOP2   sing N N 44  
DA  "O5'" "C5'"  sing N N 45  
DA  "C5'" "C4'"  sing N N 46  
DA  "C5'" "H5'"  sing N N 47  
DA  "C5'" "H5''" sing N N 48  
DA  "C4'" "O4'"  sing N N 49  
DA  "C4'" "C3'"  sing N N 50  
DA  "C4'" "H4'"  sing N N 51  
DA  "O4'" "C1'"  sing N N 52  
DA  "C3'" "O3'"  sing N N 53  
DA  "C3'" "C2'"  sing N N 54  
DA  "C3'" "H3'"  sing N N 55  
DA  "O3'" "HO3'" sing N N 56  
DA  "C2'" "C1'"  sing N N 57  
DA  "C2'" "H2'"  sing N N 58  
DA  "C2'" "H2''" sing N N 59  
DA  "C1'" N9     sing N N 60  
DA  "C1'" "H1'"  sing N N 61  
DA  N9    C8     sing Y N 62  
DA  N9    C4     sing Y N 63  
DA  C8    N7     doub Y N 64  
DA  C8    H8     sing N N 65  
DA  N7    C5     sing Y N 66  
DA  C5    C6     sing Y N 67  
DA  C5    C4     doub Y N 68  
DA  C6    N6     sing N N 69  
DA  C6    N1     doub Y N 70  
DA  N6    H61    sing N N 71  
DA  N6    H62    sing N N 72  
DA  N1    C2     sing Y N 73  
DA  C2    N3     doub Y N 74  
DA  C2    H2     sing N N 75  
DA  N3    C4     sing Y N 76  
DC  OP3   P      sing N N 77  
DC  OP3   HOP3   sing N N 78  
DC  P     OP1    doub N N 79  
DC  P     OP2    sing N N 80  
DC  P     "O5'"  sing N N 81  
DC  OP2   HOP2   sing N N 82  
DC  "O5'" "C5'"  sing N N 83  
DC  "C5'" "C4'"  sing N N 84  
DC  "C5'" "H5'"  sing N N 85  
DC  "C5'" "H5''" sing N N 86  
DC  "C4'" "O4'"  sing N N 87  
DC  "C4'" "C3'"  sing N N 88  
DC  "C4'" "H4'"  sing N N 89  
DC  "O4'" "C1'"  sing N N 90  
DC  "C3'" "O3'"  sing N N 91  
DC  "C3'" "C2'"  sing N N 92  
DC  "C3'" "H3'"  sing N N 93  
DC  "O3'" "HO3'" sing N N 94  
DC  "C2'" "C1'"  sing N N 95  
DC  "C2'" "H2'"  sing N N 96  
DC  "C2'" "H2''" sing N N 97  
DC  "C1'" N1     sing N N 98  
DC  "C1'" "H1'"  sing N N 99  
DC  N1    C2     sing N N 100 
DC  N1    C6     sing N N 101 
DC  C2    O2     doub N N 102 
DC  C2    N3     sing N N 103 
DC  N3    C4     doub N N 104 
DC  C4    N4     sing N N 105 
DC  C4    C5     sing N N 106 
DC  N4    H41    sing N N 107 
DC  N4    H42    sing N N 108 
DC  C5    C6     doub N N 109 
DC  C5    H5     sing N N 110 
DC  C6    H6     sing N N 111 
DG  OP3   P      sing N N 112 
DG  OP3   HOP3   sing N N 113 
DG  P     OP1    doub N N 114 
DG  P     OP2    sing N N 115 
DG  P     "O5'"  sing N N 116 
DG  OP2   HOP2   sing N N 117 
DG  "O5'" "C5'"  sing N N 118 
DG  "C5'" "C4'"  sing N N 119 
DG  "C5'" "H5'"  sing N N 120 
DG  "C5'" "H5''" sing N N 121 
DG  "C4'" "O4'"  sing N N 122 
DG  "C4'" "C3'"  sing N N 123 
DG  "C4'" "H4'"  sing N N 124 
DG  "O4'" "C1'"  sing N N 125 
DG  "C3'" "O3'"  sing N N 126 
DG  "C3'" "C2'"  sing N N 127 
DG  "C3'" "H3'"  sing N N 128 
DG  "O3'" "HO3'" sing N N 129 
DG  "C2'" "C1'"  sing N N 130 
DG  "C2'" "H2'"  sing N N 131 
DG  "C2'" "H2''" sing N N 132 
DG  "C1'" N9     sing N N 133 
DG  "C1'" "H1'"  sing N N 134 
DG  N9    C8     sing Y N 135 
DG  N9    C4     sing Y N 136 
DG  C8    N7     doub Y N 137 
DG  C8    H8     sing N N 138 
DG  N7    C5     sing Y N 139 
DG  C5    C6     sing N N 140 
DG  C5    C4     doub Y N 141 
DG  C6    O6     doub N N 142 
DG  C6    N1     sing N N 143 
DG  N1    C2     sing N N 144 
DG  N1    H1     sing N N 145 
DG  C2    N2     sing N N 146 
DG  C2    N3     doub N N 147 
DG  N2    H21    sing N N 148 
DG  N2    H22    sing N N 149 
DG  N3    C4     sing N N 150 
DT  OP3   P      sing N N 151 
DT  OP3   HOP3   sing N N 152 
DT  P     OP1    doub N N 153 
DT  P     OP2    sing N N 154 
DT  P     "O5'"  sing N N 155 
DT  OP2   HOP2   sing N N 156 
DT  "O5'" "C5'"  sing N N 157 
DT  "C5'" "C4'"  sing N N 158 
DT  "C5'" "H5'"  sing N N 159 
DT  "C5'" "H5''" sing N N 160 
DT  "C4'" "O4'"  sing N N 161 
DT  "C4'" "C3'"  sing N N 162 
DT  "C4'" "H4'"  sing N N 163 
DT  "O4'" "C1'"  sing N N 164 
DT  "C3'" "O3'"  sing N N 165 
DT  "C3'" "C2'"  sing N N 166 
DT  "C3'" "H3'"  sing N N 167 
DT  "O3'" "HO3'" sing N N 168 
DT  "C2'" "C1'"  sing N N 169 
DT  "C2'" "H2'"  sing N N 170 
DT  "C2'" "H2''" sing N N 171 
DT  "C1'" N1     sing N N 172 
DT  "C1'" "H1'"  sing N N 173 
DT  N1    C2     sing N N 174 
DT  N1    C6     sing N N 175 
DT  C2    O2     doub N N 176 
DT  C2    N3     sing N N 177 
DT  N3    C4     sing N N 178 
DT  N3    H3     sing N N 179 
DT  C4    O4     doub N N 180 
DT  C4    C5     sing N N 181 
DT  C5    C7     sing N N 182 
DT  C5    C6     doub N N 183 
DT  C7    H71    sing N N 184 
DT  C7    H72    sing N N 185 
DT  C7    H73    sing N N 186 
DT  C6    H6     sing N N 187 
HOH O     H1     sing N N 188 
HOH O     H2     sing N N 189 
# 
loop_
_ndb_struct_conf_na.entry_id 
_ndb_struct_conf_na.feature 
4C63 'double helix'        
4C63 'b-form double helix' 
# 
loop_
_ndb_struct_na_base_pair.model_number 
_ndb_struct_na_base_pair.i_label_asym_id 
_ndb_struct_na_base_pair.i_label_comp_id 
_ndb_struct_na_base_pair.i_label_seq_id 
_ndb_struct_na_base_pair.i_symmetry 
_ndb_struct_na_base_pair.j_label_asym_id 
_ndb_struct_na_base_pair.j_label_comp_id 
_ndb_struct_na_base_pair.j_label_seq_id 
_ndb_struct_na_base_pair.j_symmetry 
_ndb_struct_na_base_pair.shear 
_ndb_struct_na_base_pair.stretch 
_ndb_struct_na_base_pair.stagger 
_ndb_struct_na_base_pair.buckle 
_ndb_struct_na_base_pair.propeller 
_ndb_struct_na_base_pair.opening 
_ndb_struct_na_base_pair.pair_number 
_ndb_struct_na_base_pair.pair_name 
_ndb_struct_na_base_pair.i_auth_asym_id 
_ndb_struct_na_base_pair.i_auth_seq_id 
_ndb_struct_na_base_pair.i_PDB_ins_code 
_ndb_struct_na_base_pair.j_auth_asym_id 
_ndb_struct_na_base_pair.j_auth_seq_id 
_ndb_struct_na_base_pair.j_PDB_ins_code 
_ndb_struct_na_base_pair.hbond_type_28 
_ndb_struct_na_base_pair.hbond_type_12 
1 A DC  1  1_555 B DG  12 1_555 0.198  -0.146 0.096  2.885  -17.383 1.250  1  A_DC1:DG24_B  A 1  ? B 24 ? 19 1 
1 A DG  2  1_555 B DC  11 1_555 -0.092 -0.137 0.168  1.428  -6.578  -3.432 2  A_DG2:DC23_B  A 2  ? B 23 ? 19 1 
1 A DC  3  1_555 B DG  10 1_555 0.207  -0.122 0.120  -1.229 -5.201  0.342  3  A_DC3:DG22_B  A 3  ? B 22 ? 19 1 
1 A DG  4  1_555 B 5CM 9  1_555 -0.241 -0.068 -0.012 11.873 -9.802  1.110  4  A_DG4:5CM21_B A 4  ? B 21 ? 19 1 
1 A DA  5  1_555 B DT  8  1_555 -0.025 -0.084 -0.055 7.263  -15.633 2.932  5  A_DA5:DT20_B  A 5  ? B 20 ? 20 1 
1 A DA  6  1_555 B DT  7  1_555 0.033  -0.146 0.132  2.645  -14.208 4.648  6  A_DA6:DT19_B  A 6  ? B 19 ? 20 1 
1 A DT  7  1_555 B DA  6  1_555 -0.031 -0.156 0.070  0.914  -15.483 3.087  7  A_DT7:DA18_B  A 7  ? B 18 ? 20 1 
1 A DT  8  1_555 B DA  5  1_555 -0.024 -0.135 -0.037 -2.391 -13.503 3.779  8  A_DT8:DA17_B  A 8  ? B 17 ? 20 1 
1 A 5CM 9  1_555 B DG  4  1_555 0.245  -0.127 0.021  -9.623 -13.409 -0.251 9  A_5CM9:DG16_B A 9  ? B 16 ? 19 1 
1 A DG  10 1_555 B DC  3  1_555 -0.098 -0.111 0.170  4.610  -6.229  2.568  10 A_DG10:DC15_B A 10 ? B 15 ? 19 1 
1 A DC  11 1_555 B DG  2  1_555 0.095  -0.163 0.180  4.091  -17.306 -0.881 11 A_DC11:DG14_B A 11 ? B 14 ? 19 1 
1 A DG  12 1_555 B DC  1  1_555 -0.463 -0.164 -0.431 8.068  24.158  -3.266 12 A_DG12:DC13_B A 12 ? B 13 ? 19 1 
# 
loop_
_ndb_struct_na_base_pair_step.model_number 
_ndb_struct_na_base_pair_step.i_label_asym_id_1 
_ndb_struct_na_base_pair_step.i_label_comp_id_1 
_ndb_struct_na_base_pair_step.i_label_seq_id_1 
_ndb_struct_na_base_pair_step.i_symmetry_1 
_ndb_struct_na_base_pair_step.j_label_asym_id_1 
_ndb_struct_na_base_pair_step.j_label_comp_id_1 
_ndb_struct_na_base_pair_step.j_label_seq_id_1 
_ndb_struct_na_base_pair_step.j_symmetry_1 
_ndb_struct_na_base_pair_step.i_label_asym_id_2 
_ndb_struct_na_base_pair_step.i_label_comp_id_2 
_ndb_struct_na_base_pair_step.i_label_seq_id_2 
_ndb_struct_na_base_pair_step.i_symmetry_2 
_ndb_struct_na_base_pair_step.j_label_asym_id_2 
_ndb_struct_na_base_pair_step.j_label_comp_id_2 
_ndb_struct_na_base_pair_step.j_label_seq_id_2 
_ndb_struct_na_base_pair_step.j_symmetry_2 
_ndb_struct_na_base_pair_step.shift 
_ndb_struct_na_base_pair_step.slide 
_ndb_struct_na_base_pair_step.rise 
_ndb_struct_na_base_pair_step.tilt 
_ndb_struct_na_base_pair_step.roll 
_ndb_struct_na_base_pair_step.twist 
_ndb_struct_na_base_pair_step.x_displacement 
_ndb_struct_na_base_pair_step.y_displacement 
_ndb_struct_na_base_pair_step.helical_rise 
_ndb_struct_na_base_pair_step.inclination 
_ndb_struct_na_base_pair_step.tip 
_ndb_struct_na_base_pair_step.helical_twist 
_ndb_struct_na_base_pair_step.step_number 
_ndb_struct_na_base_pair_step.step_name 
_ndb_struct_na_base_pair_step.i_auth_asym_id_1 
_ndb_struct_na_base_pair_step.i_auth_seq_id_1 
_ndb_struct_na_base_pair_step.i_PDB_ins_code_1 
_ndb_struct_na_base_pair_step.j_auth_asym_id_1 
_ndb_struct_na_base_pair_step.j_auth_seq_id_1 
_ndb_struct_na_base_pair_step.j_PDB_ins_code_1 
_ndb_struct_na_base_pair_step.i_auth_asym_id_2 
_ndb_struct_na_base_pair_step.i_auth_seq_id_2 
_ndb_struct_na_base_pair_step.i_PDB_ins_code_2 
_ndb_struct_na_base_pair_step.j_auth_asym_id_2 
_ndb_struct_na_base_pair_step.j_auth_seq_id_2 
_ndb_struct_na_base_pair_step.j_PDB_ins_code_2 
1 A DC  1  1_555 B DG  12 1_555 A DG  2  1_555 B DC  11 1_555 -0.386 0.120  3.320 -0.272 5.976   35.573 -0.669 0.584  3.299 9.697 
0.442  36.056 1  AA_DC1DG2:DC23DG24_BB   A 1  ? B 24 ? A 2  ? B 23 ? 
1 A DG  2  1_555 B DC  11 1_555 A DC  3  1_555 B DG  10 1_555 0.757  0.477  3.428 0.603  -2.887  40.643 1.018  -1.018 3.399 -4.149 
-0.866 40.745 2  AA_DG2DC3:DG22DC23_BB   A 2  ? B 23 ? A 3  ? B 22 ? 
1 A DC  3  1_555 B DG  10 1_555 A DG  4  1_555 B 5CM 9  1_555 -0.322 0.502  3.105 2.249  9.484   24.819 -1.331 1.273  3.046 21.059 
-4.994 26.636 3  AA_DC3DG4:5CM21DG22_BB  A 3  ? B 22 ? A 4  ? B 21 ? 
1 A DG  4  1_555 B 5CM 9  1_555 A DA  5  1_555 B DT  8  1_555 -0.258 0.002  3.380 -0.993 2.922   38.484 -0.370 0.264  3.376 4.424 
1.504  38.603 4  AA_DG4DA5:DT205CM21_BB  A 4  ? B 21 ? A 5  ? B 20 ? 
1 A DA  5  1_555 B DT  8  1_555 A DA  6  1_555 B DT  7  1_555 0.181  -0.377 3.278 -1.915 1.159   36.768 -0.754 -0.547 3.251 1.835 
3.033  36.834 5  AA_DA5DA6:DT19DT20_BB   A 5  ? B 20 ? A 6  ? B 19 ? 
1 A DA  6  1_555 B DT  7  1_555 A DT  7  1_555 B DA  6  1_555 -0.078 -0.591 3.259 0.332  -1.834  32.116 -0.739 0.201  3.285 -3.311 
-0.600 32.168 6  AA_DA6DT7:DA18DT19_BB   A 6  ? B 19 ? A 7  ? B 18 ? 
1 A DT  7  1_555 B DA  6  1_555 A DT  8  1_555 B DA  5  1_555 -0.046 -0.272 3.260 2.022  -1.436  36.816 -0.236 0.346  3.261 -2.271 
-3.197 36.896 7  AA_DT7DT8:DA17DA18_BB   A 7  ? B 18 ? A 8  ? B 17 ? 
1 A DT  8  1_555 B DA  5  1_555 A 5CM 9  1_555 B DG  4  1_555 -0.112 -0.120 3.405 1.426  -1.517  41.846 -0.003 0.311  3.402 -2.123 
-1.995 41.895 8  AA_DT85CM9:DG16DA17_BB  A 8  ? B 17 ? A 9  ? B 16 ? 
1 A 5CM 9  1_555 B DG  4  1_555 A DG  10 1_555 B DC  3  1_555 0.697  0.861  3.102 -2.687 3.405   26.639 1.016  -2.149 3.101 7.329 
5.784  26.984 9  AA_5CM9DG10:DC15DG16_BB A 9  ? B 16 ? A 10 ? B 15 ? 
1 A DG  10 1_555 B DC  3  1_555 A DC  11 1_555 B DG  2  1_555 -1.295 0.575  3.358 -2.746 -8.565  43.828 1.557  1.446  3.267 
-11.332 3.634  44.697 10 AA_DG10DC11:DG14DC15_BB A 10 ? B 15 ? A 11 ? B 14 ? 
1 A DC  11 1_555 B DG  2  1_555 A DG  12 1_555 B DC  1  1_555 1.294  0.476  3.649 3.817  -14.130 31.858 3.164  -1.513 3.282 
-24.210 -6.539 34.980 11 AA_DC11DG12:DC13DG14_BB A 11 ? B 14 ? A 12 ? B 13 ? 
# 
loop_
_pdbx_entity_nonpoly.entity_id 
_pdbx_entity_nonpoly.name 
_pdbx_entity_nonpoly.comp_id 
2 'MAGNESIUM ION' MG  
3 water           HOH 
# 
_pdbx_initial_refinement_model.id               1 
_pdbx_initial_refinement_model.entity_id_list   ? 
_pdbx_initial_refinement_model.type             'experimental model' 
_pdbx_initial_refinement_model.source_name      PDB 
_pdbx_initial_refinement_model.accession_code   1BNA 
_pdbx_initial_refinement_model.details          'PDB ENTRY 1BNA' 
# 
